data_3ZOK
#
_entry.id   3ZOK
#
_cell.length_a   58.060
_cell.length_b   150.970
_cell.length_c   84.750
_cell.angle_alpha   90.00
_cell.angle_beta   101.25
_cell.angle_gamma   90.00
#
_symmetry.space_group_name_H-M   'P 1 21 1'
#
loop_
_entity.id
_entity.type
_entity.pdbx_description
1 polymer '3-DEHYDROQUINATE SYNTHASE'
2 non-polymer 'PHOSPHATE ION'
3 non-polymer NICOTINAMIDE-ADENINE-DINUCLEOTIDE
4 non-polymer DI(HYDROXYETHYL)ETHER
5 non-polymer GLYCINE
6 non-polymer 'NONAETHYLENE GLYCOL'
7 non-polymer 'TRIETHYLENE GLYCOL'
8 non-polymer 'TETRAETHYLENE GLYCOL'
9 water water
#
_entity_poly.entity_id   1
_entity_poly.type   'polypeptide(L)'
_entity_poly.pdbx_seq_one_letter_code
;GMDTSPTKAVSSAPTIVDVDLGDRSYPIYIGSGLLDQPDLLQRHVHGKRVLVVTNSTVAPIYLDKVVGALTNENPNVSVE
SVILPDGEKYKNMDTLMKVFDKAIESRLDRRCTFVALGGGVIGDMCGYAAASFLRGVNFIQIPTTVMAQVDSSVGGKTGI
NHRLGKNLIGAFYQPQCVLIDTDTLNTLPDRELASGLAEVVKYGLIRDANFFEWQEKNMPALMARDPSALAYAIKRSCEN
KAEVVSLDEKESGLRATLNLGHTFGHAIETGFGYGQWLHGEAVAAGMVMAVDMSYRLGWIDESIVNRAHNILQQAKLPTA
PPETMTVEMFKSVMAVDKKVADGLLRLILLKGPLGNCVFTGDYDRKALDETLHAFCKS
;
_entity_poly.pdbx_strand_id   A,B,C,D
#
loop_
_chem_comp.id
_chem_comp.type
_chem_comp.name
_chem_comp.formula
2PE non-polymer 'NONAETHYLENE GLYCOL' 'C18 H38 O10'
NAD non-polymer NICOTINAMIDE-ADENINE-DINUCLEOTIDE 'C21 H27 N7 O14 P2'
PEG non-polymer DI(HYDROXYETHYL)ETHER 'C4 H10 O3'
PG4 non-polymer 'TETRAETHYLENE GLYCOL' 'C8 H18 O5'
PGE non-polymer 'TRIETHYLENE GLYCOL' 'C6 H14 O4'
PO4 non-polymer 'PHOSPHATE ION' 'O4 P -3'
#
# COMPACT_ATOMS: atom_id res chain seq x y z
N PRO A 14 46.44 7.12 13.19
CA PRO A 14 45.07 7.64 13.11
C PRO A 14 44.98 9.16 13.18
N THR A 15 44.63 9.82 12.08
CA THR A 15 44.38 11.25 12.13
C THR A 15 42.92 11.53 12.51
N ILE A 16 42.66 12.71 13.05
CA ILE A 16 41.34 13.14 13.39
C ILE A 16 41.08 14.56 12.88
N VAL A 17 40.20 14.65 11.89
CA VAL A 17 39.56 15.90 11.54
C VAL A 17 38.21 15.87 12.23
N ASP A 18 37.91 16.86 13.06
CA ASP A 18 36.63 16.85 13.74
C ASP A 18 35.64 17.74 13.00
N VAL A 19 34.35 17.45 13.22
CA VAL A 19 33.25 18.25 12.72
C VAL A 19 32.55 18.76 13.96
N ASP A 20 32.57 20.07 14.16
CA ASP A 20 32.00 20.67 15.34
C ASP A 20 30.60 21.18 15.04
N LEU A 21 29.63 20.40 15.48
CA LEU A 21 28.25 20.84 15.57
C LEU A 21 27.81 20.71 17.01
N GLY A 22 28.52 21.38 17.91
CA GLY A 22 28.19 21.42 19.34
C GLY A 22 28.11 20.07 20.02
N ASP A 23 26.98 19.84 20.68
CA ASP A 23 26.62 18.53 21.26
C ASP A 23 26.54 17.40 20.21
N ARG A 24 26.49 17.75 18.92
CA ARG A 24 26.45 16.76 17.84
C ARG A 24 27.77 16.67 17.04
N SER A 25 28.83 17.23 17.60
CA SER A 25 30.18 17.08 17.01
C SER A 25 30.57 15.60 16.91
N TYR A 26 31.46 15.28 15.99
CA TYR A 26 31.89 13.91 15.78
C TYR A 26 33.24 13.88 15.10
N PRO A 27 34.00 12.78 15.27
CA PRO A 27 35.34 12.60 14.68
C PRO A 27 35.38 11.88 13.37
N ILE A 28 36.31 12.28 12.50
CA ILE A 28 36.65 11.55 11.30
C ILE A 28 38.04 10.93 11.54
N TYR A 29 38.09 9.64 11.80
CA TYR A 29 39.36 8.94 11.94
C TYR A 29 39.91 8.54 10.59
N ILE A 30 41.17 8.89 10.33
CA ILE A 30 41.85 8.54 9.08
C ILE A 30 43.17 7.77 9.27
N GLY A 31 43.33 6.65 8.57
CA GLY A 31 44.62 5.96 8.53
C GLY A 31 44.56 4.60 7.86
N SER A 32 45.68 3.86 7.91
CA SER A 32 45.76 2.51 7.34
C SER A 32 45.47 1.51 8.40
N GLY A 33 44.88 0.38 7.98
CA GLY A 33 44.44 -0.66 8.89
C GLY A 33 43.51 -0.27 10.04
N LEU A 34 42.80 0.85 9.93
CA LEU A 34 41.86 1.24 11.02
C LEU A 34 40.72 0.25 11.25
N LEU A 35 40.36 -0.51 10.20
CA LEU A 35 39.45 -1.67 10.31
C LEU A 35 39.98 -2.83 11.18
N ASP A 36 41.27 -2.80 11.51
CA ASP A 36 41.86 -3.72 12.49
C ASP A 36 42.13 -3.05 13.85
N GLN A 37 41.39 -2.00 14.18
CA GLN A 37 41.51 -1.39 15.50
C GLN A 37 40.14 -1.30 16.14
N PRO A 38 39.67 -2.41 16.69
CA PRO A 38 38.27 -2.60 17.07
C PRO A 38 37.81 -1.55 18.06
N ASP A 39 38.73 -0.98 18.82
CA ASP A 39 38.38 0.03 19.80
C ASP A 39 37.73 1.24 19.15
N LEU A 40 38.20 1.66 17.98
CA LEU A 40 37.61 2.84 17.31
C LEU A 40 36.07 2.80 17.12
N LEU A 41 35.57 1.78 16.45
CA LEU A 41 34.11 1.57 16.30
C LEU A 41 33.38 1.39 17.61
N GLN A 42 33.91 0.51 18.46
CA GLN A 42 33.25 0.18 19.72
C GLN A 42 32.93 1.44 20.50
N ARG A 43 33.79 2.44 20.42
CA ARG A 43 33.61 3.67 21.19
C ARG A 43 32.34 4.45 20.80
N HIS A 44 31.80 4.17 19.62
CA HIS A 44 30.64 4.90 19.09
C HIS A 44 29.38 4.05 18.96
N VAL A 45 29.50 2.80 19.40
CA VAL A 45 28.39 1.88 19.49
C VAL A 45 27.89 1.93 20.93
N HIS A 46 26.81 2.66 21.18
CA HIS A 46 26.27 2.88 22.52
C HIS A 46 25.06 1.97 22.84
N GLY A 47 24.94 0.84 22.16
CA GLY A 47 23.89 -0.11 22.41
C GLY A 47 24.41 -1.51 22.15
N LYS A 48 23.54 -2.49 22.35
CA LYS A 48 23.93 -3.88 22.28
C LYS A 48 23.98 -4.44 20.86
N ARG A 49 23.25 -3.79 19.95
CA ARG A 49 22.93 -4.38 18.66
C ARG A 49 23.29 -3.44 17.54
N VAL A 50 23.68 -4.03 16.42
CA VAL A 50 24.22 -3.30 15.32
C VAL A 50 23.66 -3.87 14.03
N LEU A 51 23.38 -3.01 13.06
CA LEU A 51 22.90 -3.39 11.75
C LEU A 51 23.86 -2.86 10.69
N VAL A 52 24.60 -3.75 10.06
CA VAL A 52 25.53 -3.33 9.02
C VAL A 52 24.77 -3.33 7.70
N VAL A 53 24.91 -2.23 6.97
CA VAL A 53 24.29 -2.02 5.67
C VAL A 53 25.40 -1.91 4.63
N THR A 54 25.36 -2.81 3.66
CA THR A 54 26.38 -2.86 2.65
C THR A 54 25.73 -3.41 1.39
N ASN A 55 26.53 -3.60 0.33
CA ASN A 55 26.01 -4.07 -0.93
C ASN A 55 26.67 -5.39 -1.35
N SER A 56 26.27 -5.91 -2.51
CA SER A 56 26.70 -7.25 -2.91
C SER A 56 28.18 -7.34 -3.35
N THR A 57 28.76 -6.22 -3.78
CA THR A 57 30.17 -6.14 -4.14
C THR A 57 31.08 -5.99 -2.92
N VAL A 58 30.71 -5.08 -2.04
CA VAL A 58 31.52 -4.77 -0.89
C VAL A 58 31.47 -5.90 0.14
N ALA A 59 30.33 -6.56 0.28
CA ALA A 59 30.10 -7.51 1.39
C ALA A 59 31.14 -8.63 1.49
N PRO A 60 31.40 -9.36 0.37
CA PRO A 60 32.43 -10.40 0.39
C PRO A 60 33.81 -9.90 0.73
N ILE A 61 34.07 -8.62 0.49
CA ILE A 61 35.38 -8.08 0.75
C ILE A 61 35.53 -7.68 2.22
N TYR A 62 34.58 -6.95 2.76
CA TYR A 62 34.80 -6.27 4.05
C TYR A 62 33.87 -6.60 5.17
N LEU A 63 32.77 -7.29 4.87
CA LEU A 63 31.74 -7.46 5.89
C LEU A 63 32.28 -8.29 7.05
N ASP A 64 32.87 -9.45 6.75
CA ASP A 64 33.34 -10.35 7.81
C ASP A 64 34.36 -9.58 8.65
N LYS A 65 35.31 -8.95 7.96
CA LYS A 65 36.26 -8.05 8.61
C LYS A 65 35.55 -7.05 9.52
N VAL A 66 34.47 -6.44 9.03
CA VAL A 66 33.79 -5.41 9.81
C VAL A 66 32.98 -5.98 10.97
N VAL A 67 32.27 -7.07 10.76
CA VAL A 67 31.64 -7.73 11.91
C VAL A 67 32.75 -8.20 12.87
N GLY A 68 33.84 -8.70 12.32
CA GLY A 68 34.98 -9.10 13.13
C GLY A 68 35.39 -7.96 14.05
N ALA A 69 35.65 -6.80 13.44
CA ALA A 69 36.06 -5.60 14.20
C ALA A 69 35.06 -5.12 15.26
N LEU A 70 33.78 -5.47 15.12
CA LEU A 70 32.76 -5.01 16.07
C LEU A 70 32.43 -6.01 17.17
N THR A 71 32.68 -7.30 16.92
CA THR A 71 32.18 -8.35 17.82
C THR A 71 33.21 -9.31 18.39
N ASN A 72 34.07 -9.88 17.56
CA ASN A 72 34.86 -11.05 18.01
C ASN A 72 35.76 -10.78 19.22
N GLU A 73 36.16 -9.52 19.41
CA GLU A 73 36.78 -9.07 20.69
C GLU A 73 35.82 -8.26 21.59
N ASN A 74 34.53 -8.27 21.26
CA ASN A 74 33.51 -7.58 22.05
C ASN A 74 32.25 -8.45 22.27
N PRO A 75 32.10 -9.05 23.46
CA PRO A 75 31.06 -10.08 23.58
C PRO A 75 29.63 -9.58 23.75
N ASN A 76 29.42 -8.32 24.10
CA ASN A 76 28.05 -7.91 24.40
C ASN A 76 27.39 -7.15 23.24
N VAL A 77 28.11 -7.10 22.12
CA VAL A 77 27.67 -6.52 20.88
C VAL A 77 27.33 -7.68 19.91
N SER A 78 26.15 -7.62 19.29
CA SER A 78 25.75 -8.58 18.27
C SER A 78 25.39 -7.80 17.02
N VAL A 79 25.75 -8.37 15.87
CA VAL A 79 25.76 -7.69 14.60
C VAL A 79 24.88 -8.43 13.59
N GLU A 80 24.03 -7.68 12.89
CA GLU A 80 23.26 -8.23 11.76
C GLU A 80 23.60 -7.45 10.52
N SER A 81 23.30 -8.03 9.37
CA SER A 81 23.54 -7.34 8.10
C SER A 81 22.34 -7.37 7.14
N VAL A 82 22.32 -6.41 6.22
CA VAL A 82 21.48 -6.42 5.04
C VAL A 82 22.43 -6.15 3.89
N ILE A 83 22.36 -6.99 2.87
CA ILE A 83 23.14 -6.81 1.68
C ILE A 83 22.17 -6.31 0.63
N LEU A 84 22.36 -5.10 0.15
CA LEU A 84 21.51 -4.55 -0.90
C LEU A 84 22.22 -4.73 -2.25
N PRO A 85 21.47 -4.60 -3.35
CA PRO A 85 22.13 -4.73 -4.63
C PRO A 85 23.05 -3.55 -4.94
N ASP A 86 24.05 -3.79 -5.78
CA ASP A 86 25.06 -2.79 -6.02
C ASP A 86 24.61 -1.93 -7.15
N GLY A 87 24.50 -0.63 -6.91
CA GLY A 87 24.34 0.29 -8.03
C GLY A 87 23.58 1.55 -7.69
N GLU A 88 24.07 2.66 -8.24
CA GLU A 88 23.39 3.94 -8.18
C GLU A 88 21.91 3.79 -8.55
N LYS A 89 21.61 2.88 -9.47
CA LYS A 89 20.24 2.71 -9.93
C LYS A 89 19.32 2.10 -8.86
N TYR A 90 19.90 1.62 -7.77
CA TYR A 90 19.11 1.13 -6.64
C TYR A 90 19.02 2.14 -5.53
N LYS A 91 19.43 3.37 -5.79
CA LYS A 91 19.42 4.39 -4.76
C LYS A 91 18.00 4.95 -4.60
N ASN A 92 17.06 4.09 -4.20
CA ASN A 92 15.66 4.46 -4.26
C ASN A 92 14.84 3.98 -3.06
N MET A 93 13.61 4.43 -3.02
CA MET A 93 12.79 4.17 -1.87
C MET A 93 12.56 2.65 -1.63
N ASP A 94 12.51 1.87 -2.71
CA ASP A 94 12.22 0.44 -2.54
C ASP A 94 13.42 -0.29 -1.93
N THR A 95 14.63 0.03 -2.39
CA THR A 95 15.84 -0.54 -1.81
C THR A 95 16.06 -0.07 -0.37
N LEU A 96 15.66 1.17 -0.05
CA LEU A 96 15.72 1.67 1.32
C LEU A 96 14.75 0.94 2.24
N MET A 97 13.59 0.57 1.71
CA MET A 97 12.56 -0.14 2.48
C MET A 97 13.08 -1.51 2.99
N LYS A 98 14.03 -2.13 2.29
CA LYS A 98 14.67 -3.37 2.76
C LYS A 98 15.41 -3.21 4.06
N VAL A 99 15.95 -2.00 4.28
CA VAL A 99 16.68 -1.70 5.49
C VAL A 99 15.71 -1.57 6.66
N PHE A 100 14.62 -0.83 6.47
CA PHE A 100 13.59 -0.76 7.52
C PHE A 100 12.97 -2.12 7.80
N ASP A 101 12.75 -2.91 6.75
CA ASP A 101 12.13 -4.24 6.88
C ASP A 101 13.03 -5.15 7.71
N LYS A 102 14.33 -5.12 7.43
CA LYS A 102 15.26 -5.95 8.15
C LYS A 102 15.35 -5.57 9.62
N ALA A 103 15.38 -4.28 9.85
CA ALA A 103 15.59 -3.76 11.18
C ALA A 103 14.38 -4.08 12.07
N ILE A 104 13.19 -4.06 11.49
CA ILE A 104 11.95 -4.34 12.26
C ILE A 104 11.71 -5.84 12.40
N GLU A 105 12.07 -6.60 11.37
CA GLU A 105 12.03 -8.05 11.50
C GLU A 105 12.92 -8.54 12.68
N SER A 106 14.10 -7.95 12.83
CA SER A 106 15.02 -8.29 13.92
C SER A 106 14.66 -7.62 15.26
N ARG A 107 13.68 -6.72 15.25
CA ARG A 107 13.20 -6.06 16.47
C ARG A 107 14.27 -5.18 17.10
N LEU A 108 15.04 -4.53 16.24
CA LEU A 108 16.02 -3.53 16.64
C LEU A 108 15.25 -2.36 17.17
N ASP A 109 15.89 -1.59 18.04
CA ASP A 109 15.21 -0.57 18.81
C ASP A 109 16.08 0.70 18.77
N ARG A 110 15.68 1.74 19.51
CA ARG A 110 16.37 3.04 19.47
C ARG A 110 17.85 3.03 19.89
N ARG A 111 18.28 1.97 20.57
CA ARG A 111 19.63 1.85 21.01
C ARG A 111 20.51 1.17 20.00
N CYS A 112 19.95 0.72 18.87
CA CYS A 112 20.77 0.04 17.86
C CYS A 112 21.55 1.06 17.10
N THR A 113 22.50 0.60 16.30
CA THR A 113 23.40 1.45 15.53
C THR A 113 23.50 0.90 14.12
N PHE A 114 23.33 1.75 13.11
CA PHE A 114 23.45 1.28 11.73
C PHE A 114 24.88 1.56 11.33
N VAL A 115 25.44 0.73 10.47
CA VAL A 115 26.79 0.97 10.00
C VAL A 115 26.81 0.95 8.49
N ALA A 116 27.18 2.06 7.89
CA ALA A 116 27.24 2.15 6.44
C ALA A 116 28.59 1.63 5.92
N LEU A 117 28.55 0.46 5.32
CA LEU A 117 29.74 -0.15 4.78
C LEU A 117 29.70 -0.24 3.26
N GLY A 118 30.33 0.75 2.63
CA GLY A 118 30.48 0.80 1.19
C GLY A 118 30.76 2.21 0.71
N GLY A 119 30.45 2.47 -0.55
CA GLY A 119 30.62 3.82 -1.08
C GLY A 119 29.56 4.81 -0.66
N GLY A 120 29.40 5.83 -1.49
CA GLY A 120 28.43 6.88 -1.24
C GLY A 120 26.99 6.44 -1.43
N VAL A 121 26.73 5.48 -2.31
CA VAL A 121 25.37 4.99 -2.43
C VAL A 121 24.94 4.42 -1.07
N ILE A 122 25.78 3.60 -0.44
CA ILE A 122 25.41 2.99 0.84
C ILE A 122 25.35 4.00 1.96
N GLY A 123 26.30 4.92 1.98
CA GLY A 123 26.33 5.92 3.01
C GLY A 123 25.05 6.72 3.01
N ASP A 124 24.64 7.13 1.81
CA ASP A 124 23.48 8.00 1.69
C ASP A 124 22.22 7.22 2.10
N MET A 125 22.10 5.99 1.62
CA MET A 125 20.92 5.19 1.91
C MET A 125 20.85 4.88 3.40
N CYS A 126 22.02 4.57 3.96
CA CYS A 126 22.10 4.11 5.32
C CYS A 126 21.83 5.22 6.28
N GLY A 127 22.36 6.38 5.94
CA GLY A 127 22.21 7.56 6.77
C GLY A 127 20.76 7.96 6.85
N TYR A 128 20.03 7.86 5.72
CA TYR A 128 18.64 8.30 5.69
C TYR A 128 17.73 7.32 6.45
N ALA A 129 17.99 6.03 6.26
CA ALA A 129 17.33 4.97 6.98
C ALA A 129 17.49 5.18 8.48
N ALA A 130 18.73 5.43 8.89
CA ALA A 130 19.05 5.71 10.27
C ALA A 130 18.32 6.94 10.78
N ALA A 131 18.27 7.99 9.98
CA ALA A 131 17.54 9.19 10.37
C ALA A 131 16.09 8.86 10.68
N SER A 132 15.52 7.96 9.87
CA SER A 132 14.10 7.77 9.82
C SER A 132 13.64 6.62 10.68
N PHE A 133 14.46 5.60 10.85
CA PHE A 133 14.04 4.43 11.58
C PHE A 133 13.80 4.81 13.04
N LEU A 134 12.57 4.58 13.49
CA LEU A 134 12.09 5.03 14.80
C LEU A 134 12.26 6.52 15.05
N ARG A 135 12.39 7.28 13.98
CA ARG A 135 12.56 8.74 14.04
C ARG A 135 13.98 9.08 14.41
N GLY A 136 14.84 8.09 14.31
CA GLY A 136 16.27 8.26 14.38
C GLY A 136 17.04 7.40 15.35
N VAL A 137 18.05 6.71 14.81
CA VAL A 137 18.96 5.90 15.60
C VAL A 137 20.40 6.21 15.18
N ASN A 138 21.34 5.98 16.07
CA ASN A 138 22.74 6.30 15.80
C ASN A 138 23.30 5.49 14.64
N PHE A 139 24.10 6.14 13.80
CA PHE A 139 24.75 5.47 12.68
C PHE A 139 26.20 5.92 12.48
N ILE A 140 27.00 5.04 11.90
CA ILE A 140 28.41 5.29 11.67
C ILE A 140 28.74 5.08 10.21
N GLN A 141 29.68 5.86 9.69
CA GLN A 141 30.12 5.76 8.30
C GLN A 141 31.42 4.98 8.21
N ILE A 142 31.47 3.98 7.36
CA ILE A 142 32.74 3.37 7.01
C ILE A 142 32.87 3.41 5.48
N PRO A 143 33.26 4.58 4.94
CA PRO A 143 33.42 4.73 3.51
C PRO A 143 34.52 3.88 2.95
N THR A 144 34.27 3.26 1.79
CA THR A 144 35.27 2.42 1.16
C THR A 144 35.65 2.82 -0.28
N THR A 145 35.27 4.04 -0.66
CA THR A 145 35.64 4.61 -1.94
C THR A 145 36.28 5.95 -1.68
N VAL A 146 36.97 6.48 -2.69
CA VAL A 146 37.61 7.79 -2.61
C VAL A 146 36.52 8.84 -2.43
N MET A 147 35.54 8.80 -3.33
CA MET A 147 34.35 9.65 -3.27
C MET A 147 33.77 9.78 -1.87
N ALA A 148 33.49 8.64 -1.23
CA ALA A 148 32.93 8.60 0.09
C ALA A 148 33.92 9.07 1.16
N GLN A 149 35.20 8.83 0.91
CA GLN A 149 36.25 9.16 1.90
C GLN A 149 36.66 10.62 1.88
N VAL A 150 36.46 11.29 0.76
CA VAL A 150 36.71 12.72 0.67
C VAL A 150 35.45 13.57 0.71
N ASP A 151 34.29 12.95 0.49
CA ASP A 151 33.05 13.73 0.39
C ASP A 151 31.81 13.15 1.09
N SER A 152 31.29 12.04 0.57
CA SER A 152 29.96 11.55 0.93
C SER A 152 29.78 11.16 2.40
N SER A 153 30.78 10.49 2.96
CA SER A 153 30.71 10.04 4.37
C SER A 153 30.64 11.19 5.36
N VAL A 154 31.10 12.39 4.97
CA VAL A 154 31.18 13.53 5.88
C VAL A 154 30.02 14.46 5.61
N GLY A 155 29.42 15.01 6.67
CA GLY A 155 28.48 16.13 6.49
C GLY A 155 27.00 15.88 6.84
N GLY A 156 26.56 14.64 6.71
CA GLY A 156 25.24 14.25 7.16
C GLY A 156 24.14 14.56 6.18
N LYS A 157 24.49 14.78 4.91
CA LYS A 157 23.50 14.82 3.86
C LYS A 157 23.29 13.38 3.41
N THR A 158 22.07 12.91 3.66
CA THR A 158 21.65 11.56 3.31
C THR A 158 20.40 11.59 2.41
N GLY A 159 20.13 10.46 1.76
CA GLY A 159 18.90 10.30 1.05
C GLY A 159 18.98 9.45 -0.21
N ILE A 160 17.90 9.56 -1.00
CA ILE A 160 17.71 8.79 -2.19
C ILE A 160 17.37 9.68 -3.39
N ASN A 161 17.58 9.12 -4.59
CA ASN A 161 17.06 9.66 -5.83
C ASN A 161 15.59 9.33 -6.02
N HIS A 162 14.90 10.22 -6.71
CA HIS A 162 13.62 9.97 -7.35
C HIS A 162 13.93 9.80 -8.83
N ARG A 163 13.02 9.22 -9.61
CA ARG A 163 13.30 8.99 -11.04
C ARG A 163 13.54 10.31 -11.81
N LEU A 164 12.93 11.40 -11.34
CA LEU A 164 13.03 12.70 -11.96
C LEU A 164 14.14 13.54 -11.38
N GLY A 165 14.93 12.98 -10.47
CA GLY A 165 16.01 13.74 -9.94
C GLY A 165 16.78 13.14 -8.79
N LYS A 166 17.94 13.72 -8.59
CA LYS A 166 18.94 13.16 -7.75
C LYS A 166 18.83 13.77 -6.34
N ASN A 167 18.88 12.90 -5.32
CA ASN A 167 18.79 13.31 -3.91
C ASN A 167 17.60 14.23 -3.59
N LEU A 168 16.39 13.83 -3.96
CA LEU A 168 15.22 14.67 -3.72
C LEU A 168 14.46 14.30 -2.45
N ILE A 169 14.85 13.19 -1.86
CA ILE A 169 14.22 12.71 -0.65
C ILE A 169 15.33 12.27 0.27
N GLY A 170 15.29 12.75 1.51
CA GLY A 170 16.32 12.41 2.47
C GLY A 170 16.29 13.18 3.77
N ALA A 171 17.46 13.37 4.37
CA ALA A 171 17.51 13.98 5.68
C ALA A 171 18.89 14.50 5.95
N PHE A 172 18.96 15.59 6.71
CA PHE A 172 20.19 16.05 7.36
C PHE A 172 20.33 15.28 8.67
N TYR A 173 21.38 14.46 8.79
CA TYR A 173 21.51 13.53 9.92
C TYR A 173 22.96 13.09 10.09
N GLN A 174 23.57 13.47 11.20
CA GLN A 174 25.00 13.28 11.35
C GLN A 174 25.31 11.91 11.96
N PRO A 175 26.41 11.29 11.51
CA PRO A 175 26.84 10.02 12.08
C PRO A 175 27.43 10.27 13.44
N GLN A 176 27.75 9.20 14.18
CA GLN A 176 28.45 9.31 15.46
C GLN A 176 29.96 9.49 15.21
N CYS A 177 30.50 8.78 14.23
CA CYS A 177 31.88 9.00 13.77
C CYS A 177 32.00 8.69 12.29
N VAL A 178 33.19 8.81 11.74
CA VAL A 178 33.47 8.33 10.36
C VAL A 178 34.80 7.59 10.40
N LEU A 179 34.80 6.35 9.96
CA LEU A 179 35.98 5.55 10.01
C LEU A 179 36.55 5.34 8.61
N ILE A 180 37.61 6.07 8.28
CA ILE A 180 38.30 5.91 7.00
C ILE A 180 39.58 5.07 7.17
N ASP A 181 39.59 3.88 6.56
CA ASP A 181 40.79 3.06 6.45
C ASP A 181 41.21 3.00 4.97
N THR A 182 42.38 3.55 4.65
CA THR A 182 42.84 3.66 3.25
C THR A 182 43.18 2.35 2.59
N ASP A 183 43.38 1.30 3.38
CA ASP A 183 43.66 -0.02 2.83
C ASP A 183 42.49 -0.45 1.97
N THR A 184 41.25 -0.15 2.41
CA THR A 184 40.04 -0.52 1.64
C THR A 184 40.06 -0.06 0.18
N LEU A 185 40.86 0.96 -0.12
CA LEU A 185 41.06 1.46 -1.48
C LEU A 185 41.80 0.46 -2.34
N ASN A 186 42.49 -0.45 -1.69
CA ASN A 186 43.23 -1.49 -2.40
C ASN A 186 42.39 -2.36 -3.31
N THR A 187 41.11 -2.52 -3.00
CA THR A 187 40.22 -3.39 -3.78
C THR A 187 39.35 -2.60 -4.75
N LEU A 188 39.49 -1.28 -4.74
CA LEU A 188 38.71 -0.38 -5.59
C LEU A 188 39.26 -0.27 -7.02
N PRO A 189 38.43 -0.57 -8.02
CA PRO A 189 38.85 -0.39 -9.40
C PRO A 189 39.38 1.00 -9.73
N ASP A 190 40.26 1.07 -10.72
CA ASP A 190 40.91 2.32 -11.13
C ASP A 190 39.89 3.40 -11.43
N ARG A 191 38.81 2.97 -12.09
CA ARG A 191 37.81 3.91 -12.56
C ARG A 191 37.08 4.57 -11.38
N GLU A 192 36.79 3.76 -10.36
CA GLU A 192 36.21 4.28 -9.13
C GLU A 192 37.17 5.20 -8.40
N LEU A 193 38.46 4.86 -8.43
CA LEU A 193 39.49 5.71 -7.81
C LEU A 193 39.49 7.12 -8.42
N ALA A 194 39.75 7.20 -9.72
CA ALA A 194 39.75 8.48 -10.45
C ALA A 194 38.50 9.31 -10.19
N SER A 195 37.33 8.66 -10.20
CA SER A 195 36.08 9.40 -10.09
C SER A 195 35.96 10.11 -8.72
N GLY A 196 36.60 9.55 -7.68
CA GLY A 196 36.62 10.20 -6.38
C GLY A 196 37.43 11.49 -6.37
N LEU A 197 38.41 11.56 -7.26
CA LEU A 197 39.29 12.73 -7.32
C LEU A 197 38.57 13.98 -7.85
N ALA A 198 37.53 13.80 -8.66
CA ALA A 198 36.61 14.90 -9.03
C ALA A 198 36.28 15.83 -7.86
N GLU A 199 35.83 15.24 -6.74
CA GLU A 199 35.49 16.04 -5.57
C GLU A 199 36.73 16.64 -4.91
N VAL A 200 37.85 15.94 -4.97
CA VAL A 200 39.09 16.53 -4.45
C VAL A 200 39.44 17.83 -5.23
N VAL A 201 39.30 17.78 -6.55
CA VAL A 201 39.56 18.96 -7.39
C VAL A 201 38.56 20.07 -7.03
N LYS A 202 37.31 19.67 -6.80
CA LYS A 202 36.28 20.64 -6.43
C LYS A 202 36.70 21.48 -5.22
N TYR A 203 37.29 20.86 -4.21
CA TYR A 203 37.70 21.61 -3.01
C TYR A 203 38.68 22.72 -3.39
N GLY A 204 39.57 22.37 -4.32
CA GLY A 204 40.58 23.29 -4.85
C GLY A 204 39.96 24.50 -5.50
N LEU A 205 39.05 24.25 -6.43
CA LEU A 205 38.38 25.33 -7.16
C LEU A 205 37.50 26.25 -6.32
N ILE A 206 36.64 25.67 -5.48
CA ILE A 206 35.74 26.48 -4.68
C ILE A 206 36.37 27.37 -3.58
N ARG A 207 37.25 26.78 -2.78
CA ARG A 207 37.84 27.50 -1.67
C ARG A 207 39.30 27.20 -1.30
N ASP A 208 39.97 26.33 -2.05
CA ASP A 208 41.28 25.85 -1.63
C ASP A 208 42.34 25.90 -2.73
N ALA A 209 42.91 27.07 -2.96
CA ALA A 209 43.86 27.22 -4.04
C ALA A 209 45.17 26.50 -3.79
N ASN A 210 45.67 26.53 -2.57
CA ASN A 210 46.87 25.76 -2.25
C ASN A 210 46.65 24.26 -2.37
N PHE A 211 45.46 23.79 -1.97
CA PHE A 211 45.10 22.40 -2.18
C PHE A 211 45.11 22.08 -3.66
N PHE A 212 44.50 22.95 -4.45
CA PHE A 212 44.48 22.81 -5.91
C PHE A 212 45.90 22.69 -6.49
N GLU A 213 46.72 23.65 -6.13
CA GLU A 213 48.12 23.73 -6.51
C GLU A 213 48.87 22.43 -6.21
N TRP A 214 48.73 21.96 -4.99
CA TRP A 214 49.30 20.70 -4.54
C TRP A 214 48.81 19.56 -5.42
N GLN A 215 47.56 19.62 -5.84
CA GLN A 215 47.06 18.58 -6.74
C GLN A 215 47.68 18.67 -8.13
N GLU A 216 47.88 19.87 -8.65
CA GLU A 216 48.52 19.99 -9.96
C GLU A 216 49.88 19.27 -9.97
N LYS A 217 50.58 19.32 -8.82
CA LYS A 217 51.85 18.64 -8.65
C LYS A 217 51.71 17.17 -8.36
N ASN A 218 50.70 16.78 -7.58
CA ASN A 218 50.66 15.42 -7.04
C ASN A 218 49.67 14.46 -7.69
N MET A 219 48.97 14.93 -8.71
CA MET A 219 47.97 14.09 -9.34
C MET A 219 48.52 12.76 -9.85
N PRO A 220 49.74 12.73 -10.42
CA PRO A 220 50.29 11.41 -10.79
C PRO A 220 50.42 10.44 -9.63
N ALA A 221 50.77 10.93 -8.45
CA ALA A 221 50.90 10.10 -7.27
C ALA A 221 49.59 9.46 -6.93
N LEU A 222 48.56 10.30 -6.81
CA LEU A 222 47.20 9.88 -6.49
C LEU A 222 46.67 8.86 -7.46
N MET A 223 47.00 9.05 -8.74
CA MET A 223 46.54 8.16 -9.79
C MET A 223 47.28 6.82 -9.73
N ALA A 224 48.50 6.87 -9.20
CA ALA A 224 49.31 5.69 -8.94
C ALA A 224 48.95 5.11 -7.57
N ARG A 225 48.01 5.77 -6.90
CA ARG A 225 47.54 5.33 -5.59
C ARG A 225 48.61 5.28 -4.50
N ASP A 226 49.50 6.28 -4.50
CA ASP A 226 50.50 6.38 -3.44
C ASP A 226 49.80 6.58 -2.11
N PRO A 227 50.30 5.81 -1.03
CA PRO A 227 49.51 5.95 0.20
C PRO A 227 49.49 7.35 0.82
N SER A 228 50.62 8.03 0.82
CA SER A 228 50.76 9.33 1.52
C SER A 228 49.95 10.44 0.85
N ALA A 229 50.06 10.50 -0.48
CA ALA A 229 49.28 11.41 -1.30
C ALA A 229 47.78 11.24 -1.04
N LEU A 230 47.29 10.02 -1.27
CA LEU A 230 45.85 9.72 -1.10
C LEU A 230 45.40 10.08 0.32
N ALA A 231 46.24 9.80 1.30
CA ALA A 231 45.89 10.10 2.68
C ALA A 231 45.78 11.60 2.94
N TYR A 232 46.58 12.41 2.23
CA TYR A 232 46.52 13.86 2.46
C TYR A 232 45.34 14.44 1.70
N ALA A 233 45.15 13.98 0.48
CA ALA A 233 43.99 14.43 -0.28
C ALA A 233 42.70 14.14 0.52
N ILE A 234 42.65 13.01 1.23
CA ILE A 234 41.50 12.67 2.05
C ILE A 234 41.42 13.59 3.24
N LYS A 235 42.55 13.75 3.92
CA LYS A 235 42.60 14.61 5.10
C LYS A 235 42.17 16.03 4.81
N ARG A 236 42.64 16.55 3.68
CA ARG A 236 42.54 17.97 3.39
C ARG A 236 41.15 18.24 2.83
N SER A 237 40.66 17.30 2.02
CA SER A 237 39.25 17.27 1.66
C SER A 237 38.31 17.26 2.88
N CYS A 238 38.65 16.47 3.89
CA CYS A 238 37.82 16.40 5.09
C CYS A 238 37.88 17.66 5.92
N GLU A 239 39.07 18.28 5.97
CA GLU A 239 39.22 19.59 6.61
C GLU A 239 38.33 20.62 5.95
N ASN A 240 38.32 20.67 4.63
CA ASN A 240 37.46 21.62 3.97
C ASN A 240 36.01 21.34 4.27
N LYS A 241 35.59 20.10 4.10
CA LYS A 241 34.19 19.77 4.16
C LYS A 241 33.68 19.95 5.58
N ALA A 242 34.47 19.52 6.57
CA ALA A 242 34.16 19.73 7.99
C ALA A 242 34.04 21.20 8.35
N GLU A 243 34.90 22.02 7.77
CA GLU A 243 34.81 23.42 8.09
C GLU A 243 33.44 23.96 7.63
N VAL A 244 33.12 23.69 6.37
CA VAL A 244 31.89 24.19 5.75
C VAL A 244 30.62 23.70 6.48
N VAL A 245 30.63 22.42 6.84
CA VAL A 245 29.50 21.79 7.50
C VAL A 245 29.36 22.38 8.89
N SER A 246 30.46 22.58 9.61
CA SER A 246 30.34 23.14 10.93
C SER A 246 29.72 24.55 10.85
N LEU A 247 30.20 25.35 9.90
CA LEU A 247 29.63 26.68 9.67
C LEU A 247 28.19 26.67 9.14
N ASP A 248 27.93 25.79 8.16
CA ASP A 248 26.63 25.75 7.49
C ASP A 248 26.09 24.33 7.33
N GLU A 249 25.63 23.72 8.41
CA GLU A 249 25.21 22.33 8.36
C GLU A 249 24.09 22.13 7.34
N LYS A 250 23.03 22.93 7.47
CA LYS A 250 21.76 22.71 6.74
C LYS A 250 21.62 23.56 5.46
N GLU A 251 22.74 24.06 4.97
CA GLU A 251 22.76 24.81 3.73
C GLU A 251 21.88 26.06 3.63
N SER A 252 22.00 26.94 4.62
CA SER A 252 21.48 28.27 4.51
C SER A 252 22.17 29.06 3.38
N GLY A 253 23.47 28.91 3.26
CA GLY A 253 24.24 29.62 2.27
C GLY A 253 25.51 28.96 1.79
N LEU A 254 26.49 28.91 2.69
CA LEU A 254 27.84 28.54 2.39
C LEU A 254 27.97 27.14 1.85
N ARG A 255 27.17 26.24 2.41
CA ARG A 255 27.26 24.83 2.10
C ARG A 255 27.00 24.54 0.64
N ALA A 256 26.19 25.36 0.00
CA ALA A 256 25.89 25.14 -1.39
C ALA A 256 27.13 25.20 -2.29
N THR A 257 28.22 25.81 -1.81
CA THR A 257 29.51 25.93 -2.55
C THR A 257 30.06 24.56 -2.88
N LEU A 258 29.72 23.57 -2.05
CA LEU A 258 30.11 22.21 -2.32
C LEU A 258 29.40 21.63 -3.55
N ASN A 259 28.50 22.40 -4.14
CA ASN A 259 27.78 21.91 -5.31
C ASN A 259 28.35 22.38 -6.65
N LEU A 260 29.62 22.80 -6.69
CA LEU A 260 30.23 23.24 -7.96
C LEU A 260 30.15 22.10 -8.93
N GLY A 261 29.66 22.38 -10.13
CA GLY A 261 29.56 21.35 -11.18
C GLY A 261 28.43 20.35 -10.95
N HIS A 262 27.69 20.48 -9.85
CA HIS A 262 26.69 19.44 -9.45
C HIS A 262 25.27 19.66 -10.05
N THR A 263 24.85 20.92 -10.19
CA THR A 263 23.67 21.23 -11.00
C THR A 263 23.74 20.55 -12.37
N PHE A 264 24.86 20.70 -13.07
CA PHE A 264 25.08 20.05 -14.38
C PHE A 264 25.30 18.57 -14.21
N GLY A 265 26.15 18.20 -13.25
CA GLY A 265 26.44 16.79 -13.03
C GLY A 265 25.21 15.95 -12.72
N HIS A 266 24.29 16.47 -11.92
CA HIS A 266 23.05 15.75 -11.68
C HIS A 266 22.23 15.62 -12.95
N ALA A 267 22.19 16.70 -13.73
CA ALA A 267 21.50 16.62 -15.01
C ALA A 267 22.11 15.52 -15.88
N ILE A 268 23.42 15.30 -15.77
CA ILE A 268 24.03 14.20 -16.50
C ILE A 268 23.59 12.85 -15.94
N GLU A 269 23.51 12.73 -14.63
CA GLU A 269 23.09 11.48 -14.01
C GLU A 269 21.64 11.11 -14.25
N THR A 270 20.70 12.00 -13.88
CA THR A 270 19.28 11.74 -14.14
C THR A 270 19.02 11.54 -15.65
N GLY A 271 19.62 12.39 -16.47
CA GLY A 271 19.37 12.34 -17.91
C GLY A 271 19.92 11.09 -18.56
N PHE A 272 21.19 10.81 -18.28
CA PHE A 272 21.91 9.73 -18.94
C PHE A 272 21.53 8.39 -18.34
N GLY A 273 20.51 8.37 -17.48
CA GLY A 273 19.97 7.15 -16.90
C GLY A 273 20.86 6.78 -15.75
N TYR A 274 20.28 6.40 -14.62
CA TYR A 274 21.11 6.25 -13.42
C TYR A 274 22.18 5.15 -13.60
N GLY A 275 23.38 5.46 -13.11
CA GLY A 275 24.48 4.51 -13.06
C GLY A 275 25.47 4.48 -14.22
N GLN A 276 25.07 4.84 -15.44
CA GLN A 276 25.98 4.64 -16.59
C GLN A 276 27.31 5.36 -16.40
N TRP A 277 27.21 6.62 -15.96
CA TRP A 277 28.38 7.36 -15.54
C TRP A 277 28.45 7.38 -14.03
N LEU A 278 29.65 7.19 -13.50
CA LEU A 278 29.89 7.36 -12.07
C LEU A 278 29.68 8.82 -11.71
N HIS A 279 29.33 9.05 -10.45
CA HIS A 279 29.00 10.36 -9.96
C HIS A 279 30.16 11.33 -10.23
N GLY A 280 31.34 10.99 -9.74
CA GLY A 280 32.54 11.78 -9.97
C GLY A 280 32.82 12.09 -11.43
N GLU A 281 32.43 11.20 -12.33
CA GLU A 281 32.57 11.40 -13.75
C GLU A 281 31.60 12.45 -14.22
N ALA A 282 30.34 12.34 -13.77
CA ALA A 282 29.35 13.42 -13.99
C ALA A 282 29.82 14.76 -13.40
N VAL A 283 30.40 14.75 -12.20
CA VAL A 283 30.88 16.02 -11.60
C VAL A 283 32.08 16.61 -12.36
N ALA A 284 32.97 15.75 -12.80
CA ALA A 284 34.09 16.18 -13.64
C ALA A 284 33.55 17.04 -14.76
N ALA A 285 32.65 16.47 -15.57
CA ALA A 285 32.03 17.17 -16.69
C ALA A 285 31.19 18.38 -16.28
N GLY A 286 30.49 18.28 -15.14
CA GLY A 286 29.66 19.39 -14.65
C GLY A 286 30.55 20.55 -14.33
N MET A 287 31.66 20.27 -13.67
CA MET A 287 32.60 21.29 -13.27
C MET A 287 33.18 22.02 -14.48
N VAL A 288 33.54 21.31 -15.55
CA VAL A 288 34.03 21.95 -16.76
C VAL A 288 32.96 22.91 -17.30
N MET A 289 31.72 22.45 -17.33
CA MET A 289 30.62 23.30 -17.80
C MET A 289 30.49 24.56 -16.96
N ALA A 290 30.60 24.42 -15.65
CA ALA A 290 30.41 25.59 -14.76
C ALA A 290 31.62 26.53 -14.79
N VAL A 291 32.79 25.98 -15.11
CA VAL A 291 33.99 26.78 -15.44
C VAL A 291 33.81 27.54 -16.75
N ASP A 292 33.33 26.87 -17.77
CA ASP A 292 33.04 27.51 -19.05
C ASP A 292 32.04 28.68 -18.91
N MET A 293 30.92 28.44 -18.24
CA MET A 293 29.95 29.53 -17.97
C MET A 293 30.62 30.69 -17.25
N SER A 294 31.50 30.35 -16.32
CA SER A 294 32.15 31.35 -15.49
C SER A 294 32.94 32.26 -16.39
N TYR A 295 33.70 31.67 -17.32
CA TYR A 295 34.52 32.42 -18.26
C TYR A 295 33.63 33.28 -19.14
N ARG A 296 32.62 32.66 -19.74
CA ARG A 296 31.67 33.38 -20.55
C ARG A 296 31.07 34.57 -19.86
N LEU A 297 30.86 34.50 -18.54
CA LEU A 297 30.32 35.63 -17.80
C LEU A 297 31.37 36.72 -17.56
N GLY A 298 32.60 36.48 -18.04
CA GLY A 298 33.71 37.36 -17.72
C GLY A 298 34.18 37.32 -16.27
N TRP A 299 33.79 36.29 -15.51
CA TRP A 299 34.06 36.28 -14.06
C TRP A 299 35.40 35.66 -13.77
N ILE A 300 35.89 34.85 -14.70
CA ILE A 300 37.19 34.26 -14.52
C ILE A 300 38.08 34.28 -15.76
N ASP A 301 39.34 34.08 -15.44
CA ASP A 301 40.46 34.08 -16.34
C ASP A 301 40.56 32.85 -17.24
N GLU A 302 41.10 33.04 -18.43
CA GLU A 302 41.54 31.91 -19.28
C GLU A 302 42.38 30.87 -18.51
N SER A 303 43.25 31.33 -17.61
CA SER A 303 44.16 30.43 -16.87
C SER A 303 43.44 29.40 -15.99
N ILE A 304 42.37 29.81 -15.30
CA ILE A 304 41.57 28.87 -14.52
C ILE A 304 40.93 27.82 -15.42
N VAL A 305 40.36 28.26 -16.54
CA VAL A 305 39.85 27.32 -17.53
C VAL A 305 40.90 26.29 -17.94
N ASN A 306 42.11 26.72 -18.28
CA ASN A 306 43.13 25.75 -18.69
C ASN A 306 43.54 24.78 -17.57
N ARG A 307 43.73 25.30 -16.37
CA ARG A 307 44.14 24.48 -15.23
C ARG A 307 43.06 23.48 -14.76
N ALA A 308 41.81 23.91 -14.86
CA ALA A 308 40.67 23.01 -14.52
C ALA A 308 40.65 21.87 -15.52
N HIS A 309 40.79 22.23 -16.77
CA HIS A 309 40.83 21.26 -17.84
C HIS A 309 42.05 20.32 -17.78
N ASN A 310 43.22 20.85 -17.44
CA ASN A 310 44.39 20.01 -17.33
C ASN A 310 44.31 19.00 -16.19
N ILE A 311 43.86 19.43 -15.01
CA ILE A 311 43.89 18.56 -13.82
C ILE A 311 42.92 17.37 -13.92
N LEU A 312 41.72 17.62 -14.43
CA LEU A 312 40.73 16.55 -14.66
C LEU A 312 41.19 15.57 -15.76
N GLN A 313 41.91 16.09 -16.75
CA GLN A 313 42.56 15.26 -17.77
C GLN A 313 43.66 14.39 -17.17
N GLN A 314 44.42 14.94 -16.22
CA GLN A 314 45.38 14.15 -15.42
C GLN A 314 44.70 13.01 -14.65
N ALA A 315 43.43 13.20 -14.30
CA ALA A 315 42.68 12.22 -13.50
C ALA A 315 41.85 11.35 -14.41
N LYS A 316 42.07 11.49 -15.73
CA LYS A 316 41.36 10.68 -16.73
C LYS A 316 39.86 10.72 -16.47
N LEU A 317 39.36 11.91 -16.14
CA LEU A 317 37.93 12.13 -15.98
C LEU A 317 37.39 12.91 -17.18
N PRO A 318 36.10 12.72 -17.50
CA PRO A 318 35.49 13.42 -18.62
C PRO A 318 35.44 14.93 -18.44
N THR A 319 35.67 15.66 -19.54
CA THR A 319 35.66 17.12 -19.56
C THR A 319 34.56 17.65 -20.50
N ALA A 320 33.62 16.78 -20.84
CA ALA A 320 32.37 17.20 -21.50
C ALA A 320 31.32 16.15 -21.19
N PRO A 321 30.02 16.48 -21.35
CA PRO A 321 28.96 15.49 -21.01
C PRO A 321 28.73 14.46 -22.11
N PRO A 322 27.92 13.40 -21.84
CA PRO A 322 27.66 12.37 -22.86
C PRO A 322 26.98 12.96 -24.07
N GLU A 323 27.37 12.51 -25.26
CA GLU A 323 26.87 13.07 -26.53
C GLU A 323 25.37 12.84 -26.79
N THR A 324 24.70 12.08 -25.92
CA THR A 324 23.25 11.91 -25.99
C THR A 324 22.48 12.96 -25.17
N MET A 325 23.18 13.63 -24.24
CA MET A 325 22.59 14.72 -23.43
C MET A 325 22.23 15.90 -24.28
N THR A 326 20.96 16.31 -24.23
CA THR A 326 20.49 17.44 -25.02
C THR A 326 20.35 18.67 -24.14
N VAL A 327 20.26 19.84 -24.77
CA VAL A 327 20.00 21.07 -24.04
C VAL A 327 18.72 20.97 -23.17
N GLU A 328 17.67 20.34 -23.68
CA GLU A 328 16.37 20.26 -22.99
C GLU A 328 16.43 19.40 -21.71
N MET A 329 17.11 18.27 -21.79
CA MET A 329 17.31 17.42 -20.63
C MET A 329 18.03 18.17 -19.50
N PHE A 330 19.12 18.85 -19.85
CA PHE A 330 19.78 19.67 -18.88
C PHE A 330 18.78 20.63 -18.20
N LYS A 331 18.03 21.40 -18.98
CA LYS A 331 17.16 22.43 -18.43
C LYS A 331 16.06 21.82 -17.56
N SER A 332 15.50 20.71 -18.04
CA SER A 332 14.46 20.03 -17.32
C SER A 332 14.94 19.41 -15.99
N VAL A 333 16.14 18.83 -15.95
CA VAL A 333 16.63 18.30 -14.68
C VAL A 333 17.17 19.40 -13.76
N MET A 334 17.85 20.39 -14.34
CA MET A 334 18.26 21.55 -13.55
C MET A 334 17.05 22.24 -12.89
N ALA A 335 15.86 22.08 -13.47
CA ALA A 335 14.65 22.70 -12.92
C ALA A 335 14.26 22.16 -11.53
N VAL A 336 14.74 20.96 -11.18
CA VAL A 336 14.52 20.39 -9.85
C VAL A 336 15.79 20.32 -9.00
N ASP A 337 16.80 21.11 -9.36
CA ASP A 337 17.97 21.23 -8.50
C ASP A 337 17.60 21.87 -7.15
N LYS A 338 18.19 21.38 -6.08
CA LYS A 338 17.84 21.87 -4.73
C LYS A 338 18.39 23.27 -4.42
N LYS A 339 19.16 23.84 -5.34
CA LYS A 339 19.55 25.24 -5.25
C LYS A 339 18.54 26.20 -5.86
N VAL A 340 17.47 25.66 -6.44
CA VAL A 340 16.33 26.51 -6.78
C VAL A 340 15.71 27.07 -5.49
N ALA A 341 15.44 28.37 -5.47
CA ALA A 341 14.76 29.04 -4.38
C ALA A 341 13.65 29.87 -5.01
N ASP A 342 12.40 29.64 -4.61
CA ASP A 342 11.28 30.42 -5.10
C ASP A 342 11.23 30.42 -6.63
N GLY A 343 11.52 29.27 -7.24
CA GLY A 343 11.49 29.15 -8.68
C GLY A 343 12.69 29.76 -9.37
N LEU A 344 13.71 30.11 -8.59
CA LEU A 344 14.91 30.74 -9.14
C LEU A 344 16.11 29.82 -9.01
N LEU A 345 16.81 29.60 -10.12
CA LEU A 345 17.96 28.69 -10.14
C LEU A 345 19.23 29.42 -9.73
N ARG A 346 19.64 29.28 -8.47
CA ARG A 346 20.96 29.76 -8.05
C ARG A 346 22.01 28.71 -8.45
N LEU A 347 23.16 29.20 -8.91
CA LEU A 347 24.25 28.34 -9.37
C LEU A 347 25.49 28.56 -8.53
N ILE A 348 26.42 27.63 -8.64
CA ILE A 348 27.74 27.79 -8.06
C ILE A 348 28.70 28.06 -9.20
N LEU A 349 29.24 29.26 -9.22
CA LEU A 349 30.12 29.68 -10.31
C LEU A 349 31.41 30.20 -9.71
N LEU A 350 32.47 30.12 -10.49
CA LEU A 350 33.76 30.66 -10.09
C LEU A 350 33.86 32.15 -10.36
N LYS A 351 34.60 32.85 -9.51
CA LYS A 351 34.73 34.28 -9.65
C LYS A 351 36.02 34.76 -8.97
N GLY A 352 36.89 35.39 -9.77
CA GLY A 352 38.16 35.92 -9.30
C GLY A 352 39.28 34.90 -9.29
N PRO A 353 40.29 35.15 -8.48
CA PRO A 353 41.47 34.28 -8.39
C PRO A 353 41.06 32.90 -7.91
N LEU A 354 41.88 31.91 -8.24
CA LEU A 354 41.57 30.51 -8.02
C LEU A 354 41.32 30.23 -6.55
N GLY A 355 40.36 29.35 -6.27
CA GLY A 355 39.90 29.11 -4.92
C GLY A 355 38.76 30.02 -4.49
N ASN A 356 38.20 30.77 -5.43
CA ASN A 356 37.08 31.67 -5.15
C ASN A 356 35.82 31.35 -5.95
N CYS A 357 34.67 31.34 -5.28
CA CYS A 357 33.42 30.97 -5.92
C CYS A 357 32.27 31.71 -5.30
N VAL A 358 31.19 31.76 -6.06
CA VAL A 358 30.03 32.50 -5.66
C VAL A 358 28.79 31.60 -5.71
N PHE A 359 27.87 31.82 -4.77
CA PHE A 359 26.56 31.17 -4.73
C PHE A 359 25.52 32.19 -5.15
N THR A 360 25.07 32.13 -6.40
CA THR A 360 24.25 33.22 -6.92
C THR A 360 23.18 32.85 -7.94
N GLY A 361 22.07 33.58 -7.85
CA GLY A 361 20.94 33.46 -8.74
C GLY A 361 20.90 34.63 -9.69
N ASP A 362 22.02 35.34 -9.77
CA ASP A 362 22.09 36.57 -10.56
C ASP A 362 23.24 36.48 -11.54
N TYR A 363 22.99 35.70 -12.59
CA TYR A 363 23.95 35.50 -13.67
C TYR A 363 23.20 35.69 -14.98
N ASP A 364 23.90 36.17 -16.00
CA ASP A 364 23.28 36.39 -17.28
C ASP A 364 22.86 35.04 -17.87
N ARG A 365 21.55 34.85 -18.08
CA ARG A 365 21.04 33.56 -18.58
C ARG A 365 21.50 33.20 -19.97
N LYS A 366 21.93 34.18 -20.78
CA LYS A 366 22.45 33.87 -22.12
C LYS A 366 23.78 33.12 -22.03
N ALA A 367 24.55 33.44 -21.00
CA ALA A 367 25.82 32.76 -20.77
C ALA A 367 25.52 31.28 -20.50
N LEU A 368 24.56 31.02 -19.59
CA LEU A 368 24.09 29.66 -19.31
C LEU A 368 23.60 28.95 -20.55
N ASP A 369 22.84 29.65 -21.37
CA ASP A 369 22.32 29.08 -22.59
C ASP A 369 23.44 28.74 -23.57
N GLU A 370 24.46 29.59 -23.69
CA GLU A 370 25.59 29.29 -24.60
C GLU A 370 26.33 28.05 -24.18
N THR A 371 26.59 27.98 -22.88
CA THR A 371 27.30 26.88 -22.25
C THR A 371 26.59 25.55 -22.57
N LEU A 372 25.28 25.51 -22.36
CA LEU A 372 24.50 24.33 -22.71
C LEU A 372 24.67 23.99 -24.18
N HIS A 373 24.48 24.97 -25.04
CA HIS A 373 24.53 24.73 -26.50
C HIS A 373 25.92 24.35 -27.00
N ALA A 374 26.95 24.90 -26.35
CA ALA A 374 28.34 24.59 -26.70
C ALA A 374 28.73 23.19 -26.30
N PHE A 375 28.15 22.68 -25.21
CA PHE A 375 28.53 21.36 -24.71
C PHE A 375 27.63 20.24 -25.19
N CYS A 376 26.47 20.57 -25.73
CA CYS A 376 25.49 19.56 -26.15
C CYS A 376 25.49 19.40 -27.66
N LYS A 377 25.46 18.15 -28.12
CA LYS A 377 25.40 17.84 -29.55
C LYS A 377 24.01 18.14 -30.14
N SER A 378 22.97 18.14 -29.31
CA SER A 378 21.57 18.26 -29.78
C SER A 378 20.65 19.10 -28.89
N PRO B 14 -8.04 35.16 19.06
CA PRO B 14 -6.98 34.15 18.79
C PRO B 14 -6.05 33.85 20.00
N THR B 15 -6.26 32.70 20.64
CA THR B 15 -5.43 32.29 21.79
C THR B 15 -4.17 31.63 21.29
N ILE B 16 -3.04 31.99 21.86
CA ILE B 16 -1.77 31.45 21.44
C ILE B 16 -1.12 30.63 22.56
N VAL B 17 -0.46 29.55 22.16
CA VAL B 17 0.29 28.72 23.09
C VAL B 17 1.59 28.43 22.36
N ASP B 18 2.72 28.77 22.95
CA ASP B 18 3.98 28.64 22.23
C ASP B 18 4.60 27.27 22.37
N VAL B 19 5.50 26.93 21.44
CA VAL B 19 6.41 25.82 21.62
C VAL B 19 7.82 26.38 21.56
N ASP B 20 8.61 26.04 22.57
CA ASP B 20 9.88 26.68 22.82
C ASP B 20 11.03 25.73 22.47
N LEU B 21 11.60 25.98 21.30
CA LEU B 21 12.75 25.21 20.80
C LEU B 21 13.71 26.18 20.18
N GLY B 22 13.95 27.28 20.88
CA GLY B 22 14.89 28.31 20.47
C GLY B 22 14.54 28.86 19.11
N ASP B 23 15.49 28.77 18.18
CA ASP B 23 15.29 29.31 16.84
C ASP B 23 14.32 28.45 16.00
N ARG B 24 13.87 27.32 16.55
CA ARG B 24 12.82 26.49 15.94
C ARG B 24 11.48 26.59 16.67
N SER B 25 11.32 27.62 17.52
CA SER B 25 10.06 27.90 18.24
C SER B 25 8.95 28.31 17.28
N TYR B 26 7.69 28.15 17.70
CA TYR B 26 6.53 28.37 16.84
C TYR B 26 5.23 28.39 17.63
N PRO B 27 4.23 29.18 17.17
CA PRO B 27 2.93 29.32 17.85
C PRO B 27 1.89 28.31 17.43
N ILE B 28 0.95 28.06 18.33
CA ILE B 28 -0.25 27.31 18.06
C ILE B 28 -1.39 28.28 18.30
N TYR B 29 -2.16 28.59 17.26
CA TYR B 29 -3.23 29.55 17.35
C TYR B 29 -4.48 28.75 17.55
N ILE B 30 -5.38 29.24 18.42
CA ILE B 30 -6.60 28.52 18.81
C ILE B 30 -7.78 29.50 18.83
N GLY B 31 -8.92 29.10 18.28
CA GLY B 31 -10.14 29.94 18.27
C GLY B 31 -11.05 29.56 17.12
N SER B 32 -12.23 30.16 17.04
CA SER B 32 -13.16 29.96 15.92
C SER B 32 -12.93 30.91 14.76
N GLY B 33 -13.27 30.49 13.55
CA GLY B 33 -13.15 31.33 12.37
C GLY B 33 -11.73 31.67 11.98
N LEU B 34 -10.76 30.99 12.59
CA LEU B 34 -9.35 31.26 12.29
C LEU B 34 -9.04 31.06 10.79
N LEU B 35 -9.68 30.08 10.16
CA LEU B 35 -9.55 29.93 8.71
C LEU B 35 -10.04 31.16 7.94
N ASP B 36 -10.85 32.00 8.59
CA ASP B 36 -11.31 33.29 8.04
C ASP B 36 -10.34 34.43 8.30
N GLN B 37 -9.19 34.16 8.92
CA GLN B 37 -8.13 35.18 9.06
C GLN B 37 -6.88 34.82 8.24
N PRO B 38 -6.90 35.09 6.93
CA PRO B 38 -5.78 34.75 6.02
C PRO B 38 -4.41 35.13 6.58
N ASP B 39 -4.37 36.25 7.31
CA ASP B 39 -3.15 36.74 7.91
C ASP B 39 -2.36 35.66 8.61
N LEU B 40 -3.06 34.83 9.37
CA LEU B 40 -2.37 33.85 10.23
C LEU B 40 -1.56 32.82 9.46
N LEU B 41 -2.10 32.31 8.35
CA LEU B 41 -1.42 31.30 7.52
C LEU B 41 -0.31 31.93 6.71
N GLN B 42 -0.65 33.05 6.07
CA GLN B 42 0.29 33.75 5.20
C GLN B 42 1.55 34.26 5.92
N ARG B 43 1.45 34.52 7.22
CA ARG B 43 2.59 34.94 8.03
C ARG B 43 3.66 33.89 7.99
N HIS B 44 3.23 32.65 8.01
CA HIS B 44 4.16 31.54 8.17
C HIS B 44 4.54 30.87 6.88
N VAL B 45 4.04 31.40 5.77
CA VAL B 45 4.41 30.93 4.43
C VAL B 45 5.53 31.83 3.94
N HIS B 46 6.74 31.33 4.00
CA HIS B 46 7.94 32.06 3.69
C HIS B 46 8.43 31.97 2.25
N GLY B 47 7.63 31.47 1.33
CA GLY B 47 8.07 31.39 -0.05
C GLY B 47 6.87 31.71 -0.91
N LYS B 48 7.05 31.55 -2.21
CA LYS B 48 6.00 31.76 -3.22
C LYS B 48 5.10 30.53 -3.48
N ARG B 49 5.53 29.33 -3.08
CA ARG B 49 4.78 28.09 -3.37
C ARG B 49 4.24 27.35 -2.14
N VAL B 50 3.05 26.79 -2.31
CA VAL B 50 2.47 26.02 -1.24
C VAL B 50 1.85 24.78 -1.80
N LEU B 51 2.03 23.68 -1.09
CA LEU B 51 1.33 22.46 -1.40
C LEU B 51 0.51 22.06 -0.21
N VAL B 52 -0.80 22.15 -0.36
CA VAL B 52 -1.76 21.59 0.61
C VAL B 52 -1.95 20.08 0.42
N VAL B 53 -1.51 19.33 1.42
CA VAL B 53 -1.76 17.92 1.55
C VAL B 53 -3.02 17.73 2.39
N THR B 54 -4.03 17.09 1.80
CA THR B 54 -5.23 16.70 2.50
C THR B 54 -5.71 15.35 1.98
N ASN B 55 -6.96 14.98 2.30
CA ASN B 55 -7.51 13.68 1.91
C ASN B 55 -8.87 13.84 1.27
N SER B 56 -9.44 12.76 0.79
CA SER B 56 -10.61 12.89 -0.05
C SER B 56 -11.87 13.21 0.80
N THR B 57 -11.84 12.95 2.10
CA THR B 57 -13.00 13.33 2.93
C THR B 57 -12.93 14.81 3.25
N VAL B 58 -11.75 15.25 3.65
CA VAL B 58 -11.52 16.62 4.09
C VAL B 58 -11.50 17.63 2.93
N ALA B 59 -10.95 17.23 1.78
CA ALA B 59 -10.75 18.15 0.68
C ALA B 59 -12.01 18.95 0.32
N PRO B 60 -13.09 18.26 -0.06
CA PRO B 60 -14.28 19.00 -0.53
C PRO B 60 -15.02 19.79 0.58
N ILE B 61 -14.58 19.69 1.82
CA ILE B 61 -15.15 20.52 2.87
C ILE B 61 -14.27 21.75 3.15
N TYR B 62 -12.97 21.55 3.26
CA TYR B 62 -12.09 22.65 3.63
C TYR B 62 -11.06 23.12 2.62
N LEU B 63 -10.75 22.35 1.58
CA LEU B 63 -9.64 22.76 0.68
C LEU B 63 -9.84 24.17 0.10
N ASP B 64 -10.98 24.39 -0.56
CA ASP B 64 -11.29 25.70 -1.10
C ASP B 64 -11.01 26.82 -0.13
N LYS B 65 -11.59 26.70 1.07
CA LYS B 65 -11.39 27.73 2.09
C LYS B 65 -9.93 27.98 2.41
N VAL B 66 -9.16 26.93 2.60
CA VAL B 66 -7.73 27.07 2.92
C VAL B 66 -6.91 27.63 1.72
N VAL B 67 -7.17 27.15 0.51
CA VAL B 67 -6.59 27.79 -0.70
C VAL B 67 -6.97 29.28 -0.67
N GLY B 68 -8.25 29.57 -0.49
CA GLY B 68 -8.72 30.96 -0.40
C GLY B 68 -7.98 31.82 0.62
N ALA B 69 -7.84 31.33 1.85
CA ALA B 69 -7.04 32.03 2.86
C ALA B 69 -5.54 32.19 2.50
N LEU B 70 -4.94 31.21 1.86
CA LEU B 70 -3.50 31.28 1.58
C LEU B 70 -3.19 32.34 0.53
N THR B 71 -4.16 32.61 -0.36
CA THR B 71 -3.98 33.48 -1.54
C THR B 71 -4.62 34.87 -1.48
N ASN B 72 -5.56 35.08 -0.57
CA ASN B 72 -6.25 36.36 -0.51
C ASN B 72 -5.29 37.48 -0.15
N GLU B 73 -5.30 38.52 -0.97
CA GLU B 73 -4.40 39.65 -0.76
C GLU B 73 -2.97 39.15 -0.92
N ASN B 74 -2.82 38.01 -1.59
CA ASN B 74 -1.52 37.36 -1.72
C ASN B 74 -1.20 36.90 -3.14
N PRO B 75 -0.90 37.84 -4.01
CA PRO B 75 -0.51 37.49 -5.38
C PRO B 75 0.74 36.64 -5.32
N ASN B 76 1.63 36.94 -4.37
CA ASN B 76 2.98 36.41 -4.42
C ASN B 76 2.97 34.88 -4.39
N VAL B 77 1.91 34.32 -3.84
CA VAL B 77 1.84 32.88 -3.52
C VAL B 77 0.96 32.07 -4.47
N SER B 78 1.51 31.04 -5.09
CA SER B 78 0.67 30.10 -5.82
C SER B 78 0.53 28.80 -5.04
N VAL B 79 -0.65 28.18 -5.13
CA VAL B 79 -1.03 27.09 -4.24
C VAL B 79 -1.50 25.90 -5.03
N GLU B 80 -0.98 24.75 -4.68
CA GLU B 80 -1.40 23.50 -5.29
C GLU B 80 -1.84 22.60 -4.16
N SER B 81 -2.41 21.46 -4.53
CA SER B 81 -2.83 20.52 -3.52
C SER B 81 -2.58 19.11 -4.00
N VAL B 82 -2.39 18.21 -3.05
CA VAL B 82 -2.38 16.78 -3.34
C VAL B 82 -3.40 16.09 -2.45
N ILE B 83 -4.20 15.21 -3.08
CA ILE B 83 -5.31 14.54 -2.43
C ILE B 83 -5.00 13.08 -2.10
N LEU B 84 -4.87 12.79 -0.82
CA LEU B 84 -4.49 11.44 -0.44
C LEU B 84 -5.72 10.63 -0.10
N PRO B 85 -5.61 9.30 -0.18
CA PRO B 85 -6.73 8.49 0.30
C PRO B 85 -6.88 8.59 1.81
N ASP B 86 -8.13 8.47 2.27
CA ASP B 86 -8.51 8.65 3.65
C ASP B 86 -8.47 7.33 4.38
N GLY B 87 -7.61 7.24 5.39
CA GLY B 87 -7.59 6.05 6.22
C GLY B 87 -6.25 5.79 6.83
N GLU B 88 -6.27 5.26 8.05
CA GLU B 88 -5.09 4.87 8.83
C GLU B 88 -4.35 3.78 8.10
N LYS B 89 -5.10 3.05 7.30
CA LYS B 89 -4.67 1.99 6.42
C LYS B 89 -3.62 2.55 5.45
N TYR B 90 -3.83 3.79 5.04
CA TYR B 90 -2.98 4.44 4.07
C TYR B 90 -1.82 5.22 4.67
N LYS B 91 -1.65 5.12 5.99
CA LYS B 91 -0.56 5.85 6.64
C LYS B 91 0.71 5.00 6.53
N ASN B 92 1.28 5.02 5.31
CA ASN B 92 2.42 4.19 4.98
C ASN B 92 3.25 4.83 3.83
N MET B 93 4.42 4.25 3.55
CA MET B 93 5.35 4.88 2.59
C MET B 93 4.82 4.93 1.17
N ASP B 94 4.10 3.91 0.72
CA ASP B 94 3.62 3.91 -0.66
C ASP B 94 2.77 5.12 -0.99
N THR B 95 1.91 5.49 -0.05
CA THR B 95 0.96 6.58 -0.21
C THR B 95 1.65 7.89 -0.15
N LEU B 96 2.63 7.96 0.74
CA LEU B 96 3.48 9.14 0.86
C LEU B 96 4.19 9.48 -0.42
N MET B 97 4.51 8.48 -1.24
CA MET B 97 5.11 8.73 -2.55
C MET B 97 4.25 9.66 -3.39
N LYS B 98 2.94 9.69 -3.13
CA LYS B 98 2.08 10.58 -3.90
C LYS B 98 2.40 12.03 -3.59
N VAL B 99 2.78 12.30 -2.35
CA VAL B 99 3.20 13.66 -2.02
C VAL B 99 4.51 14.04 -2.73
N PHE B 100 5.53 13.19 -2.65
CA PHE B 100 6.80 13.46 -3.31
C PHE B 100 6.63 13.58 -4.80
N ASP B 101 5.92 12.63 -5.40
CA ASP B 101 5.72 12.65 -6.84
C ASP B 101 5.08 13.95 -7.31
N LYS B 102 4.03 14.38 -6.62
CA LYS B 102 3.37 15.63 -6.96
C LYS B 102 4.30 16.82 -6.81
N ALA B 103 5.06 16.82 -5.73
CA ALA B 103 5.96 17.92 -5.41
C ALA B 103 7.01 18.11 -6.50
N ILE B 104 7.62 17.00 -6.91
CA ILE B 104 8.69 16.98 -7.87
C ILE B 104 8.13 17.28 -9.26
N GLU B 105 6.98 16.67 -9.58
CA GLU B 105 6.31 16.92 -10.87
C GLU B 105 6.07 18.40 -11.04
N SER B 106 5.55 19.06 -10.01
CA SER B 106 5.35 20.49 -10.15
C SER B 106 6.61 21.32 -9.79
N ARG B 107 7.75 20.66 -9.62
CA ARG B 107 9.02 21.34 -9.41
C ARG B 107 9.05 22.25 -8.18
N LEU B 108 8.42 21.83 -7.09
CA LEU B 108 8.52 22.56 -5.82
C LEU B 108 9.96 22.55 -5.29
N ASP B 109 10.36 23.68 -4.71
CA ASP B 109 11.74 23.92 -4.26
C ASP B 109 11.86 23.99 -2.70
N ARG B 110 13.10 24.11 -2.21
CA ARG B 110 13.35 24.19 -0.75
C ARG B 110 12.57 25.27 0.00
N ARG B 111 12.14 26.30 -0.72
CA ARG B 111 11.36 27.40 -0.12
C ARG B 111 9.87 27.19 -0.14
N CYS B 112 9.40 26.08 -0.69
CA CYS B 112 7.96 25.81 -0.66
C CYS B 112 7.51 25.54 0.77
N THR B 113 6.19 25.51 0.98
CA THR B 113 5.59 25.19 2.31
C THR B 113 4.50 24.11 2.15
N PHE B 114 4.54 23.08 2.98
CA PHE B 114 3.50 22.07 2.95
C PHE B 114 2.42 22.49 3.98
N VAL B 115 1.14 22.39 3.61
CA VAL B 115 0.04 22.61 4.56
C VAL B 115 -0.68 21.28 4.79
N ALA B 116 -0.53 20.79 6.01
CA ALA B 116 -1.13 19.54 6.40
C ALA B 116 -2.56 19.84 6.83
N LEU B 117 -3.53 19.43 6.01
CA LEU B 117 -4.90 19.80 6.16
C LEU B 117 -5.77 18.55 6.36
N GLY B 118 -6.00 18.22 7.64
CA GLY B 118 -6.74 17.02 8.04
C GLY B 118 -6.56 16.65 9.52
N GLY B 119 -6.94 15.43 9.86
CA GLY B 119 -6.59 14.82 11.14
C GLY B 119 -5.13 14.41 11.27
N GLY B 120 -4.86 13.58 12.28
CA GLY B 120 -3.50 13.17 12.59
C GLY B 120 -2.83 12.28 11.55
N VAL B 121 -3.61 11.57 10.76
CA VAL B 121 -3.03 10.79 9.67
C VAL B 121 -2.33 11.74 8.68
N ILE B 122 -3.05 12.75 8.23
CA ILE B 122 -2.51 13.76 7.32
C ILE B 122 -1.35 14.54 7.93
N GLY B 123 -1.51 14.95 9.17
CA GLY B 123 -0.46 15.65 9.89
C GLY B 123 0.86 14.89 9.95
N ASP B 124 0.80 13.64 10.42
CA ASP B 124 2.00 12.81 10.52
C ASP B 124 2.61 12.58 9.15
N MET B 125 1.75 12.31 8.16
CA MET B 125 2.20 12.00 6.81
C MET B 125 2.81 13.26 6.16
N CYS B 126 2.06 14.35 6.20
CA CYS B 126 2.54 15.60 5.62
C CYS B 126 3.78 16.11 6.36
N GLY B 127 3.78 15.98 7.67
CA GLY B 127 4.97 16.29 8.45
C GLY B 127 6.21 15.55 7.98
N TYR B 128 6.08 14.24 7.85
CA TYR B 128 7.21 13.43 7.48
C TYR B 128 7.61 13.65 5.99
N ALA B 129 6.62 13.94 5.15
CA ALA B 129 6.88 14.28 3.75
C ALA B 129 7.65 15.58 3.68
N ALA B 130 7.26 16.53 4.52
CA ALA B 130 7.98 17.82 4.56
C ALA B 130 9.41 17.68 5.08
N ALA B 131 9.56 16.88 6.13
CA ALA B 131 10.88 16.62 6.72
C ALA B 131 11.84 16.08 5.69
N SER B 132 11.31 15.29 4.75
CA SER B 132 12.11 14.52 3.82
C SER B 132 12.18 15.12 2.46
N PHE B 133 11.19 15.91 2.08
CA PHE B 133 11.22 16.48 0.75
C PHE B 133 12.42 17.43 0.71
N LEU B 134 13.37 17.10 -0.18
CA LEU B 134 14.60 17.86 -0.41
C LEU B 134 15.42 17.99 0.86
N ARG B 135 15.20 17.04 1.79
CA ARG B 135 15.81 16.97 3.13
C ARG B 135 15.26 18.00 4.10
N GLY B 136 14.09 18.54 3.78
CA GLY B 136 13.35 19.38 4.73
C GLY B 136 12.84 20.65 4.12
N VAL B 137 11.53 20.74 3.93
CA VAL B 137 10.91 22.03 3.66
C VAL B 137 10.00 22.42 4.81
N ASN B 138 9.57 23.66 4.79
CA ASN B 138 8.70 24.15 5.79
C ASN B 138 7.37 23.47 5.66
N PHE B 139 6.72 23.26 6.80
CA PHE B 139 5.33 22.87 6.81
C PHE B 139 4.60 23.52 7.97
N ILE B 140 3.27 23.51 7.82
CA ILE B 140 2.33 24.14 8.71
C ILE B 140 1.24 23.14 8.95
N GLN B 141 0.67 23.17 10.14
CA GLN B 141 -0.31 22.21 10.58
C GLN B 141 -1.71 22.86 10.69
N ILE B 142 -2.73 22.26 10.09
CA ILE B 142 -4.11 22.73 10.22
C ILE B 142 -4.98 21.56 10.62
N PRO B 143 -4.99 21.24 11.92
CA PRO B 143 -5.71 20.04 12.35
C PRO B 143 -7.23 20.24 12.34
N THR B 144 -7.98 19.20 11.94
CA THR B 144 -9.44 19.30 11.78
C THR B 144 -10.22 18.24 12.55
N THR B 145 -9.49 17.42 13.32
CA THR B 145 -10.09 16.48 14.25
C THR B 145 -9.68 16.91 15.62
N VAL B 146 -10.45 16.47 16.62
CA VAL B 146 -10.12 16.69 18.01
C VAL B 146 -8.76 16.07 18.35
N MET B 147 -8.62 14.77 18.16
CA MET B 147 -7.33 14.10 18.28
C MET B 147 -6.15 14.95 17.75
N ALA B 148 -6.31 15.50 16.54
CA ALA B 148 -5.27 16.36 15.96
C ALA B 148 -5.14 17.69 16.68
N GLN B 149 -6.26 18.24 17.09
CA GLN B 149 -6.26 19.58 17.64
C GLN B 149 -5.70 19.56 19.05
N VAL B 150 -5.95 18.48 19.77
CA VAL B 150 -5.43 18.33 21.11
C VAL B 150 -4.10 17.60 21.27
N ASP B 151 -3.67 16.84 20.27
CA ASP B 151 -2.43 16.09 20.39
C ASP B 151 -1.52 16.07 19.16
N SER B 152 -1.94 15.40 18.10
CA SER B 152 -1.06 15.05 17.01
C SER B 152 -0.45 16.24 16.29
N SER B 153 -1.21 17.31 16.13
CA SER B 153 -0.74 18.52 15.43
C SER B 153 0.47 19.19 16.10
N VAL B 154 0.58 19.00 17.41
CA VAL B 154 1.64 19.62 18.21
C VAL B 154 2.79 18.65 18.47
N GLY B 155 4.03 19.11 18.36
CA GLY B 155 5.17 18.38 18.90
C GLY B 155 6.22 17.93 17.89
N GLY B 156 5.86 18.05 16.62
CA GLY B 156 6.76 17.63 15.55
C GLY B 156 7.16 16.17 15.52
N LYS B 157 6.38 15.30 16.16
CA LYS B 157 6.52 13.86 15.89
C LYS B 157 5.75 13.53 14.62
N THR B 158 6.48 13.28 13.53
CA THR B 158 5.91 12.91 12.25
C THR B 158 6.26 11.46 11.88
N GLY B 159 5.61 10.96 10.85
CA GLY B 159 5.88 9.60 10.39
C GLY B 159 4.72 8.79 9.84
N ILE B 160 4.95 7.48 9.82
CA ILE B 160 4.11 6.52 9.07
C ILE B 160 4.24 5.20 9.73
N ASN B 161 3.29 4.32 9.43
CA ASN B 161 3.29 2.96 9.94
C ASN B 161 4.11 2.05 9.08
N HIS B 162 4.55 0.96 9.69
CA HIS B 162 4.99 -0.23 8.98
C HIS B 162 3.88 -1.24 9.25
N ARG B 163 3.82 -2.30 8.46
CA ARG B 163 2.86 -3.39 8.70
C ARG B 163 2.94 -3.96 10.08
N LEU B 164 4.20 -4.19 10.46
CA LEU B 164 4.56 -4.81 11.72
C LEU B 164 4.48 -3.87 12.90
N GLY B 165 4.19 -2.59 12.64
CA GLY B 165 4.07 -1.65 13.73
C GLY B 165 3.86 -0.18 13.36
N LYS B 166 3.35 0.50 14.36
CA LYS B 166 2.88 1.85 14.27
C LYS B 166 4.03 2.86 14.37
N ASN B 167 3.95 3.92 13.58
CA ASN B 167 4.90 5.00 13.63
C ASN B 167 6.38 4.56 13.78
N LEU B 168 6.82 3.62 12.94
CA LEU B 168 8.19 3.12 13.06
C LEU B 168 9.11 3.73 12.02
N ILE B 169 8.54 4.52 11.11
CA ILE B 169 9.34 5.37 10.26
C ILE B 169 8.78 6.80 10.33
N GLY B 170 9.68 7.75 10.55
CA GLY B 170 9.27 9.15 10.62
C GLY B 170 10.44 10.05 10.94
N ALA B 171 10.14 11.21 11.50
CA ALA B 171 11.15 12.17 11.91
C ALA B 171 10.62 13.10 12.97
N PHE B 172 11.52 13.72 13.72
CA PHE B 172 11.12 14.82 14.58
C PHE B 172 11.28 16.06 13.72
N TYR B 173 10.15 16.62 13.30
CA TYR B 173 10.13 17.81 12.47
C TYR B 173 9.11 18.78 13.03
N GLN B 174 9.49 20.03 13.18
CA GLN B 174 8.61 21.00 13.80
C GLN B 174 7.91 21.87 12.76
N PRO B 175 6.51 22.00 12.96
CA PRO B 175 5.87 22.88 11.96
C PRO B 175 6.18 24.36 12.20
N GLN B 176 6.02 25.16 11.15
CA GLN B 176 6.14 26.62 11.25
C GLN B 176 5.14 27.23 12.24
N CYS B 177 3.93 26.67 12.27
CA CYS B 177 2.85 27.07 13.18
C CYS B 177 1.72 26.03 13.18
N VAL B 178 0.73 26.22 14.07
CA VAL B 178 -0.42 25.30 14.15
C VAL B 178 -1.70 26.10 14.25
N LEU B 179 -2.63 25.84 13.33
CA LEU B 179 -3.82 26.62 13.21
C LEU B 179 -5.06 25.79 13.56
N ILE B 180 -5.38 25.75 14.85
CA ILE B 180 -6.63 25.10 15.26
C ILE B 180 -7.80 26.06 15.08
N ASP B 181 -8.62 25.82 14.06
CA ASP B 181 -9.90 26.50 13.91
C ASP B 181 -11.01 25.60 14.44
N THR B 182 -11.50 25.97 15.62
CA THR B 182 -12.51 25.20 16.34
C THR B 182 -13.79 24.89 15.54
N ASP B 183 -14.12 25.75 14.57
CA ASP B 183 -15.26 25.46 13.68
C ASP B 183 -15.13 24.18 12.84
N THR B 184 -13.91 23.68 12.63
CA THR B 184 -13.75 22.53 11.73
C THR B 184 -14.33 21.28 12.39
N LEU B 185 -14.48 21.34 13.72
CA LEU B 185 -15.13 20.26 14.47
C LEU B 185 -16.64 20.11 14.18
N ASN B 186 -17.25 21.14 13.60
CA ASN B 186 -18.67 21.10 13.27
C ASN B 186 -19.03 20.05 12.25
N THR B 187 -18.08 19.68 11.37
CA THR B 187 -18.36 18.65 10.36
C THR B 187 -17.91 17.26 10.78
N LEU B 188 -17.14 17.18 11.85
CA LEU B 188 -16.60 15.91 12.32
C LEU B 188 -17.69 15.10 13.04
N PRO B 189 -17.84 13.80 12.71
CA PRO B 189 -18.81 12.92 13.38
C PRO B 189 -18.53 12.64 14.87
N ASP B 190 -19.61 12.39 15.64
CA ASP B 190 -19.53 12.08 17.08
C ASP B 190 -18.48 11.06 17.46
N ARG B 191 -18.49 9.93 16.75
CA ARG B 191 -17.47 8.90 16.90
C ARG B 191 -16.03 9.45 16.80
N GLU B 192 -15.75 10.21 15.74
CA GLU B 192 -14.43 10.79 15.58
C GLU B 192 -14.15 11.79 16.71
N LEU B 193 -15.16 12.60 17.04
CA LEU B 193 -15.03 13.59 18.12
C LEU B 193 -14.68 12.96 19.46
N ALA B 194 -15.43 11.92 19.82
CA ALA B 194 -15.25 11.19 21.07
C ALA B 194 -13.84 10.62 21.18
N SER B 195 -13.41 9.94 20.14
CA SER B 195 -12.07 9.32 20.09
C SER B 195 -10.97 10.30 20.38
N GLY B 196 -11.14 11.55 19.93
CA GLY B 196 -10.23 12.64 20.32
C GLY B 196 -10.13 12.86 21.84
N LEU B 197 -11.23 12.66 22.57
CA LEU B 197 -11.23 12.91 24.03
C LEU B 197 -10.31 12.00 24.85
N ALA B 198 -9.95 10.83 24.28
CA ALA B 198 -9.01 9.91 24.94
C ALA B 198 -7.70 10.60 25.31
N GLU B 199 -7.15 11.40 24.39
CA GLU B 199 -5.88 12.05 24.70
C GLU B 199 -6.06 13.21 25.69
N VAL B 200 -7.29 13.71 25.80
CA VAL B 200 -7.57 14.79 26.71
C VAL B 200 -7.49 14.24 28.12
N VAL B 201 -8.15 13.13 28.35
CA VAL B 201 -8.05 12.37 29.60
C VAL B 201 -6.62 12.00 29.96
N LYS B 202 -5.88 11.53 28.94
CA LYS B 202 -4.50 11.10 29.13
C LYS B 202 -3.68 12.16 29.84
N TYR B 203 -3.81 13.41 29.37
CA TYR B 203 -3.11 14.54 29.98
C TYR B 203 -3.48 14.69 31.47
N GLY B 204 -4.76 14.49 31.78
CA GLY B 204 -5.21 14.48 33.18
C GLY B 204 -4.44 13.50 34.05
N LEU B 205 -4.40 12.24 33.60
CA LEU B 205 -3.81 11.13 34.35
C LEU B 205 -2.30 11.18 34.44
N ILE B 206 -1.63 11.57 33.35
CA ILE B 206 -0.18 11.71 33.40
C ILE B 206 0.43 12.86 34.22
N ARG B 207 -0.10 14.08 34.07
CA ARG B 207 0.48 15.23 34.76
C ARG B 207 -0.42 16.38 35.18
N ASP B 208 -1.72 16.26 34.97
CA ASP B 208 -2.63 17.38 35.15
C ASP B 208 -3.89 17.02 35.90
N ALA B 209 -3.77 16.85 37.21
CA ALA B 209 -4.87 16.40 38.02
C ALA B 209 -6.04 17.36 38.01
N ASN B 210 -5.78 18.66 38.07
CA ASN B 210 -6.84 19.65 38.08
C ASN B 210 -7.66 19.68 36.78
N PHE B 211 -6.95 19.62 35.66
CA PHE B 211 -7.54 19.40 34.34
C PHE B 211 -8.39 18.13 34.33
N PHE B 212 -7.89 17.07 34.97
CA PHE B 212 -8.69 15.85 35.08
C PHE B 212 -9.99 16.13 35.79
N GLU B 213 -9.90 16.69 36.99
CA GLU B 213 -11.10 17.06 37.74
C GLU B 213 -12.04 17.91 36.89
N TRP B 214 -11.48 18.89 36.17
CA TRP B 214 -12.25 19.71 35.22
C TRP B 214 -13.02 18.87 34.19
N GLN B 215 -12.34 17.89 33.57
CA GLN B 215 -13.01 17.01 32.59
C GLN B 215 -14.17 16.22 33.20
N GLU B 216 -13.96 15.71 34.41
CA GLU B 216 -14.99 14.96 35.13
C GLU B 216 -16.29 15.75 35.24
N LYS B 217 -16.17 17.04 35.58
CA LYS B 217 -17.34 17.94 35.52
C LYS B 217 -17.78 18.10 34.08
N ASN B 218 -16.83 18.34 33.18
CA ASN B 218 -17.16 18.83 31.84
C ASN B 218 -17.39 17.81 30.71
N MET B 219 -17.22 16.52 30.97
CA MET B 219 -17.34 15.53 29.90
C MET B 219 -18.66 15.60 29.12
N PRO B 220 -19.80 15.64 29.83
CA PRO B 220 -21.08 15.75 29.09
C PRO B 220 -21.10 16.97 28.19
N ALA B 221 -20.44 18.04 28.62
CA ALA B 221 -20.39 19.27 27.84
C ALA B 221 -19.56 19.08 26.57
N LEU B 222 -18.50 18.28 26.65
CA LEU B 222 -17.59 18.04 25.53
C LEU B 222 -18.22 17.15 24.49
N MET B 223 -19.00 16.19 24.98
CA MET B 223 -19.74 15.28 24.12
C MET B 223 -20.93 15.96 23.44
N ALA B 224 -21.35 17.10 23.95
CA ALA B 224 -22.45 17.86 23.36
C ALA B 224 -21.93 18.99 22.46
N ARG B 225 -20.62 19.06 22.28
CA ARG B 225 -19.96 20.07 21.43
C ARG B 225 -20.15 21.51 21.92
N ASP B 226 -20.21 21.70 23.24
CA ASP B 226 -20.17 23.04 23.81
C ASP B 226 -18.88 23.70 23.34
N PRO B 227 -18.99 24.88 22.71
CA PRO B 227 -17.83 25.64 22.23
C PRO B 227 -16.77 26.00 23.29
N SER B 228 -17.21 26.44 24.47
CA SER B 228 -16.30 26.81 25.57
C SER B 228 -15.46 25.64 26.09
N ALA B 229 -16.15 24.58 26.49
CA ALA B 229 -15.48 23.38 27.00
C ALA B 229 -14.48 22.85 25.97
N LEU B 230 -14.95 22.58 24.76
CA LEU B 230 -14.08 22.10 23.67
C LEU B 230 -12.84 22.95 23.53
N ALA B 231 -13.03 24.26 23.41
CA ALA B 231 -11.91 25.21 23.27
C ALA B 231 -10.90 25.17 24.41
N TYR B 232 -11.39 25.02 25.65
CA TYR B 232 -10.52 25.01 26.84
C TYR B 232 -9.75 23.69 26.97
N ALA B 233 -10.46 22.59 26.70
CA ALA B 233 -9.82 21.27 26.54
C ALA B 233 -8.60 21.39 25.60
N ILE B 234 -8.83 21.98 24.43
CA ILE B 234 -7.77 22.14 23.42
C ILE B 234 -6.59 22.93 23.97
N LYS B 235 -6.89 24.12 24.49
CA LYS B 235 -5.85 24.99 25.04
C LYS B 235 -5.06 24.29 26.14
N ARG B 236 -5.78 23.66 27.05
CA ARG B 236 -5.14 22.97 28.15
C ARG B 236 -4.33 21.76 27.65
N SER B 237 -4.89 21.04 26.68
CA SER B 237 -4.20 19.91 26.08
C SER B 237 -2.92 20.39 25.36
N CYS B 238 -3.01 21.49 24.59
CA CYS B 238 -1.82 22.02 23.89
C CYS B 238 -0.79 22.62 24.85
N GLU B 239 -1.25 23.22 25.96
CA GLU B 239 -0.33 23.73 27.00
C GLU B 239 0.51 22.57 27.58
N ASN B 240 -0.16 21.50 28.00
CA ASN B 240 0.57 20.33 28.52
C ASN B 240 1.62 19.88 27.53
N LYS B 241 1.20 19.61 26.30
CA LYS B 241 2.08 19.04 25.30
C LYS B 241 3.22 19.97 24.94
N ALA B 242 2.93 21.25 24.83
CA ALA B 242 3.95 22.24 24.51
C ALA B 242 5.00 22.26 25.60
N GLU B 243 4.56 22.14 26.84
CA GLU B 243 5.48 22.09 27.97
C GLU B 243 6.39 20.87 27.88
N VAL B 244 5.80 19.71 27.59
CA VAL B 244 6.56 18.47 27.47
C VAL B 244 7.52 18.46 26.28
N VAL B 245 7.03 18.94 25.15
CA VAL B 245 7.80 18.99 23.92
C VAL B 245 9.01 19.91 24.03
N SER B 246 8.82 21.07 24.65
CA SER B 246 9.93 22.00 24.79
C SER B 246 11.05 21.43 25.64
N LEU B 247 10.68 20.80 26.75
CA LEU B 247 11.63 20.14 27.63
C LEU B 247 12.33 18.94 26.99
N ASP B 248 11.55 18.10 26.31
CA ASP B 248 12.06 16.87 25.72
C ASP B 248 11.59 16.64 24.29
N GLU B 249 12.10 17.41 23.34
CA GLU B 249 11.62 17.34 21.97
C GLU B 249 11.83 15.97 21.32
N LYS B 250 13.00 15.39 21.54
CA LYS B 250 13.38 14.15 20.87
C LYS B 250 13.16 12.90 21.71
N GLU B 251 12.50 13.06 22.84
CA GLU B 251 12.25 11.94 23.75
C GLU B 251 13.45 11.24 24.40
N SER B 252 14.33 12.01 25.02
CA SER B 252 15.33 11.45 25.91
C SER B 252 14.70 10.77 27.13
N GLY B 253 13.71 11.41 27.73
CA GLY B 253 13.04 10.83 28.87
C GLY B 253 11.59 11.21 29.01
N LEU B 254 11.39 12.48 29.32
CA LEU B 254 10.11 13.01 29.75
C LEU B 254 8.99 12.89 28.72
N ARG B 255 9.33 13.05 27.45
CA ARG B 255 8.32 12.99 26.41
C ARG B 255 7.63 11.65 26.38
N ALA B 256 8.35 10.57 26.65
CA ALA B 256 7.75 9.25 26.61
C ALA B 256 6.49 9.18 27.49
N THR B 257 6.32 10.09 28.45
CA THR B 257 5.14 10.04 29.33
C THR B 257 3.84 10.26 28.57
N LEU B 258 3.93 10.85 27.38
CA LEU B 258 2.74 11.10 26.56
C LEU B 258 2.15 9.84 25.97
N ASN B 259 2.87 8.72 26.12
CA ASN B 259 2.48 7.42 25.60
C ASN B 259 1.74 6.53 26.59
N LEU B 260 1.06 7.12 27.58
CA LEU B 260 0.27 6.34 28.52
C LEU B 260 -0.86 5.60 27.81
N GLY B 261 -0.92 4.29 28.01
CA GLY B 261 -1.89 3.45 27.31
C GLY B 261 -1.67 3.21 25.82
N HIS B 262 -0.58 3.76 25.27
CA HIS B 262 -0.26 3.75 23.81
C HIS B 262 0.60 2.56 23.36
N THR B 263 1.28 1.92 24.30
CA THR B 263 2.00 0.67 24.05
C THR B 263 1.00 -0.46 23.74
N PHE B 264 -0.06 -0.49 24.56
CA PHE B 264 -1.19 -1.40 24.40
C PHE B 264 -2.00 -0.97 23.21
N GLY B 265 -2.23 0.33 23.12
CA GLY B 265 -2.95 0.92 22.02
C GLY B 265 -2.35 0.59 20.67
N HIS B 266 -1.05 0.83 20.49
CA HIS B 266 -0.42 0.56 19.20
C HIS B 266 -0.55 -0.91 18.89
N ALA B 267 -0.40 -1.75 19.91
CA ALA B 267 -0.65 -3.19 19.74
C ALA B 267 -2.07 -3.51 19.26
N ILE B 268 -3.07 -2.81 19.76
CA ILE B 268 -4.44 -3.02 19.26
C ILE B 268 -4.57 -2.61 17.80
N GLU B 269 -4.08 -1.44 17.46
CA GLU B 269 -4.10 -0.98 16.07
C GLU B 269 -3.48 -1.97 15.10
N THR B 270 -2.25 -2.35 15.37
CA THR B 270 -1.56 -3.28 14.51
C THR B 270 -2.17 -4.68 14.64
N GLY B 271 -2.49 -5.03 15.88
CA GLY B 271 -3.05 -6.36 16.18
C GLY B 271 -4.37 -6.60 15.48
N PHE B 272 -5.26 -5.61 15.53
CA PHE B 272 -6.63 -5.73 15.08
C PHE B 272 -6.84 -5.17 13.68
N GLY B 273 -5.83 -4.49 13.15
CA GLY B 273 -5.88 -3.98 11.78
C GLY B 273 -5.97 -2.47 11.82
N TYR B 274 -5.05 -1.82 11.13
CA TYR B 274 -5.03 -0.37 11.06
C TYR B 274 -6.37 0.18 10.59
N GLY B 275 -6.99 0.99 11.43
CA GLY B 275 -8.17 1.75 11.05
C GLY B 275 -9.46 1.01 11.34
N GLN B 276 -9.37 -0.16 11.97
CA GLN B 276 -10.58 -0.90 12.32
C GLN B 276 -11.21 -0.22 13.53
N TRP B 277 -10.35 0.23 14.45
CA TRP B 277 -10.72 1.14 15.52
C TRP B 277 -10.04 2.45 15.27
N LEU B 278 -10.63 3.54 15.78
CA LEU B 278 -9.97 4.84 15.77
C LEU B 278 -8.80 4.84 16.76
N HIS B 279 -7.79 5.66 16.47
CA HIS B 279 -6.63 5.75 17.33
C HIS B 279 -7.10 5.96 18.75
N GLY B 280 -7.87 7.03 18.94
CA GLY B 280 -8.48 7.35 20.23
C GLY B 280 -9.13 6.17 20.93
N GLU B 281 -9.92 5.40 20.17
CA GLU B 281 -10.56 4.18 20.71
C GLU B 281 -9.54 3.16 21.14
N ALA B 282 -8.44 3.03 20.39
CA ALA B 282 -7.38 2.08 20.74
C ALA B 282 -6.67 2.57 21.98
N VAL B 283 -6.47 3.90 22.05
CA VAL B 283 -5.78 4.51 23.16
C VAL B 283 -6.60 4.37 24.46
N ALA B 284 -7.91 4.59 24.37
CA ALA B 284 -8.80 4.45 25.52
C ALA B 284 -8.67 3.09 26.18
N ALA B 285 -8.96 2.02 25.42
CA ALA B 285 -8.77 0.66 25.89
C ALA B 285 -7.40 0.47 26.52
N GLY B 286 -6.37 1.03 25.89
CA GLY B 286 -5.00 0.79 26.32
C GLY B 286 -4.63 1.55 27.57
N MET B 287 -5.25 2.70 27.75
CA MET B 287 -5.10 3.42 28.98
C MET B 287 -5.69 2.57 30.09
N VAL B 288 -6.90 2.04 29.87
CA VAL B 288 -7.59 1.23 30.88
C VAL B 288 -6.78 0.01 31.26
N MET B 289 -6.01 -0.53 30.30
CA MET B 289 -5.12 -1.66 30.59
C MET B 289 -3.93 -1.20 31.41
N ALA B 290 -3.44 -0.01 31.13
CA ALA B 290 -2.30 0.55 31.84
C ALA B 290 -2.63 0.84 33.30
N VAL B 291 -3.87 1.28 33.58
CA VAL B 291 -4.28 1.57 34.96
C VAL B 291 -4.46 0.25 35.73
N ASP B 292 -5.05 -0.73 35.06
CA ASP B 292 -5.20 -2.06 35.62
C ASP B 292 -3.83 -2.62 36.00
N MET B 293 -2.84 -2.47 35.13
CA MET B 293 -1.49 -2.97 35.42
C MET B 293 -0.87 -2.15 36.57
N SER B 294 -1.23 -0.88 36.62
CA SER B 294 -0.73 0.02 37.67
C SER B 294 -1.30 -0.37 39.04
N TYR B 295 -2.58 -0.74 39.08
CA TYR B 295 -3.20 -1.21 40.29
C TYR B 295 -2.67 -2.57 40.69
N ARG B 296 -2.58 -3.48 39.72
CA ARG B 296 -2.05 -4.81 40.00
C ARG B 296 -0.67 -4.72 40.61
N LEU B 297 0.10 -3.73 40.18
CA LEU B 297 1.42 -3.46 40.76
C LEU B 297 1.34 -2.95 42.21
N GLY B 298 0.16 -2.43 42.58
CA GLY B 298 -0.04 -1.83 43.87
C GLY B 298 0.68 -0.52 43.85
N TRP B 299 0.69 0.15 42.71
CA TRP B 299 1.25 1.49 42.57
C TRP B 299 0.15 2.54 42.61
N ILE B 300 -1.10 2.09 42.53
CA ILE B 300 -2.20 3.02 42.35
C ILE B 300 -3.43 2.62 43.14
N ASP B 301 -4.09 3.62 43.70
CA ASP B 301 -5.28 3.39 44.47
C ASP B 301 -6.43 3.05 43.54
N GLU B 302 -7.40 2.27 44.01
CA GLU B 302 -8.53 1.86 43.18
C GLU B 302 -9.45 3.00 42.81
N SER B 303 -9.35 4.14 43.47
CA SER B 303 -10.19 5.27 43.06
C SER B 303 -9.75 5.74 41.65
N ILE B 304 -8.45 5.72 41.39
CA ILE B 304 -7.89 6.15 40.10
C ILE B 304 -8.33 5.18 39.01
N VAL B 305 -8.26 3.88 39.30
CA VAL B 305 -8.81 2.86 38.41
C VAL B 305 -10.25 3.16 37.97
N ASN B 306 -11.15 3.33 38.94
CA ASN B 306 -12.56 3.45 38.56
C ASN B 306 -12.94 4.87 38.15
N ARG B 307 -12.22 5.87 38.65
CA ARG B 307 -12.39 7.24 38.10
C ARG B 307 -12.06 7.28 36.59
N ALA B 308 -10.90 6.74 36.20
CA ALA B 308 -10.52 6.52 34.78
C ALA B 308 -11.58 5.76 33.98
N HIS B 309 -11.94 4.55 34.42
CA HIS B 309 -12.99 3.76 33.75
C HIS B 309 -14.20 4.62 33.45
N ASN B 310 -14.62 5.41 34.43
CA ASN B 310 -15.88 6.13 34.35
C ASN B 310 -15.84 7.34 33.40
N ILE B 311 -14.77 8.13 33.43
CA ILE B 311 -14.64 9.28 32.53
C ILE B 311 -14.64 8.78 31.06
N LEU B 312 -13.99 7.66 30.80
CA LEU B 312 -13.91 7.09 29.44
C LEU B 312 -15.28 6.63 28.90
N GLN B 313 -16.06 6.06 29.80
CA GLN B 313 -17.42 5.59 29.50
C GLN B 313 -18.37 6.75 29.28
N GLN B 314 -18.07 7.89 29.91
CA GLN B 314 -18.84 9.11 29.70
C GLN B 314 -18.48 9.69 28.33
N ALA B 315 -17.29 9.36 27.83
CA ALA B 315 -16.89 9.70 26.48
C ALA B 315 -17.29 8.61 25.47
N LYS B 316 -17.99 7.59 25.96
CA LYS B 316 -18.47 6.49 25.13
C LYS B 316 -17.27 5.85 24.40
N LEU B 317 -16.19 5.64 25.15
CA LEU B 317 -15.00 5.06 24.63
C LEU B 317 -14.89 3.64 25.13
N PRO B 318 -14.29 2.77 24.31
CA PRO B 318 -14.11 1.41 24.77
C PRO B 318 -13.20 1.35 26.02
N THR B 319 -13.50 0.40 26.91
CA THR B 319 -12.69 0.12 28.09
C THR B 319 -12.13 -1.30 28.06
N ALA B 320 -12.34 -2.00 26.95
CA ALA B 320 -11.75 -3.31 26.65
C ALA B 320 -11.12 -3.29 25.24
N PRO B 321 -10.08 -4.12 25.00
CA PRO B 321 -9.61 -4.24 23.60
C PRO B 321 -10.58 -5.07 22.78
N PRO B 322 -10.35 -5.14 21.45
CA PRO B 322 -11.28 -5.90 20.63
C PRO B 322 -11.24 -7.38 21.00
N GLU B 323 -12.40 -8.02 20.89
CA GLU B 323 -12.64 -9.38 21.33
C GLU B 323 -11.69 -10.42 20.71
N THR B 324 -11.05 -10.09 19.58
CA THR B 324 -10.20 -11.06 18.86
C THR B 324 -8.71 -10.83 19.12
N MET B 325 -8.37 -9.79 19.90
CA MET B 325 -7.01 -9.62 20.37
C MET B 325 -6.64 -10.78 21.28
N THR B 326 -5.40 -11.26 21.13
CA THR B 326 -4.87 -12.29 22.00
C THR B 326 -3.71 -11.74 22.84
N VAL B 327 -3.27 -12.57 23.78
CA VAL B 327 -2.06 -12.34 24.53
C VAL B 327 -0.83 -12.33 23.59
N GLU B 328 -0.71 -13.32 22.70
CA GLU B 328 0.45 -13.38 21.78
C GLU B 328 0.54 -12.14 20.91
N MET B 329 -0.60 -11.68 20.41
CA MET B 329 -0.62 -10.52 19.56
C MET B 329 -0.09 -9.29 20.30
N PHE B 330 -0.59 -9.05 21.52
CA PHE B 330 -0.11 -7.93 22.32
C PHE B 330 1.38 -7.98 22.54
N LYS B 331 1.88 -9.15 22.94
CA LYS B 331 3.30 -9.33 23.24
C LYS B 331 4.17 -9.14 22.00
N SER B 332 3.75 -9.63 20.85
CA SER B 332 4.60 -9.53 19.67
C SER B 332 4.63 -8.12 19.10
N VAL B 333 3.52 -7.39 19.17
CA VAL B 333 3.50 -6.00 18.71
C VAL B 333 4.22 -5.05 19.67
N MET B 334 4.09 -5.31 20.97
CA MET B 334 4.70 -4.46 21.99
C MET B 334 6.21 -4.53 21.92
N ALA B 335 6.72 -5.67 21.48
CA ALA B 335 8.14 -5.87 21.24
C ALA B 335 8.79 -4.88 20.28
N VAL B 336 7.99 -4.15 19.50
CA VAL B 336 8.53 -3.15 18.59
C VAL B 336 8.02 -1.75 18.99
N ASP B 337 7.52 -1.65 20.21
CA ASP B 337 7.26 -0.34 20.73
C ASP B 337 8.58 0.45 20.78
N LYS B 338 8.50 1.77 20.59
CA LYS B 338 9.67 2.62 20.56
C LYS B 338 10.19 2.90 21.96
N LYS B 339 9.45 2.45 22.97
CA LYS B 339 9.86 2.58 24.36
C LYS B 339 10.76 1.42 24.76
N VAL B 340 10.96 0.49 23.85
CA VAL B 340 11.90 -0.58 24.07
C VAL B 340 13.34 -0.08 23.89
N ALA B 341 14.20 -0.40 24.85
CA ALA B 341 15.60 0.01 24.79
C ALA B 341 16.50 -1.18 25.16
N ASP B 342 17.44 -1.51 24.28
CA ASP B 342 18.26 -2.72 24.38
C ASP B 342 17.46 -3.97 24.80
N GLY B 343 16.31 -4.15 24.14
CA GLY B 343 15.49 -5.35 24.30
C GLY B 343 14.57 -5.30 25.50
N LEU B 344 14.57 -4.17 26.20
CA LEU B 344 13.77 -4.01 27.39
C LEU B 344 12.58 -3.12 27.11
N LEU B 345 11.38 -3.61 27.37
CA LEU B 345 10.18 -2.84 27.15
C LEU B 345 9.87 -1.97 28.35
N ARG B 346 9.95 -0.65 28.16
CA ARG B 346 9.61 0.29 29.22
C ARG B 346 8.25 0.86 28.98
N LEU B 347 7.49 1.02 30.04
CA LEU B 347 6.08 1.36 29.94
C LEU B 347 5.77 2.65 30.69
N ILE B 348 4.64 3.26 30.37
CA ILE B 348 4.15 4.37 31.16
C ILE B 348 3.05 3.84 32.08
N LEU B 349 3.27 4.00 33.38
CA LEU B 349 2.39 3.46 34.39
C LEU B 349 2.07 4.56 35.39
N LEU B 350 0.86 4.49 35.95
CA LEU B 350 0.46 5.41 37.00
C LEU B 350 1.03 4.95 38.36
N LYS B 351 1.73 5.85 39.05
CA LYS B 351 2.12 5.60 40.45
C LYS B 351 1.88 6.86 41.25
N GLY B 352 0.99 6.76 42.25
CA GLY B 352 0.81 7.83 43.23
C GLY B 352 -0.55 8.48 43.13
N PRO B 353 -0.67 9.70 43.68
CA PRO B 353 -1.96 10.38 43.51
C PRO B 353 -2.31 10.68 42.04
N LEU B 354 -3.59 10.92 41.79
CA LEU B 354 -4.09 11.30 40.48
C LEU B 354 -3.15 12.31 39.84
N GLY B 355 -2.82 12.10 38.57
CA GLY B 355 -1.98 13.03 37.82
C GLY B 355 -0.50 12.80 37.95
N ASN B 356 -0.07 11.63 38.40
CA ASN B 356 1.38 11.34 38.47
C ASN B 356 1.75 10.03 37.78
N CYS B 357 2.94 10.02 37.19
CA CYS B 357 3.34 8.98 36.26
C CYS B 357 4.79 8.57 36.37
N VAL B 358 5.09 7.37 35.92
CA VAL B 358 6.45 6.96 35.76
C VAL B 358 6.62 6.26 34.40
N PHE B 359 7.84 6.38 33.87
CA PHE B 359 8.27 5.66 32.70
C PHE B 359 9.34 4.73 33.23
N THR B 360 9.08 3.42 33.19
CA THR B 360 9.99 2.48 33.85
C THR B 360 10.22 1.17 33.11
N GLY B 361 11.42 0.65 33.23
CA GLY B 361 11.73 -0.71 32.84
C GLY B 361 11.56 -1.64 34.03
N ASP B 362 11.32 -1.07 35.20
CA ASP B 362 11.19 -1.90 36.39
C ASP B 362 9.74 -2.10 36.78
N TYR B 363 9.22 -3.29 36.48
CA TYR B 363 7.90 -3.68 36.92
C TYR B 363 7.86 -5.20 36.94
N ASP B 364 6.95 -5.76 37.73
CA ASP B 364 6.78 -7.19 37.74
C ASP B 364 6.03 -7.57 36.47
N ARG B 365 6.65 -8.43 35.67
CA ARG B 365 6.05 -8.94 34.44
C ARG B 365 4.76 -9.73 34.66
N LYS B 366 4.57 -10.29 35.86
CA LYS B 366 3.31 -10.98 36.18
C LYS B 366 2.16 -9.98 36.18
N ALA B 367 2.42 -8.79 36.73
CA ALA B 367 1.42 -7.76 36.64
C ALA B 367 1.03 -7.57 35.16
N LEU B 368 2.07 -7.49 34.31
CA LEU B 368 1.90 -7.29 32.87
C LEU B 368 1.07 -8.37 32.19
N ASP B 369 1.41 -9.65 32.30
CA ASP B 369 0.55 -10.60 31.60
C ASP B 369 -0.65 -11.08 32.42
N GLU B 370 -0.72 -10.67 33.69
CA GLU B 370 -1.98 -10.78 34.43
C GLU B 370 -2.97 -9.81 33.82
N THR B 371 -2.53 -8.58 33.55
CA THR B 371 -3.42 -7.61 32.92
C THR B 371 -3.75 -8.01 31.49
N LEU B 372 -2.80 -8.61 30.77
CA LEU B 372 -3.09 -9.15 29.43
C LEU B 372 -4.13 -10.26 29.44
N HIS B 373 -4.04 -11.20 30.38
CA HIS B 373 -5.01 -12.29 30.46
C HIS B 373 -6.35 -11.84 30.99
N ALA B 374 -6.40 -10.74 31.72
CA ALA B 374 -7.69 -10.25 32.24
C ALA B 374 -8.54 -9.67 31.14
N PHE B 375 -7.89 -9.10 30.12
CA PHE B 375 -8.58 -8.33 29.10
C PHE B 375 -8.79 -9.09 27.80
N CYS B 376 -7.95 -10.07 27.52
CA CYS B 376 -8.06 -10.86 26.28
C CYS B 376 -8.83 -12.18 26.48
N LYS B 377 -9.83 -12.45 25.65
CA LYS B 377 -10.34 -13.82 25.47
C LYS B 377 -9.26 -14.52 24.65
N SER B 378 -8.38 -15.23 25.35
CA SER B 378 -7.16 -15.81 24.76
C SER B 378 -6.16 -14.74 24.36
N PRO C 14 -30.09 -36.09 6.10
CA PRO C 14 -31.21 -36.48 5.29
C PRO C 14 -31.50 -35.55 4.11
N THR C 15 -32.37 -34.53 4.27
CA THR C 15 -33.01 -33.88 3.08
C THR C 15 -32.03 -33.05 2.21
N ILE C 16 -31.93 -33.42 0.93
CA ILE C 16 -31.10 -32.69 -0.03
C ILE C 16 -31.95 -31.84 -0.96
N VAL C 17 -31.56 -30.58 -1.14
CA VAL C 17 -32.07 -29.74 -2.24
C VAL C 17 -30.89 -29.48 -3.18
N ASP C 18 -31.09 -29.80 -4.46
CA ASP C 18 -30.08 -29.57 -5.47
C ASP C 18 -30.16 -28.17 -6.02
N VAL C 19 -28.98 -27.65 -6.38
CA VAL C 19 -28.85 -26.43 -7.12
C VAL C 19 -28.27 -26.90 -8.45
N ASP C 20 -29.05 -26.81 -9.53
CA ASP C 20 -28.64 -27.34 -10.85
C ASP C 20 -27.89 -26.28 -11.63
N LEU C 21 -26.57 -26.41 -11.68
CA LEU C 21 -25.72 -25.58 -12.54
C LEU C 21 -24.85 -26.52 -13.40
N GLY C 22 -25.47 -27.61 -13.85
CA GLY C 22 -24.73 -28.62 -14.60
C GLY C 22 -23.56 -29.08 -13.76
N ASP C 23 -22.37 -29.07 -14.35
CA ASP C 23 -21.17 -29.54 -13.68
C ASP C 23 -20.79 -28.70 -12.43
N ARG C 24 -21.48 -27.59 -12.18
CA ARG C 24 -21.26 -26.78 -10.98
C ARG C 24 -22.39 -26.96 -9.94
N SER C 25 -23.13 -28.07 -10.06
CA SER C 25 -24.28 -28.31 -9.19
C SER C 25 -23.82 -28.67 -7.79
N TYR C 26 -24.67 -28.36 -6.82
CA TYR C 26 -24.35 -28.70 -5.48
C TYR C 26 -25.58 -28.96 -4.64
N PRO C 27 -25.42 -29.80 -3.61
CA PRO C 27 -26.48 -30.16 -2.68
C PRO C 27 -26.56 -29.22 -1.51
N ILE C 28 -27.75 -29.10 -0.91
CA ILE C 28 -27.97 -28.36 0.33
C ILE C 28 -28.55 -29.38 1.29
N TYR C 29 -27.79 -29.77 2.31
CA TYR C 29 -28.22 -30.80 3.23
C TYR C 29 -28.95 -30.14 4.38
N ILE C 30 -30.20 -30.55 4.59
CA ILE C 30 -31.01 -30.00 5.67
C ILE C 30 -31.43 -31.13 6.61
N GLY C 31 -31.10 -30.98 7.88
CA GLY C 31 -31.52 -31.91 8.93
C GLY C 31 -31.12 -31.44 10.31
N SER C 32 -31.45 -32.25 11.31
CA SER C 32 -31.03 -32.04 12.69
C SER C 32 -29.78 -32.89 12.98
N GLY C 33 -28.79 -32.30 13.64
CA GLY C 33 -27.56 -32.99 13.98
C GLY C 33 -26.69 -33.37 12.81
N LEU C 34 -26.87 -32.73 11.67
CA LEU C 34 -25.98 -32.95 10.53
C LEU C 34 -24.49 -32.73 10.90
N LEU C 35 -24.23 -31.81 11.82
CA LEU C 35 -22.87 -31.63 12.33
C LEU C 35 -22.32 -32.85 13.08
N ASP C 36 -23.16 -33.84 13.35
CA ASP C 36 -22.71 -35.17 13.80
C ASP C 36 -22.72 -36.21 12.65
N GLN C 37 -22.36 -35.78 11.45
CA GLN C 37 -22.28 -36.70 10.29
C GLN C 37 -21.05 -36.36 9.43
N PRO C 38 -19.84 -36.53 10.01
CA PRO C 38 -18.59 -36.24 9.31
C PRO C 38 -18.60 -36.58 7.82
N ASP C 39 -19.17 -37.73 7.45
CA ASP C 39 -19.29 -38.09 6.03
C ASP C 39 -19.79 -36.90 5.19
N LEU C 40 -20.84 -36.22 5.65
CA LEU C 40 -21.48 -35.16 4.86
C LEU C 40 -20.51 -33.99 4.54
N LEU C 41 -19.74 -33.51 5.53
CA LEU C 41 -18.77 -32.45 5.29
C LEU C 41 -17.61 -32.95 4.45
N GLN C 42 -16.99 -34.03 4.92
CA GLN C 42 -15.74 -34.54 4.36
C GLN C 42 -15.89 -34.95 2.89
N ARG C 43 -17.12 -35.24 2.47
CA ARG C 43 -17.49 -35.51 1.06
C ARG C 43 -17.00 -34.42 0.12
N HIS C 44 -17.11 -33.19 0.60
CA HIS C 44 -16.90 -32.02 -0.23
C HIS C 44 -15.62 -31.29 0.12
N VAL C 45 -14.72 -31.93 0.87
CA VAL C 45 -13.33 -31.48 1.04
C VAL C 45 -12.44 -32.27 0.07
N HIS C 46 -11.83 -31.62 -0.93
CA HIS C 46 -11.09 -32.34 -1.98
C HIS C 46 -9.57 -32.19 -1.91
N GLY C 47 -9.08 -31.65 -0.79
CA GLY C 47 -7.66 -31.55 -0.53
C GLY C 47 -7.34 -31.82 0.93
N LYS C 48 -6.09 -31.58 1.28
CA LYS C 48 -5.55 -31.97 2.56
C LYS C 48 -5.66 -30.88 3.60
N ARG C 49 -6.17 -29.70 3.20
CA ARG C 49 -6.16 -28.50 4.07
C ARG C 49 -7.48 -27.75 4.08
N VAL C 50 -7.87 -27.28 5.26
CA VAL C 50 -9.14 -26.57 5.42
C VAL C 50 -9.00 -25.33 6.33
N LEU C 51 -9.65 -24.25 5.91
CA LEU C 51 -9.75 -23.06 6.75
C LEU C 51 -11.21 -22.75 7.16
N VAL C 52 -11.49 -22.90 8.43
CA VAL C 52 -12.78 -22.48 8.96
C VAL C 52 -12.75 -20.97 9.24
N VAL C 53 -13.64 -20.23 8.60
CA VAL C 53 -13.76 -18.82 8.82
C VAL C 53 -15.03 -18.67 9.66
N THR C 54 -14.89 -18.00 10.79
CA THR C 54 -16.02 -17.82 11.68
C THR C 54 -15.82 -16.54 12.45
N ASN C 55 -16.74 -16.28 13.37
CA ASN C 55 -16.63 -15.06 14.14
C ASN C 55 -16.53 -15.39 15.61
N SER C 56 -16.36 -14.37 16.44
CA SER C 56 -15.98 -14.59 17.85
C SER C 56 -17.16 -15.02 18.73
N THR C 57 -18.37 -14.83 18.24
CA THR C 57 -19.59 -15.26 18.92
C THR C 57 -19.88 -16.73 18.64
N VAL C 58 -19.73 -17.10 17.36
CA VAL C 58 -20.03 -18.45 16.87
C VAL C 58 -18.95 -19.49 17.20
N ALA C 59 -17.69 -19.04 17.28
CA ALA C 59 -16.54 -19.94 17.47
C ALA C 59 -16.53 -20.72 18.79
N PRO C 60 -16.78 -20.05 19.93
CA PRO C 60 -16.93 -20.77 21.21
C PRO C 60 -18.11 -21.75 21.26
N ILE C 61 -19.06 -21.62 20.35
CA ILE C 61 -20.23 -22.52 20.33
C ILE C 61 -20.06 -23.67 19.36
N TYR C 62 -19.65 -23.40 18.12
CA TYR C 62 -19.63 -24.44 17.08
C TYR C 62 -18.29 -24.74 16.42
N LEU C 63 -17.25 -23.95 16.65
CA LEU C 63 -15.96 -24.19 15.94
C LEU C 63 -15.37 -25.56 16.27
N ASP C 64 -15.27 -25.82 17.56
CA ASP C 64 -14.74 -27.08 18.08
C ASP C 64 -15.46 -28.28 17.43
N LYS C 65 -16.79 -28.22 17.38
CA LYS C 65 -17.59 -29.31 16.79
C LYS C 65 -17.32 -29.48 15.29
N VAL C 66 -17.19 -28.36 14.58
CA VAL C 66 -16.97 -28.39 13.13
C VAL C 66 -15.57 -28.90 12.87
N VAL C 67 -14.58 -28.38 13.57
CA VAL C 67 -13.21 -28.87 13.40
C VAL C 67 -13.14 -30.39 13.59
N GLY C 68 -13.85 -30.87 14.61
CA GLY C 68 -13.88 -32.29 14.95
C GLY C 68 -14.59 -33.12 13.93
N ALA C 69 -15.66 -32.59 13.36
CA ALA C 69 -16.34 -33.28 12.27
C ALA C 69 -15.49 -33.30 10.99
N LEU C 70 -14.61 -32.31 10.84
CA LEU C 70 -13.80 -32.24 9.62
C LEU C 70 -12.68 -33.26 9.60
N THR C 71 -12.16 -33.58 10.77
CA THR C 71 -10.96 -34.36 10.87
C THR C 71 -11.10 -35.73 11.53
N ASN C 72 -12.30 -36.15 11.89
CA ASN C 72 -12.45 -37.37 12.66
C ASN C 72 -11.96 -38.63 11.94
N GLU C 73 -12.33 -38.73 10.67
CA GLU C 73 -11.96 -39.87 9.85
C GLU C 73 -10.47 -40.03 9.59
N ASN C 74 -9.77 -38.94 9.32
CA ASN C 74 -8.48 -39.06 8.67
C ASN C 74 -7.35 -38.21 9.19
N PRO C 75 -6.13 -38.70 9.01
CA PRO C 75 -4.97 -37.84 9.19
C PRO C 75 -4.61 -37.08 7.91
N ASN C 76 -5.39 -37.25 6.83
CA ASN C 76 -5.08 -36.61 5.53
C ASN C 76 -5.54 -35.16 5.44
N VAL C 77 -6.33 -34.74 6.44
CA VAL C 77 -6.90 -33.40 6.52
C VAL C 77 -6.40 -32.61 7.74
N SER C 78 -5.86 -31.41 7.52
CA SER C 78 -5.51 -30.49 8.59
C SER C 78 -6.43 -29.27 8.55
N VAL C 79 -6.71 -28.72 9.72
CA VAL C 79 -7.73 -27.70 9.88
C VAL C 79 -7.23 -26.53 10.71
N GLU C 80 -7.47 -25.34 10.19
CA GLU C 80 -7.10 -24.11 10.83
C GLU C 80 -8.31 -23.24 10.86
N SER C 81 -8.24 -22.14 11.59
CA SER C 81 -9.38 -21.24 11.65
C SER C 81 -8.91 -19.82 11.67
N VAL C 82 -9.80 -18.93 11.26
CA VAL C 82 -9.68 -17.50 11.46
C VAL C 82 -10.94 -17.07 12.14
N ILE C 83 -10.78 -16.35 13.23
CA ILE C 83 -11.93 -15.84 13.95
C ILE C 83 -11.94 -14.34 13.75
N LEU C 84 -12.93 -13.85 13.02
CA LEU C 84 -13.09 -12.42 12.78
C LEU C 84 -14.03 -11.80 13.83
N PRO C 85 -13.96 -10.46 14.00
CA PRO C 85 -14.88 -9.84 14.92
C PRO C 85 -16.30 -9.99 14.36
N ASP C 86 -17.26 -10.04 15.28
CA ASP C 86 -18.66 -10.30 14.96
C ASP C 86 -19.36 -8.98 14.62
N GLY C 87 -19.94 -8.88 13.42
CA GLY C 87 -20.67 -7.67 13.04
C GLY C 87 -20.77 -7.30 11.54
N GLU C 88 -21.98 -6.94 11.13
CA GLU C 88 -22.22 -6.28 9.88
C GLU C 88 -21.17 -5.19 9.63
N LYS C 89 -20.93 -4.42 10.70
CA LYS C 89 -19.87 -3.39 10.78
C LYS C 89 -18.49 -3.80 10.23
N TYR C 90 -18.16 -5.08 10.31
CA TYR C 90 -16.87 -5.55 9.82
C TYR C 90 -16.95 -6.23 8.45
N LYS C 91 -18.12 -6.20 7.82
CA LYS C 91 -18.28 -6.78 6.49
C LYS C 91 -17.62 -5.88 5.43
N ASN C 92 -16.29 -5.83 5.46
CA ASN C 92 -15.56 -4.98 4.59
C ASN C 92 -14.18 -5.55 4.23
N MET C 93 -13.46 -4.79 3.40
CA MET C 93 -12.26 -5.26 2.72
C MET C 93 -11.09 -5.49 3.69
N ASP C 94 -10.97 -4.64 4.68
CA ASP C 94 -9.87 -4.80 5.62
C ASP C 94 -10.06 -6.05 6.43
N THR C 95 -11.32 -6.38 6.78
CA THR C 95 -11.62 -7.58 7.54
C THR C 95 -11.48 -8.81 6.64
N LEU C 96 -11.89 -8.65 5.39
CA LEU C 96 -11.65 -9.65 4.38
C LEU C 96 -10.15 -9.96 4.30
N MET C 97 -9.34 -8.91 4.37
CA MET C 97 -7.89 -9.03 4.16
C MET C 97 -7.29 -9.99 5.15
N LYS C 98 -7.90 -10.10 6.33
CA LYS C 98 -7.37 -10.96 7.41
C LYS C 98 -7.46 -12.40 7.05
N VAL C 99 -8.52 -12.76 6.31
CA VAL C 99 -8.69 -14.11 5.78
C VAL C 99 -7.56 -14.44 4.76
N PHE C 100 -7.30 -13.54 3.80
CA PHE C 100 -6.16 -13.78 2.85
C PHE C 100 -4.83 -13.88 3.60
N ASP C 101 -4.63 -13.00 4.59
CA ASP C 101 -3.39 -12.99 5.38
C ASP C 101 -3.19 -14.31 6.07
N LYS C 102 -4.23 -14.80 6.75
CA LYS C 102 -4.17 -16.09 7.40
C LYS C 102 -3.91 -17.24 6.40
N ALA C 103 -4.63 -17.21 5.30
CA ALA C 103 -4.48 -18.28 4.33
C ALA C 103 -3.05 -18.28 3.76
N ILE C 104 -2.50 -17.10 3.52
CA ILE C 104 -1.18 -17.00 2.94
C ILE C 104 -0.06 -17.21 3.97
N GLU C 105 -0.25 -16.69 5.17
CA GLU C 105 0.67 -16.93 6.23
C GLU C 105 0.80 -18.45 6.39
N SER C 106 -0.29 -19.19 6.37
CA SER C 106 -0.13 -20.64 6.53
C SER C 106 -0.02 -21.37 5.20
N ARG C 107 0.31 -20.64 4.13
CA ARG C 107 0.67 -21.21 2.82
C ARG C 107 -0.37 -22.17 2.23
N LEU C 108 -1.66 -21.90 2.47
CA LEU C 108 -2.74 -22.72 1.88
C LEU C 108 -2.64 -22.63 0.36
N ASP C 109 -3.04 -23.67 -0.33
CA ASP C 109 -2.88 -23.73 -1.79
C ASP C 109 -4.23 -23.91 -2.47
N ARG C 110 -4.20 -24.03 -3.81
CA ARG C 110 -5.44 -24.07 -4.60
C ARG C 110 -6.33 -25.28 -4.30
N ARG C 111 -5.82 -26.29 -3.61
CA ARG C 111 -6.66 -27.46 -3.28
C ARG C 111 -7.27 -27.35 -1.86
N CYS C 112 -7.15 -26.20 -1.23
CA CYS C 112 -7.65 -26.04 0.13
C CYS C 112 -9.14 -25.81 0.14
N THR C 113 -9.77 -25.83 1.31
CA THR C 113 -11.20 -25.60 1.36
C THR C 113 -11.52 -24.63 2.46
N PHE C 114 -12.23 -23.57 2.10
CA PHE C 114 -12.69 -22.58 3.06
C PHE C 114 -14.03 -23.09 3.56
N VAL C 115 -14.26 -22.94 4.87
CA VAL C 115 -15.55 -23.29 5.48
C VAL C 115 -16.19 -22.11 6.21
N ALA C 116 -17.28 -21.59 5.67
CA ALA C 116 -17.97 -20.45 6.26
C ALA C 116 -18.86 -20.90 7.42
N LEU C 117 -18.38 -20.70 8.64
CA LEU C 117 -19.15 -21.08 9.81
C LEU C 117 -19.70 -19.85 10.50
N GLY C 118 -20.98 -19.59 10.26
CA GLY C 118 -21.67 -18.47 10.89
C GLY C 118 -22.92 -18.02 10.15
N GLY C 119 -23.27 -16.76 10.34
CA GLY C 119 -24.40 -16.18 9.64
C GLY C 119 -24.03 -15.71 8.23
N GLY C 120 -24.90 -14.86 7.71
CA GLY C 120 -24.78 -14.30 6.40
C GLY C 120 -23.56 -13.42 6.22
N VAL C 121 -23.12 -12.79 7.31
CA VAL C 121 -21.98 -11.90 7.27
C VAL C 121 -20.72 -12.68 6.98
N ILE C 122 -20.52 -13.73 7.77
CA ILE C 122 -19.46 -14.67 7.55
C ILE C 122 -19.57 -15.40 6.20
N GLY C 123 -20.78 -15.74 5.79
CA GLY C 123 -21.01 -16.52 4.56
C GLY C 123 -20.62 -15.74 3.31
N ASP C 124 -21.14 -14.54 3.23
CA ASP C 124 -20.74 -13.58 2.24
C ASP C 124 -19.22 -13.28 2.19
N MET C 125 -18.66 -12.99 3.37
CA MET C 125 -17.23 -12.69 3.47
C MET C 125 -16.35 -13.88 3.08
N CYS C 126 -16.63 -15.03 3.68
CA CYS C 126 -15.86 -16.20 3.41
C CYS C 126 -15.98 -16.63 1.95
N GLY C 127 -17.16 -16.44 1.36
CA GLY C 127 -17.42 -16.85 -0.02
C GLY C 127 -16.60 -16.02 -0.98
N TYR C 128 -16.59 -14.71 -0.72
CA TYR C 128 -15.84 -13.78 -1.52
C TYR C 128 -14.33 -13.98 -1.36
N ALA C 129 -13.88 -14.33 -0.15
CA ALA C 129 -12.49 -14.71 0.04
C ALA C 129 -12.11 -16.00 -0.69
N ALA C 130 -12.99 -16.98 -0.68
CA ALA C 130 -12.74 -18.22 -1.39
C ALA C 130 -12.66 -18.00 -2.89
N ALA C 131 -13.55 -17.15 -3.38
CA ALA C 131 -13.65 -16.83 -4.78
C ALA C 131 -12.38 -16.14 -5.28
N SER C 132 -11.78 -15.29 -4.44
CA SER C 132 -10.64 -14.49 -4.80
C SER C 132 -9.29 -15.10 -4.39
N PHE C 133 -9.23 -15.85 -3.29
CA PHE C 133 -7.96 -16.45 -2.89
C PHE C 133 -7.41 -17.34 -4.02
N LEU C 134 -6.21 -17.00 -4.50
CA LEU C 134 -5.56 -17.72 -5.64
C LEU C 134 -6.46 -17.82 -6.85
N ARG C 135 -7.36 -16.86 -7.00
CA ARG C 135 -8.38 -16.89 -8.05
C ARG C 135 -9.51 -17.94 -7.88
N GLY C 136 -9.60 -18.57 -6.70
CA GLY C 136 -10.79 -19.37 -6.38
C GLY C 136 -10.44 -20.70 -5.77
N VAL C 137 -10.82 -20.88 -4.51
CA VAL C 137 -10.71 -22.17 -3.88
C VAL C 137 -12.10 -22.63 -3.47
N ASN C 138 -12.22 -23.93 -3.28
CA ASN C 138 -13.48 -24.53 -2.90
C ASN C 138 -13.95 -23.96 -1.55
N PHE C 139 -15.24 -23.78 -1.41
CA PHE C 139 -15.72 -23.42 -0.12
C PHE C 139 -17.02 -24.14 0.21
N ILE C 140 -17.28 -24.25 1.50
CA ILE C 140 -18.46 -24.89 2.05
C ILE C 140 -19.13 -23.88 2.95
N GLN C 141 -20.43 -24.02 3.07
CA GLN C 141 -21.21 -23.04 3.77
C GLN C 141 -21.98 -23.72 4.94
N ILE C 142 -21.69 -23.29 6.18
CA ILE C 142 -22.33 -23.84 7.36
C ILE C 142 -23.18 -22.77 8.04
N PRO C 143 -24.40 -22.58 7.53
CA PRO C 143 -25.19 -21.47 8.01
C PRO C 143 -25.76 -21.73 9.40
N THR C 144 -25.56 -20.76 10.27
CA THR C 144 -26.00 -20.89 11.64
C THR C 144 -27.03 -19.88 12.05
N THR C 145 -27.50 -19.02 11.15
CA THR C 145 -28.71 -18.22 11.41
C THR C 145 -29.85 -18.66 10.52
N VAL C 146 -31.04 -18.17 10.82
CA VAL C 146 -32.21 -18.43 10.00
C VAL C 146 -32.06 -17.73 8.66
N MET C 147 -31.61 -16.49 8.68
CA MET C 147 -31.32 -15.74 7.47
C MET C 147 -30.38 -16.51 6.53
N ALA C 148 -29.26 -16.96 7.06
CA ALA C 148 -28.35 -17.79 6.27
C ALA C 148 -28.96 -19.10 5.81
N GLN C 149 -29.70 -19.76 6.70
CA GLN C 149 -30.27 -21.06 6.35
C GLN C 149 -31.47 -20.96 5.40
N VAL C 150 -32.10 -19.80 5.30
CA VAL C 150 -33.18 -19.64 4.34
C VAL C 150 -32.83 -18.83 3.09
N ASP C 151 -31.71 -18.13 3.13
CA ASP C 151 -31.35 -17.23 2.04
C ASP C 151 -29.87 -17.17 1.65
N SER C 152 -29.07 -16.59 2.53
CA SER C 152 -27.70 -16.20 2.20
C SER C 152 -26.77 -17.36 1.83
N SER C 153 -26.91 -18.49 2.52
CA SER C 153 -26.00 -19.61 2.30
C SER C 153 -26.08 -20.17 0.88
N VAL C 154 -27.22 -19.95 0.22
CA VAL C 154 -27.54 -20.53 -1.06
C VAL C 154 -27.36 -19.51 -2.18
N GLY C 155 -26.77 -19.96 -3.30
CA GLY C 155 -26.81 -19.20 -4.54
C GLY C 155 -25.55 -18.47 -4.93
N GLY C 156 -24.57 -18.42 -4.05
CA GLY C 156 -23.24 -17.96 -4.46
C GLY C 156 -23.07 -16.49 -4.78
N LYS C 157 -23.96 -15.63 -4.30
CA LYS C 157 -23.67 -14.20 -4.23
C LYS C 157 -22.82 -13.92 -2.99
N THR C 158 -21.59 -13.49 -3.21
CA THR C 158 -20.65 -13.25 -2.12
C THR C 158 -20.20 -11.80 -2.16
N GLY C 159 -19.60 -11.33 -1.07
CA GLY C 159 -19.06 -9.98 -1.03
C GLY C 159 -19.08 -9.22 0.30
N ILE C 160 -18.73 -7.95 0.18
CA ILE C 160 -18.51 -7.07 1.31
C ILE C 160 -19.20 -5.76 1.01
N ASN C 161 -19.46 -4.99 2.06
CA ASN C 161 -20.03 -3.65 1.90
C ASN C 161 -18.94 -2.64 1.59
N HIS C 162 -19.34 -1.51 1.04
CA HIS C 162 -18.49 -0.33 0.91
C HIS C 162 -19.08 0.70 1.89
N ARG C 163 -18.35 1.73 2.28
CA ARG C 163 -18.96 2.73 3.17
C ARG C 163 -20.18 3.38 2.53
N LEU C 164 -20.22 3.44 1.21
CA LEU C 164 -21.35 4.07 0.52
C LEU C 164 -22.47 3.11 0.10
N GLY C 165 -22.33 1.82 0.39
CA GLY C 165 -23.21 0.86 -0.23
C GLY C 165 -23.13 -0.59 0.19
N LYS C 166 -24.26 -1.23 0.13
CA LYS C 166 -24.40 -2.58 0.61
C LYS C 166 -24.01 -3.52 -0.54
N ASN C 167 -23.11 -4.48 -0.26
CA ASN C 167 -22.70 -5.52 -1.21
C ASN C 167 -22.18 -5.05 -2.57
N LEU C 168 -21.36 -4.01 -2.60
CA LEU C 168 -20.90 -3.43 -3.86
C LEU C 168 -19.60 -4.02 -4.43
N ILE C 169 -18.96 -4.88 -3.66
CA ILE C 169 -17.75 -5.55 -4.10
C ILE C 169 -17.89 -7.01 -3.73
N GLY C 170 -17.73 -7.91 -4.70
CA GLY C 170 -17.85 -9.35 -4.43
C GLY C 170 -17.71 -10.25 -5.65
N ALA C 171 -18.26 -11.45 -5.58
CA ALA C 171 -18.16 -12.37 -6.69
C ALA C 171 -19.34 -13.33 -6.73
N PHE C 172 -19.59 -13.92 -7.88
CA PHE C 172 -20.56 -14.99 -7.98
C PHE C 172 -19.79 -16.28 -7.86
N TYR C 173 -19.99 -16.98 -6.74
CA TYR C 173 -19.27 -18.21 -6.46
C TYR C 173 -20.23 -19.25 -5.91
N GLN C 174 -19.96 -20.52 -6.21
CA GLN C 174 -20.84 -21.59 -5.74
C GLN C 174 -20.11 -22.50 -4.76
N PRO C 175 -20.75 -22.67 -3.52
CA PRO C 175 -20.04 -23.60 -2.63
C PRO C 175 -20.20 -25.05 -3.07
N GLN C 176 -19.25 -25.90 -2.73
CA GLN C 176 -19.36 -27.32 -3.00
C GLN C 176 -20.65 -27.94 -2.40
N CYS C 177 -21.11 -27.36 -1.28
CA CYS C 177 -22.33 -27.78 -0.58
C CYS C 177 -22.76 -26.78 0.50
N VAL C 178 -23.97 -26.96 1.01
CA VAL C 178 -24.49 -26.15 2.10
C VAL C 178 -24.99 -27.11 3.18
N LEU C 179 -24.49 -26.95 4.41
CA LEU C 179 -24.79 -27.89 5.48
C LEU C 179 -25.65 -27.23 6.55
N ILE C 180 -26.95 -27.45 6.45
CA ILE C 180 -27.88 -26.78 7.35
C ILE C 180 -28.27 -27.72 8.49
N ASP C 181 -27.58 -27.59 9.63
CA ASP C 181 -27.94 -28.28 10.83
C ASP C 181 -28.89 -27.39 11.62
N THR C 182 -30.14 -27.81 11.69
CA THR C 182 -31.18 -27.08 12.38
C THR C 182 -30.94 -26.85 13.89
N ASP C 183 -30.13 -27.70 14.53
CA ASP C 183 -29.93 -27.57 15.98
C ASP C 183 -29.08 -26.33 16.32
N THR C 184 -28.45 -25.71 15.32
CA THR C 184 -27.67 -24.51 15.56
C THR C 184 -28.57 -23.37 15.91
N LEU C 185 -29.81 -23.45 15.47
CA LEU C 185 -30.78 -22.42 15.77
C LEU C 185 -31.09 -22.35 17.26
N ASN C 186 -30.77 -23.40 18.03
CA ASN C 186 -31.09 -23.47 19.47
C ASN C 186 -30.33 -22.44 20.29
N THR C 187 -29.17 -22.00 19.81
CA THR C 187 -28.36 -21.02 20.53
C THR C 187 -28.53 -19.60 20.01
N LEU C 188 -29.40 -19.44 19.01
CA LEU C 188 -29.64 -18.14 18.37
C LEU C 188 -30.73 -17.35 19.10
N PRO C 189 -30.50 -16.05 19.33
CA PRO C 189 -31.52 -15.19 19.96
C PRO C 189 -32.80 -15.00 19.19
N ASP C 190 -33.88 -14.74 19.92
CA ASP C 190 -35.18 -14.51 19.32
C ASP C 190 -35.17 -13.38 18.30
N ARG C 191 -34.43 -12.30 18.58
CA ARG C 191 -34.41 -11.18 17.68
C ARG C 191 -33.90 -11.67 16.32
N GLU C 192 -32.72 -12.30 16.33
CA GLU C 192 -32.12 -12.83 15.11
C GLU C 192 -33.00 -13.84 14.43
N LEU C 193 -33.67 -14.66 15.21
CA LEU C 193 -34.52 -15.71 14.66
C LEU C 193 -35.62 -15.08 13.80
N ALA C 194 -36.27 -14.08 14.38
CA ALA C 194 -37.40 -13.42 13.74
C ALA C 194 -36.94 -12.72 12.48
N SER C 195 -35.78 -12.07 12.57
CA SER C 195 -35.13 -11.46 11.39
C SER C 195 -34.98 -12.37 10.19
N GLY C 196 -34.60 -13.60 10.39
CA GLY C 196 -34.49 -14.50 9.26
C GLY C 196 -35.81 -14.76 8.54
N LEU C 197 -36.93 -14.55 9.23
CA LEU C 197 -38.23 -14.91 8.65
C LEU C 197 -38.68 -13.93 7.59
N ALA C 198 -38.03 -12.76 7.52
CA ALA C 198 -38.34 -11.81 6.47
C ALA C 198 -38.16 -12.45 5.09
N GLU C 199 -37.12 -13.26 4.92
CA GLU C 199 -36.82 -13.83 3.60
C GLU C 199 -37.72 -15.04 3.35
N VAL C 200 -38.21 -15.62 4.43
CA VAL C 200 -39.27 -16.63 4.35
C VAL C 200 -40.51 -15.99 3.74
N VAL C 201 -40.91 -14.83 4.27
CA VAL C 201 -42.06 -14.07 3.77
C VAL C 201 -41.84 -13.59 2.34
N LYS C 202 -40.65 -13.07 2.07
CA LYS C 202 -40.28 -12.66 0.72
C LYS C 202 -40.61 -13.70 -0.31
N TYR C 203 -40.16 -14.92 -0.11
CA TYR C 203 -40.38 -15.98 -1.11
C TYR C 203 -41.87 -16.18 -1.43
N GLY C 204 -42.70 -16.01 -0.41
CA GLY C 204 -44.14 -16.20 -0.54
C GLY C 204 -44.74 -15.15 -1.45
N LEU C 205 -44.44 -13.88 -1.15
CA LEU C 205 -44.89 -12.75 -1.93
C LEU C 205 -44.38 -12.71 -3.38
N ILE C 206 -43.20 -13.23 -3.65
CA ILE C 206 -42.67 -13.11 -5.00
C ILE C 206 -43.04 -14.23 -5.96
N ARG C 207 -42.93 -15.47 -5.53
CA ARG C 207 -43.22 -16.61 -6.38
C ARG C 207 -44.06 -17.76 -5.82
N ASP C 208 -44.28 -17.78 -4.52
CA ASP C 208 -44.79 -18.99 -3.87
C ASP C 208 -46.00 -18.75 -2.98
N ALA C 209 -47.16 -18.60 -3.61
CA ALA C 209 -48.39 -18.25 -2.92
C ALA C 209 -48.87 -19.28 -1.90
N ASN C 210 -48.77 -20.55 -2.24
CA ASN C 210 -49.21 -21.60 -1.32
C ASN C 210 -48.30 -21.64 -0.07
N PHE C 211 -47.01 -21.42 -0.28
CA PHE C 211 -46.05 -21.23 0.82
C PHE C 211 -46.42 -20.04 1.71
N PHE C 212 -46.73 -18.90 1.10
CA PHE C 212 -47.18 -17.74 1.87
C PHE C 212 -48.39 -18.11 2.74
N GLU C 213 -49.36 -18.79 2.13
CA GLU C 213 -50.57 -19.16 2.85
C GLU C 213 -50.19 -20.03 4.04
N TRP C 214 -49.46 -21.10 3.75
CA TRP C 214 -48.86 -21.93 4.80
C TRP C 214 -48.19 -21.08 5.88
N GLN C 215 -47.51 -20.02 5.48
CA GLN C 215 -46.87 -19.13 6.46
C GLN C 215 -47.85 -18.36 7.35
N GLU C 216 -48.96 -17.94 6.78
CA GLU C 216 -49.99 -17.24 7.54
C GLU C 216 -50.51 -18.14 8.66
N LYS C 217 -50.79 -19.39 8.33
CA LYS C 217 -51.35 -20.28 9.34
C LYS C 217 -50.28 -20.97 10.23
N ASN C 218 -48.99 -20.70 10.02
CA ASN C 218 -47.92 -21.36 10.79
C ASN C 218 -46.89 -20.43 11.43
N MET C 219 -47.01 -19.14 11.20
CA MET C 219 -46.05 -18.19 11.78
C MET C 219 -45.87 -18.35 13.30
N PRO C 220 -46.97 -18.60 14.04
CA PRO C 220 -46.75 -18.75 15.49
C PRO C 220 -45.91 -19.97 15.82
N ALA C 221 -46.11 -21.05 15.06
CA ALA C 221 -45.29 -22.23 15.22
C ALA C 221 -43.80 -21.93 14.97
N LEU C 222 -43.52 -21.11 13.94
CA LEU C 222 -42.15 -20.68 13.63
C LEU C 222 -41.56 -19.81 14.72
N MET C 223 -42.38 -18.94 15.27
CA MET C 223 -41.95 -18.03 16.33
C MET C 223 -41.80 -18.77 17.65
N ALA C 224 -42.49 -19.90 17.80
CA ALA C 224 -42.41 -20.71 19.01
C ALA C 224 -41.22 -21.67 18.94
N ARG C 225 -40.54 -21.65 17.80
CA ARG C 225 -39.42 -22.53 17.47
C ARG C 225 -39.80 -23.98 17.20
N ASP C 226 -41.02 -24.23 16.74
CA ASP C 226 -41.37 -25.58 16.32
C ASP C 226 -40.29 -26.06 15.33
N PRO C 227 -39.67 -27.22 15.61
CA PRO C 227 -38.61 -27.68 14.68
C PRO C 227 -39.11 -28.06 13.29
N SER C 228 -40.27 -28.71 13.20
CA SER C 228 -40.81 -29.14 11.90
C SER C 228 -41.41 -27.99 11.06
N ALA C 229 -41.84 -26.91 11.70
CA ALA C 229 -42.23 -25.68 11.00
C ALA C 229 -40.99 -25.02 10.39
N LEU C 230 -40.00 -24.74 11.24
CA LEU C 230 -38.71 -24.21 10.78
C LEU C 230 -38.12 -25.08 9.66
N ALA C 231 -38.15 -26.39 9.85
CA ALA C 231 -37.54 -27.34 8.92
C ALA C 231 -38.21 -27.31 7.56
N TYR C 232 -39.54 -27.22 7.57
CA TYR C 232 -40.28 -27.04 6.32
C TYR C 232 -40.02 -25.66 5.68
N ALA C 233 -40.10 -24.60 6.49
CA ALA C 233 -39.74 -23.26 6.04
C ALA C 233 -38.33 -23.20 5.42
N ILE C 234 -37.37 -23.90 6.02
CA ILE C 234 -36.01 -23.88 5.55
C ILE C 234 -35.90 -24.59 4.21
N LYS C 235 -36.48 -25.78 4.11
CA LYS C 235 -36.48 -26.57 2.86
C LYS C 235 -37.18 -25.82 1.71
N ARG C 236 -38.30 -25.23 2.03
CA ARG C 236 -39.14 -24.62 1.04
C ARG C 236 -38.55 -23.30 0.60
N SER C 237 -37.90 -22.62 1.55
CA SER C 237 -37.15 -21.42 1.21
C SER C 237 -36.03 -21.79 0.22
N CYS C 238 -35.33 -22.87 0.54
CA CYS C 238 -34.18 -23.29 -0.24
C CYS C 238 -34.62 -23.80 -1.59
N GLU C 239 -35.78 -24.45 -1.67
CA GLU C 239 -36.28 -24.96 -2.94
C GLU C 239 -36.55 -23.81 -3.86
N ASN C 240 -37.18 -22.78 -3.34
CA ASN C 240 -37.43 -21.61 -4.14
C ASN C 240 -36.15 -20.96 -4.67
N LYS C 241 -35.19 -20.76 -3.79
CA LYS C 241 -34.00 -20.01 -4.17
C LYS C 241 -33.15 -20.86 -5.14
N ALA C 242 -33.06 -22.16 -4.87
CA ALA C 242 -32.32 -23.06 -5.70
C ALA C 242 -32.82 -23.03 -7.16
N GLU C 243 -34.13 -22.99 -7.32
CA GLU C 243 -34.75 -22.93 -8.64
C GLU C 243 -34.37 -21.61 -9.34
N VAL C 244 -34.60 -20.49 -8.67
CA VAL C 244 -34.24 -19.16 -9.22
C VAL C 244 -32.76 -19.09 -9.64
N VAL C 245 -31.87 -19.63 -8.80
CA VAL C 245 -30.42 -19.60 -9.01
C VAL C 245 -30.00 -20.51 -10.18
N SER C 246 -30.60 -21.68 -10.31
CA SER C 246 -30.28 -22.52 -11.44
C SER C 246 -30.69 -21.83 -12.74
N LEU C 247 -31.87 -21.24 -12.75
CA LEU C 247 -32.35 -20.48 -13.91
C LEU C 247 -31.57 -19.21 -14.20
N ASP C 248 -31.27 -18.45 -13.15
CA ASP C 248 -30.61 -17.15 -13.29
C ASP C 248 -29.45 -16.96 -12.31
N GLU C 249 -28.34 -17.65 -12.56
CA GLU C 249 -27.21 -17.61 -11.66
C GLU C 249 -26.56 -16.22 -11.51
N LYS C 250 -26.44 -15.49 -12.60
CA LYS C 250 -25.67 -14.23 -12.60
C LYS C 250 -26.56 -12.98 -12.74
N GLU C 251 -27.83 -13.17 -12.39
CA GLU C 251 -28.84 -12.12 -12.40
C GLU C 251 -29.08 -11.34 -13.70
N SER C 252 -29.26 -12.06 -14.80
CA SER C 252 -29.72 -11.46 -16.04
C SER C 252 -31.15 -10.90 -15.95
N GLY C 253 -32.05 -11.65 -15.33
CA GLY C 253 -33.41 -11.20 -15.15
C GLY C 253 -34.14 -11.64 -13.90
N LEU C 254 -34.42 -12.93 -13.85
CA LEU C 254 -35.28 -13.54 -12.86
C LEU C 254 -34.78 -13.41 -11.42
N ARG C 255 -33.48 -13.53 -11.24
CA ARG C 255 -32.89 -13.56 -9.91
C ARG C 255 -33.20 -12.31 -9.11
N ALA C 256 -33.23 -11.16 -9.77
CA ALA C 256 -33.46 -9.91 -9.11
C ALA C 256 -34.78 -9.93 -8.33
N THR C 257 -35.71 -10.82 -8.70
CA THR C 257 -36.96 -10.93 -7.92
C THR C 257 -36.69 -11.29 -6.46
N LEU C 258 -35.54 -11.87 -6.17
CA LEU C 258 -35.20 -12.16 -4.79
C LEU C 258 -34.86 -10.89 -4.00
N ASN C 259 -35.02 -9.72 -4.62
CA ASN C 259 -34.61 -8.48 -4.00
C ASN C 259 -35.78 -7.59 -3.59
N LEU C 260 -36.98 -8.17 -3.54
CA LEU C 260 -38.15 -7.48 -3.02
C LEU C 260 -37.91 -6.90 -1.62
N GLY C 261 -38.15 -5.59 -1.49
CA GLY C 261 -37.89 -4.82 -0.30
C GLY C 261 -36.42 -4.49 -0.02
N HIS C 262 -35.52 -5.02 -0.85
CA HIS C 262 -34.07 -4.91 -0.60
C HIS C 262 -33.50 -3.58 -1.10
N THR C 263 -34.06 -3.02 -2.15
CA THR C 263 -33.63 -1.69 -2.61
C THR C 263 -33.92 -0.68 -1.51
N PHE C 264 -35.10 -0.79 -0.93
CA PHE C 264 -35.44 0.01 0.23
C PHE C 264 -34.59 -0.38 1.48
N GLY C 265 -34.45 -1.67 1.73
CA GLY C 265 -33.71 -2.17 2.90
C GLY C 265 -32.21 -1.87 2.92
N HIS C 266 -31.54 -2.04 1.78
CA HIS C 266 -30.13 -1.67 1.70
C HIS C 266 -29.96 -0.24 2.09
N ALA C 267 -30.87 0.60 1.61
CA ALA C 267 -30.84 2.02 1.95
C ALA C 267 -30.93 2.21 3.44
N ILE C 268 -31.79 1.49 4.12
CA ILE C 268 -31.87 1.59 5.57
C ILE C 268 -30.57 1.17 6.23
N GLU C 269 -29.98 0.08 5.77
CA GLU C 269 -28.75 -0.39 6.35
C GLU C 269 -27.59 0.58 6.18
N THR C 270 -27.37 1.07 4.96
CA THR C 270 -26.31 2.04 4.72
C THR C 270 -26.58 3.35 5.48
N GLY C 271 -27.82 3.81 5.44
CA GLY C 271 -28.21 5.03 6.11
C GLY C 271 -28.10 4.99 7.61
N PHE C 272 -28.51 3.87 8.19
CA PHE C 272 -28.42 3.65 9.62
C PHE C 272 -26.97 3.64 10.05
N GLY C 273 -26.14 3.09 9.19
CA GLY C 273 -24.78 2.76 9.51
C GLY C 273 -24.96 1.31 9.82
N TYR C 274 -23.95 0.51 9.55
CA TYR C 274 -24.16 -0.91 9.60
C TYR C 274 -24.32 -1.46 11.00
N GLY C 275 -25.33 -2.31 11.12
CA GLY C 275 -25.61 -3.09 12.30
C GLY C 275 -26.66 -2.65 13.29
N GLN C 276 -27.08 -1.39 13.31
CA GLN C 276 -28.22 -1.05 14.19
C GLN C 276 -29.43 -1.94 13.98
N TRP C 277 -29.95 -1.99 12.76
CA TRP C 277 -30.98 -2.99 12.43
C TRP C 277 -30.32 -4.20 11.80
N LEU C 278 -30.89 -5.39 12.03
CA LEU C 278 -30.36 -6.61 11.40
C LEU C 278 -30.81 -6.59 9.93
N HIS C 279 -30.24 -7.45 9.11
CA HIS C 279 -30.56 -7.42 7.70
C HIS C 279 -32.07 -7.60 7.54
N GLY C 280 -32.61 -8.61 8.21
CA GLY C 280 -34.02 -8.97 8.10
C GLY C 280 -35.03 -7.92 8.54
N GLU C 281 -34.69 -7.13 9.54
CA GLU C 281 -35.61 -6.08 9.99
C GLU C 281 -35.73 -5.05 8.90
N ALA C 282 -34.59 -4.69 8.31
CA ALA C 282 -34.57 -3.70 7.26
C ALA C 282 -35.29 -4.21 6.02
N VAL C 283 -35.11 -5.49 5.67
CA VAL C 283 -35.87 -6.08 4.58
C VAL C 283 -37.40 -6.05 4.87
N ALA C 284 -37.77 -6.28 6.13
CA ALA C 284 -39.18 -6.27 6.55
C ALA C 284 -39.78 -4.90 6.26
N ALA C 285 -39.11 -3.85 6.72
CA ALA C 285 -39.53 -2.47 6.44
C ALA C 285 -39.54 -2.19 4.94
N GLY C 286 -38.48 -2.58 4.23
CA GLY C 286 -38.36 -2.29 2.81
C GLY C 286 -39.37 -3.04 1.98
N MET C 287 -39.80 -4.19 2.49
CA MET C 287 -40.82 -5.02 1.82
C MET C 287 -42.20 -4.40 1.90
N VAL C 288 -42.53 -3.75 3.02
CA VAL C 288 -43.83 -3.07 3.13
C VAL C 288 -43.88 -1.91 2.13
N MET C 289 -42.74 -1.23 2.03
CA MET C 289 -42.56 -0.10 1.13
C MET C 289 -42.72 -0.52 -0.32
N ALA C 290 -42.13 -1.65 -0.70
CA ALA C 290 -42.30 -2.20 -2.06
C ALA C 290 -43.76 -2.62 -2.34
N VAL C 291 -44.44 -3.14 -1.30
CA VAL C 291 -45.84 -3.55 -1.40
C VAL C 291 -46.69 -2.33 -1.67
N ASP C 292 -46.56 -1.35 -0.76
CA ASP C 292 -47.25 -0.07 -0.84
C ASP C 292 -47.20 0.51 -2.26
N MET C 293 -45.98 0.74 -2.74
CA MET C 293 -45.77 1.27 -4.09
C MET C 293 -46.49 0.41 -5.13
N SER C 294 -46.25 -0.90 -5.10
CA SER C 294 -46.91 -1.83 -6.04
C SER C 294 -48.42 -1.53 -6.09
N TYR C 295 -49.00 -1.27 -4.92
CA TYR C 295 -50.40 -0.93 -4.79
C TYR C 295 -50.75 0.44 -5.43
N ARG C 296 -49.98 1.48 -5.12
CA ARG C 296 -50.14 2.80 -5.78
C ARG C 296 -50.08 2.72 -7.31
N LEU C 297 -49.25 1.83 -7.85
CA LEU C 297 -49.22 1.61 -9.28
C LEU C 297 -50.48 0.95 -9.82
N GLY C 298 -51.32 0.39 -8.94
CA GLY C 298 -52.54 -0.33 -9.34
C GLY C 298 -52.26 -1.77 -9.76
N TRP C 299 -51.13 -2.32 -9.31
CA TRP C 299 -50.68 -3.64 -9.72
C TRP C 299 -51.06 -4.69 -8.69
N ILE C 300 -51.55 -4.24 -7.53
CA ILE C 300 -51.82 -5.16 -6.45
C ILE C 300 -53.17 -4.87 -5.76
N ASP C 301 -53.83 -5.95 -5.40
CA ASP C 301 -55.08 -5.89 -4.68
C ASP C 301 -54.85 -5.29 -3.28
N GLU C 302 -55.91 -4.79 -2.62
CA GLU C 302 -55.78 -4.25 -1.26
C GLU C 302 -55.54 -5.34 -0.21
N SER C 303 -55.88 -6.59 -0.54
CA SER C 303 -55.70 -7.73 0.37
C SER C 303 -54.26 -8.28 0.37
N ILE C 304 -53.53 -8.14 -0.74
CA ILE C 304 -52.12 -8.48 -0.74
C ILE C 304 -51.36 -7.57 0.24
N VAL C 305 -51.79 -6.31 0.34
CA VAL C 305 -51.21 -5.37 1.30
C VAL C 305 -51.52 -5.71 2.75
N ASN C 306 -52.76 -6.09 3.03
CA ASN C 306 -53.15 -6.48 4.39
C ASN C 306 -52.38 -7.69 4.87
N ARG C 307 -52.33 -8.70 4.01
CA ARG C 307 -51.73 -9.97 4.38
C ARG C 307 -50.22 -9.83 4.60
N ALA C 308 -49.55 -9.09 3.73
CA ALA C 308 -48.13 -8.76 3.94
C ALA C 308 -47.90 -8.01 5.25
N HIS C 309 -48.76 -7.04 5.55
CA HIS C 309 -48.59 -6.26 6.74
C HIS C 309 -48.82 -7.09 8.04
N ASN C 310 -49.90 -7.87 8.09
CA ASN C 310 -50.17 -8.71 9.27
C ASN C 310 -49.12 -9.80 9.48
N ILE C 311 -48.75 -10.51 8.42
CA ILE C 311 -47.76 -11.58 8.50
C ILE C 311 -46.47 -11.07 9.16
N LEU C 312 -45.97 -9.91 8.74
CA LEU C 312 -44.75 -9.33 9.33
C LEU C 312 -44.98 -8.95 10.77
N GLN C 313 -46.13 -8.34 11.05
CA GLN C 313 -46.54 -8.01 12.42
C GLN C 313 -46.61 -9.26 13.31
N GLN C 314 -47.15 -10.33 12.75
CA GLN C 314 -47.17 -11.65 13.37
C GLN C 314 -45.73 -12.15 13.68
N ALA C 315 -44.77 -11.79 12.82
CA ALA C 315 -43.35 -12.15 13.02
C ALA C 315 -42.55 -11.12 13.86
N LYS C 316 -43.24 -10.16 14.48
CA LYS C 316 -42.60 -9.13 15.32
C LYS C 316 -41.50 -8.32 14.60
N LEU C 317 -41.66 -8.14 13.28
CA LEU C 317 -40.68 -7.40 12.44
C LEU C 317 -41.21 -6.00 12.12
N PRO C 318 -40.31 -5.00 12.02
CA PRO C 318 -40.79 -3.66 11.74
C PRO C 318 -41.41 -3.53 10.35
N THR C 319 -42.46 -2.73 10.29
CA THR C 319 -43.23 -2.52 9.06
C THR C 319 -43.08 -1.12 8.49
N ALA C 320 -42.39 -0.25 9.24
CA ALA C 320 -41.96 1.05 8.75
C ALA C 320 -40.45 1.24 8.99
N PRO C 321 -39.75 2.05 8.16
CA PRO C 321 -38.33 2.31 8.41
C PRO C 321 -38.08 2.98 9.76
N PRO C 322 -36.81 3.25 10.10
CA PRO C 322 -36.51 4.02 11.31
C PRO C 322 -36.86 5.49 11.14
N GLU C 323 -37.36 6.11 12.21
CA GLU C 323 -37.73 7.53 12.21
C GLU C 323 -36.60 8.46 11.73
N THR C 324 -35.36 8.02 11.88
CA THR C 324 -34.15 8.74 11.39
C THR C 324 -33.99 8.78 9.86
N MET C 325 -34.58 7.83 9.13
CA MET C 325 -34.40 7.76 7.68
C MET C 325 -35.13 8.85 6.90
N THR C 326 -34.38 9.58 6.08
CA THR C 326 -34.95 10.65 5.28
C THR C 326 -35.23 10.15 3.87
N VAL C 327 -35.97 10.97 3.12
CA VAL C 327 -36.21 10.72 1.71
C VAL C 327 -34.90 10.84 0.93
N GLU C 328 -34.10 11.86 1.23
CA GLU C 328 -32.86 12.11 0.50
C GLU C 328 -31.91 10.93 0.72
N MET C 329 -31.81 10.48 1.95
CA MET C 329 -30.97 9.33 2.27
C MET C 329 -31.45 8.11 1.44
N PHE C 330 -32.75 7.85 1.42
CA PHE C 330 -33.29 6.75 0.58
C PHE C 330 -32.86 6.90 -0.88
N LYS C 331 -33.06 8.09 -1.44
CA LYS C 331 -32.79 8.36 -2.86
C LYS C 331 -31.32 8.27 -3.20
N SER C 332 -30.50 8.72 -2.25
CA SER C 332 -29.07 8.68 -2.36
C SER C 332 -28.48 7.24 -2.38
N VAL C 333 -28.85 6.39 -1.43
CA VAL C 333 -28.31 5.03 -1.38
C VAL C 333 -28.87 4.19 -2.52
N MET C 334 -30.16 4.38 -2.81
CA MET C 334 -30.81 3.66 -3.91
C MET C 334 -30.16 3.96 -5.25
N ALA C 335 -29.56 5.12 -5.37
CA ALA C 335 -28.87 5.48 -6.60
C ALA C 335 -27.70 4.53 -6.89
N VAL C 336 -27.15 3.87 -5.86
CA VAL C 336 -26.13 2.82 -6.09
C VAL C 336 -26.64 1.40 -5.82
N ASP C 337 -27.95 1.19 -6.00
CA ASP C 337 -28.52 -0.15 -5.97
C ASP C 337 -28.04 -0.84 -7.23
N LYS C 338 -27.68 -2.11 -7.10
CA LYS C 338 -27.20 -2.88 -8.24
C LYS C 338 -28.28 -3.23 -9.27
N LYS C 339 -29.51 -2.73 -9.10
CA LYS C 339 -30.53 -2.87 -10.14
C LYS C 339 -30.67 -1.62 -11.01
N VAL C 340 -29.80 -0.65 -10.77
CA VAL C 340 -29.61 0.45 -11.70
C VAL C 340 -28.99 -0.20 -12.94
N ALA C 341 -29.55 0.11 -14.10
CA ALA C 341 -28.92 -0.18 -15.38
C ALA C 341 -28.95 1.11 -16.18
N ASP C 342 -27.78 1.49 -16.75
CA ASP C 342 -27.61 2.71 -17.51
C ASP C 342 -28.33 3.91 -16.89
N GLY C 343 -28.25 3.98 -15.56
CA GLY C 343 -28.82 5.10 -14.84
C GLY C 343 -30.28 4.91 -14.47
N LEU C 344 -30.92 3.85 -14.96
CA LEU C 344 -32.34 3.62 -14.67
C LEU C 344 -32.53 2.68 -13.47
N LEU C 345 -33.06 3.19 -12.38
CA LEU C 345 -33.32 2.31 -11.21
C LEU C 345 -34.50 1.38 -11.48
N ARG C 346 -34.21 0.10 -11.75
CA ARG C 346 -35.23 -0.92 -11.84
C ARG C 346 -35.54 -1.40 -10.43
N LEU C 347 -36.82 -1.37 -10.05
CA LEU C 347 -37.25 -2.01 -8.81
C LEU C 347 -37.84 -3.38 -9.07
N ILE C 348 -37.90 -4.18 -8.02
CA ILE C 348 -38.70 -5.41 -8.02
C ILE C 348 -40.01 -5.06 -7.30
N LEU C 349 -41.13 -5.19 -8.01
CA LEU C 349 -42.43 -4.85 -7.46
C LEU C 349 -43.43 -5.97 -7.71
N LEU C 350 -44.48 -6.00 -6.89
CA LEU C 350 -45.55 -6.98 -7.04
C LEU C 350 -46.54 -6.57 -8.13
N LYS C 351 -46.99 -7.56 -8.88
CA LYS C 351 -47.98 -7.37 -9.94
C LYS C 351 -48.78 -8.65 -10.12
N GLY C 352 -50.07 -8.57 -9.81
CA GLY C 352 -50.99 -9.66 -10.06
C GLY C 352 -51.52 -10.30 -8.79
N PRO C 353 -51.99 -11.55 -8.92
CA PRO C 353 -52.32 -12.36 -7.75
C PRO C 353 -51.10 -12.59 -6.86
N LEU C 354 -51.32 -12.81 -5.57
CA LEU C 354 -50.27 -13.13 -4.63
C LEU C 354 -49.32 -14.17 -5.21
N GLY C 355 -48.01 -13.94 -5.03
CA GLY C 355 -47.00 -14.85 -5.54
C GLY C 355 -46.58 -14.48 -6.95
N ASN C 356 -46.90 -13.27 -7.37
CA ASN C 356 -46.42 -12.77 -8.65
C ASN C 356 -45.75 -11.40 -8.44
N CYS C 357 -44.66 -11.17 -9.18
CA CYS C 357 -43.94 -9.88 -9.10
C CYS C 357 -43.32 -9.58 -10.43
N VAL C 358 -42.70 -8.41 -10.53
CA VAL C 358 -42.01 -8.02 -11.78
C VAL C 358 -40.70 -7.28 -11.51
N PHE C 359 -39.75 -7.47 -12.40
CA PHE C 359 -38.48 -6.74 -12.37
C PHE C 359 -38.48 -5.68 -13.47
N THR C 360 -38.81 -4.44 -13.09
CA THR C 360 -38.96 -3.36 -14.05
C THR C 360 -38.48 -1.97 -13.60
N GLY C 361 -38.03 -1.20 -14.59
CA GLY C 361 -37.89 0.26 -14.45
C GLY C 361 -39.09 1.06 -14.97
N ASP C 362 -40.07 0.35 -15.53
CA ASP C 362 -41.26 0.98 -16.12
C ASP C 362 -42.36 1.21 -15.06
N TYR C 363 -42.21 2.26 -14.28
CA TYR C 363 -43.17 2.59 -13.23
C TYR C 363 -43.24 4.09 -13.05
N ASP C 364 -44.44 4.61 -12.83
CA ASP C 364 -44.60 6.02 -12.47
C ASP C 364 -43.60 6.35 -11.33
N ARG C 365 -42.61 7.21 -11.61
CA ARG C 365 -41.65 7.67 -10.57
C ARG C 365 -42.30 8.54 -9.47
N LYS C 366 -43.52 9.02 -9.71
CA LYS C 366 -44.28 9.74 -8.67
C LYS C 366 -44.68 8.79 -7.54
N ALA C 367 -45.09 7.58 -7.92
CA ALA C 367 -45.54 6.56 -6.96
C ALA C 367 -44.43 6.15 -5.99
N LEU C 368 -43.20 6.13 -6.51
CA LEU C 368 -41.99 5.95 -5.70
C LEU C 368 -41.81 7.09 -4.70
N ASP C 369 -42.03 8.33 -5.15
CA ASP C 369 -41.81 9.48 -4.26
C ASP C 369 -42.90 9.54 -3.15
N GLU C 370 -44.12 9.08 -3.46
CA GLU C 370 -45.21 9.08 -2.47
C GLU C 370 -44.89 8.08 -1.37
N THR C 371 -44.60 6.85 -1.80
CA THR C 371 -44.12 5.78 -0.94
C THR C 371 -43.05 6.32 0.02
N LEU C 372 -42.03 7.01 -0.52
CA LEU C 372 -40.92 7.47 0.33
C LEU C 372 -41.38 8.51 1.34
N HIS C 373 -42.25 9.41 0.91
CA HIS C 373 -42.81 10.43 1.80
C HIS C 373 -43.83 9.83 2.80
N ALA C 374 -44.57 8.82 2.37
CA ALA C 374 -45.53 8.16 3.24
C ALA C 374 -44.88 7.50 4.48
N PHE C 375 -43.69 6.95 4.28
CA PHE C 375 -43.01 6.16 5.33
C PHE C 375 -41.87 6.91 6.02
N CYS C 376 -41.60 8.15 5.63
CA CYS C 376 -40.47 8.86 6.21
C CYS C 376 -40.93 9.96 7.13
N LYS C 377 -40.18 10.17 8.21
CA LYS C 377 -40.33 11.37 9.02
C LYS C 377 -39.67 12.58 8.32
N SER C 378 -38.85 12.33 7.29
CA SER C 378 -38.29 13.42 6.44
C SER C 378 -38.33 13.07 4.95
N PRO D 14 -7.25 -5.33 -39.75
CA PRO D 14 -7.16 -5.95 -38.42
C PRO D 14 -7.19 -7.49 -38.43
N THR D 15 -6.10 -8.11 -37.96
CA THR D 15 -6.06 -9.55 -37.71
C THR D 15 -6.83 -9.91 -36.44
N ILE D 16 -7.67 -10.94 -36.52
CA ILE D 16 -8.51 -11.32 -35.41
C ILE D 16 -8.10 -12.69 -34.91
N VAL D 17 -7.71 -12.78 -33.65
CA VAL D 17 -7.54 -14.06 -33.00
C VAL D 17 -8.68 -14.26 -32.02
N ASP D 18 -9.36 -15.40 -32.09
CA ASP D 18 -10.51 -15.65 -31.24
C ASP D 18 -10.09 -16.44 -30.04
N VAL D 19 -10.68 -16.11 -28.90
CA VAL D 19 -10.58 -16.95 -27.73
C VAL D 19 -11.92 -17.63 -27.70
N ASP D 20 -11.91 -18.94 -27.89
CA ASP D 20 -13.12 -19.72 -27.90
C ASP D 20 -13.48 -20.22 -26.48
N LEU D 21 -14.54 -19.67 -25.90
CA LEU D 21 -15.09 -20.17 -24.63
C LEU D 21 -16.62 -20.25 -24.71
N GLY D 22 -17.13 -20.62 -25.89
CA GLY D 22 -18.58 -20.70 -26.14
C GLY D 22 -19.27 -19.35 -26.10
N ASP D 23 -20.28 -19.24 -25.22
CA ASP D 23 -21.06 -18.01 -25.06
C ASP D 23 -20.19 -16.80 -24.63
N ARG D 24 -19.05 -17.10 -24.01
CA ARG D 24 -18.14 -16.08 -23.50
C ARG D 24 -16.85 -15.95 -24.35
N SER D 25 -16.92 -16.39 -25.62
CA SER D 25 -15.83 -16.22 -26.57
C SER D 25 -15.65 -14.73 -26.85
N TYR D 26 -14.43 -14.33 -27.19
CA TYR D 26 -14.13 -12.92 -27.45
C TYR D 26 -12.93 -12.79 -28.42
N PRO D 27 -12.87 -11.67 -29.18
CA PRO D 27 -11.80 -11.48 -30.15
C PRO D 27 -10.62 -10.65 -29.66
N ILE D 28 -9.47 -10.91 -30.26
CA ILE D 28 -8.27 -10.12 -30.12
C ILE D 28 -8.04 -9.46 -31.47
N TYR D 29 -8.05 -8.14 -31.48
CA TYR D 29 -7.83 -7.37 -32.69
C TYR D 29 -6.40 -6.91 -32.70
N ILE D 30 -5.67 -7.21 -33.78
CA ILE D 30 -4.26 -6.76 -33.91
C ILE D 30 -4.08 -5.90 -35.15
N GLY D 31 -3.37 -4.79 -35.00
CA GLY D 31 -3.22 -3.86 -36.10
C GLY D 31 -2.48 -2.60 -35.74
N SER D 32 -2.16 -1.82 -36.77
CA SER D 32 -1.65 -0.46 -36.63
C SER D 32 -2.81 0.55 -36.74
N GLY D 33 -2.82 1.55 -35.85
CA GLY D 33 -3.85 2.61 -35.87
C GLY D 33 -5.22 2.15 -35.40
N LEU D 34 -5.25 1.04 -34.70
CA LEU D 34 -6.52 0.54 -34.19
C LEU D 34 -7.23 1.47 -33.20
N LEU D 35 -6.48 2.25 -32.43
CA LEU D 35 -7.11 3.25 -31.51
C LEU D 35 -7.87 4.34 -32.26
N ASP D 36 -7.53 4.55 -33.53
CA ASP D 36 -8.23 5.48 -34.41
C ASP D 36 -9.42 4.81 -35.12
N GLN D 37 -9.86 3.64 -34.64
CA GLN D 37 -11.02 2.95 -35.21
C GLN D 37 -12.06 2.77 -34.10
N PRO D 38 -12.95 3.76 -33.94
CA PRO D 38 -13.96 3.78 -32.88
C PRO D 38 -14.92 2.58 -32.88
N ASP D 39 -15.28 2.12 -34.07
CA ASP D 39 -16.25 1.06 -34.24
C ASP D 39 -15.80 -0.26 -33.60
N LEU D 40 -14.48 -0.49 -33.58
CA LEU D 40 -13.89 -1.61 -32.80
C LEU D 40 -14.16 -1.50 -31.32
N LEU D 41 -13.93 -0.32 -30.75
CA LEU D 41 -14.08 -0.14 -29.31
C LEU D 41 -15.53 -0.14 -28.91
N GLN D 42 -16.30 0.69 -29.57
CA GLN D 42 -17.69 0.84 -29.27
C GLN D 42 -18.50 -0.43 -29.52
N ARG D 43 -18.05 -1.25 -30.47
CA ARG D 43 -18.65 -2.56 -30.75
C ARG D 43 -18.90 -3.36 -29.47
N HIS D 44 -17.97 -3.28 -28.53
CA HIS D 44 -18.00 -4.12 -27.35
C HIS D 44 -18.37 -3.32 -26.08
N VAL D 45 -18.84 -2.09 -26.26
CA VAL D 45 -19.38 -1.28 -25.16
C VAL D 45 -20.88 -1.49 -25.17
N HIS D 46 -21.42 -2.14 -24.14
CA HIS D 46 -22.84 -2.53 -24.14
C HIS D 46 -23.69 -1.71 -23.19
N GLY D 47 -23.16 -0.62 -22.66
CA GLY D 47 -23.91 0.31 -21.83
C GLY D 47 -23.53 1.75 -22.16
N LYS D 48 -24.04 2.70 -21.37
CA LYS D 48 -23.91 4.11 -21.70
C LYS D 48 -22.74 4.80 -21.00
N ARG D 49 -22.03 4.05 -20.17
CA ARG D 49 -21.04 4.63 -19.26
C ARG D 49 -19.81 3.80 -19.26
N VAL D 50 -18.67 4.47 -19.21
CA VAL D 50 -17.41 3.79 -19.38
C VAL D 50 -16.43 4.38 -18.43
N LEU D 51 -15.63 3.51 -17.82
CA LEU D 51 -14.57 3.95 -16.93
C LEU D 51 -13.22 3.47 -17.44
N VAL D 52 -12.35 4.40 -17.79
CA VAL D 52 -11.04 4.04 -18.29
C VAL D 52 -10.15 4.03 -17.08
N VAL D 53 -9.47 2.90 -16.88
CA VAL D 53 -8.48 2.69 -15.85
C VAL D 53 -7.08 2.64 -16.47
N THR D 54 -6.20 3.50 -16.00
CA THR D 54 -4.86 3.64 -16.56
C THR D 54 -3.95 4.25 -15.48
N ASN D 55 -2.70 4.47 -15.81
CA ASN D 55 -1.78 5.00 -14.83
C ASN D 55 -1.25 6.35 -15.30
N SER D 56 -0.40 6.97 -14.48
CA SER D 56 0.00 8.35 -14.70
C SER D 56 1.05 8.54 -15.82
N THR D 57 1.74 7.48 -16.25
CA THR D 57 2.68 7.54 -17.38
C THR D 57 1.89 7.41 -18.69
N VAL D 58 1.02 6.42 -18.75
CA VAL D 58 0.24 6.16 -19.98
C VAL D 58 -0.85 7.20 -20.29
N ALA D 59 -1.43 7.80 -19.24
CA ALA D 59 -2.60 8.70 -19.37
C ALA D 59 -2.33 9.89 -20.29
N PRO D 60 -1.24 10.64 -20.01
CA PRO D 60 -0.94 11.77 -20.86
C PRO D 60 -0.46 11.37 -22.26
N ILE D 61 -0.30 10.07 -22.54
CA ILE D 61 0.05 9.65 -23.89
C ILE D 61 -1.14 9.15 -24.67
N TYR D 62 -2.02 8.36 -24.05
CA TYR D 62 -3.08 7.69 -24.79
C TYR D 62 -4.50 7.92 -24.25
N LEU D 63 -4.68 8.53 -23.09
CA LEU D 63 -6.04 8.60 -22.51
C LEU D 63 -7.00 9.36 -23.41
N ASP D 64 -6.70 10.64 -23.70
CA ASP D 64 -7.51 11.51 -24.58
C ASP D 64 -7.91 10.85 -25.89
N LYS D 65 -6.97 10.14 -26.51
CA LYS D 65 -7.24 9.43 -27.76
C LYS D 65 -8.25 8.31 -27.58
N VAL D 66 -8.08 7.56 -26.50
CA VAL D 66 -9.00 6.47 -26.18
C VAL D 66 -10.39 7.00 -25.83
N VAL D 67 -10.43 8.07 -25.05
CA VAL D 67 -11.72 8.75 -24.75
C VAL D 67 -12.39 9.22 -26.05
N GLY D 68 -11.58 9.76 -26.97
CA GLY D 68 -12.05 10.17 -28.29
C GLY D 68 -12.61 9.01 -29.07
N ALA D 69 -11.89 7.90 -29.10
CA ALA D 69 -12.40 6.73 -29.79
C ALA D 69 -13.74 6.25 -29.20
N LEU D 70 -13.84 6.24 -27.87
CA LEU D 70 -15.08 5.78 -27.22
C LEU D 70 -16.30 6.70 -27.39
N THR D 71 -16.07 8.00 -27.47
CA THR D 71 -17.12 8.98 -27.28
C THR D 71 -17.35 9.89 -28.51
N ASN D 72 -16.31 10.09 -29.35
CA ASN D 72 -16.48 10.79 -30.60
C ASN D 72 -17.33 9.93 -31.49
N GLU D 73 -18.34 10.59 -32.04
CA GLU D 73 -19.30 9.97 -32.92
C GLU D 73 -20.29 9.09 -32.18
N ASN D 74 -20.35 9.22 -30.85
CA ASN D 74 -21.32 8.44 -30.09
C ASN D 74 -21.96 9.23 -28.98
N PRO D 75 -23.19 9.69 -29.22
CA PRO D 75 -23.85 10.53 -28.25
C PRO D 75 -24.44 9.78 -27.04
N ASN D 76 -24.44 8.45 -27.05
CA ASN D 76 -24.97 7.66 -25.93
C ASN D 76 -23.90 7.11 -24.98
N VAL D 77 -22.65 7.57 -25.11
CA VAL D 77 -21.57 7.10 -24.25
C VAL D 77 -21.03 8.29 -23.48
N SER D 78 -20.77 8.08 -22.20
CA SER D 78 -20.05 9.08 -21.41
C SER D 78 -18.95 8.34 -20.70
N VAL D 79 -17.78 8.94 -20.73
CA VAL D 79 -16.58 8.27 -20.38
C VAL D 79 -16.06 8.94 -19.16
N GLU D 80 -15.53 8.17 -18.23
CA GLU D 80 -14.76 8.75 -17.13
C GLU D 80 -13.44 8.00 -17.03
N SER D 81 -12.51 8.56 -16.29
CA SER D 81 -11.25 7.89 -16.06
C SER D 81 -10.81 7.97 -14.57
N VAL D 82 -10.02 6.98 -14.13
CA VAL D 82 -9.28 6.98 -12.86
C VAL D 82 -7.82 6.78 -13.19
N ILE D 83 -6.94 7.61 -12.63
CA ILE D 83 -5.51 7.47 -12.85
C ILE D 83 -4.86 6.78 -11.63
N LEU D 84 -4.30 5.60 -11.87
CA LEU D 84 -3.64 4.83 -10.83
C LEU D 84 -2.14 5.09 -10.85
N PRO D 85 -1.49 4.91 -9.70
CA PRO D 85 -0.06 5.12 -9.73
C PRO D 85 0.64 4.06 -10.56
N ASP D 86 1.81 4.39 -11.11
CA ASP D 86 2.52 3.53 -12.02
C ASP D 86 3.52 2.73 -11.20
N GLY D 87 3.36 1.40 -11.19
CA GLY D 87 4.32 0.51 -10.55
C GLY D 87 3.76 -0.86 -10.16
N GLU D 88 4.55 -1.92 -10.41
CA GLU D 88 4.32 -3.25 -9.85
C GLU D 88 4.14 -3.14 -8.33
N LYS D 89 4.95 -2.28 -7.76
CA LYS D 89 4.87 -1.89 -6.34
C LYS D 89 3.41 -1.58 -5.90
N TYR D 90 2.59 -1.01 -6.78
CA TYR D 90 1.21 -0.65 -6.44
C TYR D 90 0.20 -1.66 -6.96
N LYS D 91 0.65 -2.86 -7.29
CA LYS D 91 -0.27 -3.91 -7.71
C LYS D 91 -0.90 -4.59 -6.49
N ASN D 92 -1.77 -3.88 -5.77
CA ASN D 92 -2.31 -4.40 -4.52
C ASN D 92 -3.71 -3.87 -4.20
N MET D 93 -4.30 -4.43 -3.15
CA MET D 93 -5.71 -4.14 -2.83
C MET D 93 -5.93 -2.68 -2.50
N ASP D 94 -5.03 -2.06 -1.74
CA ASP D 94 -5.18 -0.67 -1.36
C ASP D 94 -5.23 0.25 -2.56
N THR D 95 -4.40 -0.02 -3.55
CA THR D 95 -4.39 0.78 -4.75
C THR D 95 -5.63 0.49 -5.56
N LEU D 96 -6.01 -0.77 -5.62
CA LEU D 96 -7.26 -1.17 -6.33
C LEU D 96 -8.50 -0.43 -5.81
N MET D 97 -8.55 -0.18 -4.50
CA MET D 97 -9.69 0.50 -3.85
C MET D 97 -10.04 1.83 -4.50
N LYS D 98 -9.06 2.51 -5.08
CA LYS D 98 -9.32 3.76 -5.82
C LYS D 98 -10.31 3.57 -6.98
N VAL D 99 -10.25 2.39 -7.58
CA VAL D 99 -11.11 2.07 -8.71
C VAL D 99 -12.52 1.83 -8.20
N PHE D 100 -12.67 1.03 -7.17
CA PHE D 100 -13.99 0.86 -6.53
C PHE D 100 -14.49 2.21 -6.05
N ASP D 101 -13.66 2.96 -5.31
CA ASP D 101 -14.10 4.23 -4.77
C ASP D 101 -14.61 5.13 -5.87
N LYS D 102 -13.77 5.40 -6.88
CA LYS D 102 -14.17 6.27 -7.99
C LYS D 102 -15.47 5.85 -8.64
N ALA D 103 -15.60 4.55 -8.88
CA ALA D 103 -16.79 3.98 -9.52
C ALA D 103 -18.09 4.18 -8.72
N ILE D 104 -18.00 3.97 -7.42
CA ILE D 104 -19.15 4.15 -6.55
C ILE D 104 -19.43 5.66 -6.38
N GLU D 105 -18.39 6.49 -6.37
CA GLU D 105 -18.60 7.95 -6.21
C GLU D 105 -19.32 8.50 -7.45
N SER D 106 -19.03 7.92 -8.62
CA SER D 106 -19.72 8.22 -9.86
C SER D 106 -21.01 7.46 -10.06
N ARG D 107 -21.28 6.49 -9.20
CA ARG D 107 -22.55 5.76 -9.24
C ARG D 107 -22.64 4.94 -10.51
N LEU D 108 -21.53 4.33 -10.89
CA LEU D 108 -21.55 3.46 -12.03
C LEU D 108 -22.37 2.24 -11.67
N ASP D 109 -22.87 1.57 -12.71
CA ASP D 109 -23.84 0.47 -12.57
C ASP D 109 -23.39 -0.77 -13.34
N ARG D 110 -24.19 -1.83 -13.27
CA ARG D 110 -23.83 -3.13 -13.84
C ARG D 110 -23.59 -3.14 -15.37
N ARG D 111 -24.04 -2.09 -16.06
CA ARG D 111 -23.94 -1.97 -17.52
C ARG D 111 -22.70 -1.18 -17.95
N CYS D 112 -22.00 -0.63 -16.98
CA CYS D 112 -20.85 0.19 -17.27
C CYS D 112 -19.75 -0.73 -17.84
N THR D 113 -18.71 -0.15 -18.42
CA THR D 113 -17.58 -0.96 -18.96
C THR D 113 -16.26 -0.34 -18.51
N PHE D 114 -15.33 -1.17 -18.00
CA PHE D 114 -14.02 -0.70 -17.56
C PHE D 114 -13.07 -0.90 -18.73
N VAL D 115 -12.34 0.14 -19.10
CA VAL D 115 -11.33 -0.01 -20.16
C VAL D 115 -9.98 -0.03 -19.48
N ALA D 116 -9.32 -1.18 -19.48
CA ALA D 116 -7.96 -1.26 -19.01
C ALA D 116 -7.00 -0.71 -20.08
N LEU D 117 -6.41 0.46 -19.81
CA LEU D 117 -5.47 1.11 -20.74
C LEU D 117 -4.06 1.23 -20.12
N GLY D 118 -3.12 0.42 -20.63
CA GLY D 118 -1.74 0.37 -20.13
C GLY D 118 -1.12 -1.01 -20.24
N GLY D 119 -0.09 -1.27 -19.44
CA GLY D 119 0.51 -2.60 -19.39
C GLY D 119 -0.26 -3.61 -18.56
N GLY D 120 0.41 -4.71 -18.25
CA GLY D 120 -0.26 -5.80 -17.60
C GLY D 120 -0.60 -5.58 -16.12
N VAL D 121 0.03 -4.57 -15.51
CA VAL D 121 -0.29 -4.18 -14.18
C VAL D 121 -1.72 -3.62 -14.19
N ILE D 122 -1.99 -2.74 -15.14
CA ILE D 122 -3.30 -2.14 -15.30
C ILE D 122 -4.34 -3.11 -15.78
N GLY D 123 -3.94 -4.02 -16.65
CA GLY D 123 -4.79 -5.08 -17.14
C GLY D 123 -5.22 -5.96 -15.98
N ASP D 124 -4.27 -6.47 -15.21
CA ASP D 124 -4.61 -7.36 -14.09
C ASP D 124 -5.49 -6.68 -13.04
N MET D 125 -5.12 -5.45 -12.70
CA MET D 125 -5.85 -4.62 -11.74
C MET D 125 -7.26 -4.28 -12.22
N CYS D 126 -7.34 -3.66 -13.40
CA CYS D 126 -8.63 -3.27 -14.00
C CYS D 126 -9.52 -4.49 -14.17
N GLY D 127 -8.92 -5.56 -14.68
CA GLY D 127 -9.56 -6.85 -14.78
C GLY D 127 -10.22 -7.28 -13.47
N TYR D 128 -9.48 -7.21 -12.38
CA TYR D 128 -9.96 -7.77 -11.13
C TYR D 128 -11.07 -6.90 -10.51
N ALA D 129 -10.90 -5.59 -10.60
CA ALA D 129 -11.95 -4.63 -10.23
C ALA D 129 -13.24 -4.81 -11.01
N ALA D 130 -13.11 -5.06 -12.32
CA ALA D 130 -14.27 -5.33 -13.17
C ALA D 130 -14.93 -6.61 -12.76
N ALA D 131 -14.13 -7.62 -12.48
CA ALA D 131 -14.67 -8.86 -11.96
C ALA D 131 -15.47 -8.61 -10.66
N SER D 132 -14.98 -7.71 -9.82
CA SER D 132 -15.48 -7.62 -8.46
C SER D 132 -16.50 -6.51 -8.24
N PHE D 133 -16.43 -5.45 -9.02
CA PHE D 133 -17.32 -4.34 -8.85
C PHE D 133 -18.72 -4.82 -9.20
N LEU D 134 -19.62 -4.66 -8.21
CA LEU D 134 -21.02 -5.10 -8.32
C LEU D 134 -21.10 -6.56 -8.67
N ARG D 135 -20.11 -7.33 -8.20
CA ARG D 135 -19.92 -8.74 -8.52
C ARG D 135 -19.67 -9.02 -9.99
N GLY D 136 -19.40 -7.97 -10.78
CA GLY D 136 -18.89 -8.14 -12.15
C GLY D 136 -19.53 -7.22 -13.17
N VAL D 137 -18.71 -6.35 -13.77
CA VAL D 137 -19.12 -5.56 -14.93
C VAL D 137 -18.20 -5.89 -16.11
N ASN D 138 -18.65 -5.54 -17.31
CA ASN D 138 -17.90 -5.81 -18.52
C ASN D 138 -16.60 -5.01 -18.49
N PHE D 139 -15.53 -5.58 -19.02
CA PHE D 139 -14.31 -4.80 -19.28
C PHE D 139 -13.63 -5.12 -20.61
N ILE D 140 -12.87 -4.15 -21.10
CA ILE D 140 -12.12 -4.24 -22.33
C ILE D 140 -10.64 -3.99 -22.01
N GLN D 141 -9.78 -4.71 -22.74
CA GLN D 141 -8.35 -4.61 -22.59
C GLN D 141 -7.74 -3.82 -23.76
N ILE D 142 -7.01 -2.75 -23.40
CA ILE D 142 -6.18 -2.03 -24.37
C ILE D 142 -4.72 -2.05 -23.91
N PRO D 143 -4.05 -3.17 -24.17
CA PRO D 143 -2.67 -3.33 -23.77
C PRO D 143 -1.69 -2.46 -24.58
N THR D 144 -0.79 -1.77 -23.88
CA THR D 144 0.12 -0.80 -24.50
C THR D 144 1.63 -1.15 -24.35
N THR D 145 1.94 -2.33 -23.80
CA THR D 145 3.32 -2.83 -23.72
C THR D 145 3.43 -4.14 -24.48
N VAL D 146 4.65 -4.61 -24.71
CA VAL D 146 4.81 -5.86 -25.43
C VAL D 146 4.28 -7.01 -24.61
N MET D 147 4.81 -7.09 -23.39
CA MET D 147 4.31 -7.98 -22.34
C MET D 147 2.78 -8.07 -22.35
N ALA D 148 2.12 -6.92 -22.38
CA ALA D 148 0.69 -6.90 -22.39
C ALA D 148 0.09 -7.44 -23.69
N GLN D 149 0.72 -7.12 -24.81
CA GLN D 149 0.17 -7.48 -26.10
C GLN D 149 0.43 -8.93 -26.52
N VAL D 150 1.46 -9.55 -25.96
CA VAL D 150 1.71 -10.97 -26.19
C VAL D 150 1.26 -11.90 -25.08
N ASP D 151 0.90 -11.36 -23.92
CA ASP D 151 0.56 -12.22 -22.79
C ASP D 151 -0.60 -11.76 -21.90
N SER D 152 -0.38 -10.71 -21.12
CA SER D 152 -1.24 -10.37 -19.99
C SER D 152 -2.68 -10.07 -20.35
N SER D 153 -2.88 -9.40 -21.47
CA SER D 153 -4.19 -8.92 -21.84
C SER D 153 -5.12 -10.03 -22.29
N VAL D 154 -4.56 -11.22 -22.55
CA VAL D 154 -5.32 -12.35 -23.05
C VAL D 154 -5.48 -13.44 -22.00
N GLY D 155 -6.69 -13.95 -21.84
CA GLY D 155 -6.92 -15.10 -20.99
C GLY D 155 -7.74 -14.88 -19.73
N GLY D 156 -7.95 -13.63 -19.35
CA GLY D 156 -8.83 -13.34 -18.21
C GLY D 156 -8.28 -13.81 -16.88
N LYS D 157 -6.97 -13.98 -16.78
CA LYS D 157 -6.32 -14.09 -15.48
C LYS D 157 -6.10 -12.68 -14.97
N THR D 158 -6.78 -12.35 -13.87
CA THR D 158 -6.70 -11.04 -13.25
C THR D 158 -6.38 -11.11 -11.76
N GLY D 159 -6.03 -9.95 -11.19
CA GLY D 159 -5.71 -9.86 -9.78
C GLY D 159 -4.58 -8.95 -9.36
N ILE D 160 -4.15 -9.17 -8.11
CA ILE D 160 -3.18 -8.30 -7.46
C ILE D 160 -2.19 -9.10 -6.65
N ASN D 161 -1.09 -8.45 -6.28
CA ASN D 161 -0.11 -9.06 -5.38
C ASN D 161 -0.48 -8.94 -3.90
N HIS D 162 0.00 -9.92 -3.14
CA HIS D 162 0.16 -9.82 -1.70
C HIS D 162 1.63 -9.56 -1.42
N ARG D 163 1.97 -8.97 -0.28
CA ARG D 163 3.38 -8.65 0.05
C ARG D 163 4.26 -9.92 0.04
N LEU D 164 3.65 -11.02 0.48
CA LEU D 164 4.27 -12.33 0.52
C LEU D 164 4.23 -13.14 -0.79
N GLY D 165 3.49 -12.69 -1.77
CA GLY D 165 3.49 -13.44 -3.01
C GLY D 165 2.74 -12.81 -4.15
N LYS D 166 3.16 -13.22 -5.33
CA LYS D 166 2.66 -12.69 -6.57
C LYS D 166 1.26 -13.19 -6.95
N ASN D 167 0.41 -12.29 -7.41
CA ASN D 167 -0.93 -12.59 -7.96
C ASN D 167 -1.74 -13.57 -7.08
N LEU D 168 -1.66 -13.39 -5.77
CA LEU D 168 -2.29 -14.35 -4.87
C LEU D 168 -3.74 -14.08 -4.61
N ILE D 169 -4.26 -12.94 -5.09
CA ILE D 169 -5.66 -12.59 -4.98
C ILE D 169 -6.12 -12.12 -6.34
N GLY D 170 -7.21 -12.71 -6.83
CA GLY D 170 -7.79 -12.30 -8.11
C GLY D 170 -9.01 -13.08 -8.55
N ALA D 171 -9.21 -13.06 -9.85
CA ALA D 171 -10.33 -13.77 -10.46
C ALA D 171 -9.97 -14.14 -11.87
N PHE D 172 -10.55 -15.25 -12.29
CA PHE D 172 -10.63 -15.60 -13.69
C PHE D 172 -11.80 -14.85 -14.28
N TYR D 173 -11.55 -13.95 -15.20
CA TYR D 173 -12.60 -13.04 -15.63
C TYR D 173 -12.26 -12.47 -16.99
N GLN D 174 -13.00 -12.85 -18.03
CA GLN D 174 -12.65 -12.52 -19.42
C GLN D 174 -13.16 -11.15 -19.86
N PRO D 175 -12.37 -10.46 -20.70
CA PRO D 175 -12.76 -9.20 -21.28
C PRO D 175 -13.76 -9.41 -22.41
N GLN D 176 -14.44 -8.34 -22.81
CA GLN D 176 -15.27 -8.36 -24.02
C GLN D 176 -14.44 -8.42 -25.31
N CYS D 177 -13.26 -7.81 -25.31
CA CYS D 177 -12.32 -7.95 -26.42
C CYS D 177 -10.94 -7.49 -26.03
N VAL D 178 -10.00 -7.63 -26.94
CA VAL D 178 -8.69 -7.09 -26.70
C VAL D 178 -8.28 -6.28 -27.92
N LEU D 179 -7.73 -5.10 -27.67
CA LEU D 179 -7.44 -4.15 -28.72
C LEU D 179 -5.95 -3.81 -28.74
N ILE D 180 -5.22 -4.47 -29.61
CA ILE D 180 -3.81 -4.29 -29.68
C ILE D 180 -3.54 -3.37 -30.84
N ASP D 181 -3.20 -2.13 -30.53
CA ASP D 181 -2.72 -1.18 -31.53
C ASP D 181 -1.22 -1.22 -31.42
N THR D 182 -0.63 -1.79 -32.46
CA THR D 182 0.82 -1.86 -32.65
C THR D 182 1.52 -0.51 -32.49
N ASP D 183 0.86 0.56 -32.91
CA ASP D 183 1.46 1.90 -32.80
C ASP D 183 1.90 2.29 -31.37
N THR D 184 1.20 1.79 -30.35
CA THR D 184 1.46 2.23 -28.99
C THR D 184 2.82 1.81 -28.51
N LEU D 185 3.45 0.86 -29.20
CA LEU D 185 4.82 0.43 -28.83
C LEU D 185 5.88 1.47 -29.17
N ASN D 186 5.51 2.46 -29.98
CA ASN D 186 6.48 3.48 -30.38
C ASN D 186 6.90 4.37 -29.22
N THR D 187 6.02 4.54 -28.22
CA THR D 187 6.35 5.34 -27.02
C THR D 187 6.92 4.48 -25.93
N LEU D 188 6.83 3.17 -26.07
CA LEU D 188 7.42 2.24 -25.12
C LEU D 188 8.95 2.26 -25.21
N PRO D 189 9.63 2.42 -24.06
CA PRO D 189 11.10 2.38 -23.98
C PRO D 189 11.69 0.99 -24.24
N ASP D 190 12.97 0.99 -24.67
CA ASP D 190 13.70 -0.26 -25.00
C ASP D 190 13.67 -1.31 -23.90
N ARG D 191 13.85 -0.88 -22.66
CA ARG D 191 13.93 -1.85 -21.56
C ARG D 191 12.63 -2.64 -21.44
N GLU D 192 11.52 -1.90 -21.48
CA GLU D 192 10.18 -2.48 -21.45
C GLU D 192 9.92 -3.44 -22.63
N LEU D 193 10.38 -3.04 -23.81
CA LEU D 193 10.19 -3.81 -25.03
C LEU D 193 10.87 -5.15 -24.90
N ALA D 194 12.14 -5.10 -24.55
CA ALA D 194 12.92 -6.29 -24.30
C ALA D 194 12.19 -7.21 -23.36
N SER D 195 11.88 -6.72 -22.16
CA SER D 195 11.22 -7.52 -21.12
C SER D 195 9.97 -8.23 -21.63
N GLY D 196 9.20 -7.57 -22.49
CA GLY D 196 8.09 -8.25 -23.14
C GLY D 196 8.47 -9.47 -23.98
N LEU D 197 9.65 -9.44 -24.61
CA LEU D 197 10.09 -10.54 -25.49
C LEU D 197 10.31 -11.85 -24.67
N ALA D 198 10.52 -11.73 -23.37
CA ALA D 198 10.62 -12.91 -22.53
C ALA D 198 9.49 -13.89 -22.77
N GLU D 199 8.25 -13.39 -22.90
CA GLU D 199 7.10 -14.27 -22.93
C GLU D 199 6.87 -14.89 -24.29
N VAL D 200 7.26 -14.12 -25.30
CA VAL D 200 7.35 -14.61 -26.67
C VAL D 200 8.28 -15.82 -26.72
N VAL D 201 9.46 -15.69 -26.14
CA VAL D 201 10.40 -16.82 -26.09
C VAL D 201 9.75 -18.05 -25.44
N LYS D 202 9.04 -17.80 -24.33
CA LYS D 202 8.43 -18.83 -23.53
C LYS D 202 7.53 -19.71 -24.35
N TYR D 203 6.65 -19.08 -25.12
CA TYR D 203 5.76 -19.82 -25.99
C TYR D 203 6.52 -20.85 -26.86
N GLY D 204 7.65 -20.43 -27.41
CA GLY D 204 8.49 -21.32 -28.20
C GLY D 204 8.98 -22.53 -27.44
N LEU D 205 9.57 -22.31 -26.27
CA LEU D 205 10.10 -23.43 -25.51
C LEU D 205 9.01 -24.39 -25.04
N ILE D 206 7.90 -23.85 -24.54
CA ILE D 206 6.83 -24.70 -24.04
C ILE D 206 6.09 -25.55 -25.08
N ARG D 207 5.70 -24.94 -26.20
CA ARG D 207 4.98 -25.68 -27.24
C ARG D 207 5.24 -25.27 -28.69
N ASP D 208 6.19 -24.38 -28.92
CA ASP D 208 6.36 -23.82 -30.26
C ASP D 208 7.79 -23.85 -30.80
N ALA D 209 8.25 -25.01 -31.24
CA ALA D 209 9.59 -25.15 -31.80
C ALA D 209 9.76 -24.31 -33.07
N ASN D 210 8.74 -24.31 -33.92
CA ASN D 210 8.78 -23.54 -35.17
C ASN D 210 8.86 -22.04 -34.91
N PHE D 211 8.09 -21.58 -33.92
CA PHE D 211 8.10 -20.19 -33.51
C PHE D 211 9.42 -19.82 -32.86
N PHE D 212 9.95 -20.71 -32.03
CA PHE D 212 11.22 -20.45 -31.41
C PHE D 212 12.33 -20.24 -32.46
N GLU D 213 12.21 -21.00 -33.56
CA GLU D 213 13.20 -20.98 -34.64
C GLU D 213 13.13 -19.71 -35.44
N TRP D 214 11.91 -19.32 -35.80
CA TRP D 214 11.64 -17.98 -36.30
C TRP D 214 12.21 -16.90 -35.38
N GLN D 215 11.95 -17.06 -34.07
CA GLN D 215 12.43 -16.09 -33.11
C GLN D 215 13.97 -15.99 -33.15
N GLU D 216 14.64 -17.13 -33.21
CA GLU D 216 16.10 -17.14 -33.36
C GLU D 216 16.58 -16.33 -34.58
N LYS D 217 15.90 -16.45 -35.71
CA LYS D 217 16.21 -15.64 -36.90
C LYS D 217 15.84 -14.17 -36.71
N ASN D 218 14.64 -13.93 -36.19
CA ASN D 218 14.06 -12.59 -36.22
C ASN D 218 14.20 -11.75 -34.95
N MET D 219 14.98 -12.24 -33.98
CA MET D 219 15.15 -11.50 -32.73
C MET D 219 15.80 -10.13 -32.92
N PRO D 220 16.78 -10.01 -33.83
CA PRO D 220 17.37 -8.67 -34.06
C PRO D 220 16.39 -7.65 -34.64
N ALA D 221 15.54 -8.11 -35.55
CA ALA D 221 14.48 -7.31 -36.13
C ALA D 221 13.45 -6.83 -35.10
N LEU D 222 13.07 -7.74 -34.19
CA LEU D 222 12.17 -7.40 -33.08
C LEU D 222 12.81 -6.32 -32.23
N MET D 223 14.11 -6.49 -31.96
CA MET D 223 14.85 -5.52 -31.18
C MET D 223 14.99 -4.20 -31.92
N ALA D 224 15.08 -4.26 -33.25
CA ALA D 224 15.11 -3.03 -34.08
C ALA D 224 13.71 -2.48 -34.31
N ARG D 225 12.75 -3.01 -33.54
CA ARG D 225 11.35 -2.61 -33.63
C ARG D 225 10.73 -2.69 -35.02
N ASP D 226 11.22 -3.59 -35.88
CA ASP D 226 10.57 -3.74 -37.17
C ASP D 226 9.09 -4.05 -36.93
N PRO D 227 8.19 -3.34 -37.63
CA PRO D 227 6.75 -3.54 -37.42
C PRO D 227 6.20 -4.92 -37.76
N SER D 228 6.71 -5.56 -38.81
CA SER D 228 6.18 -6.86 -39.22
C SER D 228 6.67 -7.99 -38.33
N ALA D 229 7.93 -7.92 -37.92
CA ALA D 229 8.44 -8.85 -36.91
C ALA D 229 7.56 -8.77 -35.65
N LEU D 230 7.44 -7.58 -35.06
CA LEU D 230 6.60 -7.36 -33.88
C LEU D 230 5.14 -7.85 -34.08
N ALA D 231 4.51 -7.47 -35.18
CA ALA D 231 3.15 -7.89 -35.46
C ALA D 231 3.01 -9.42 -35.46
N TYR D 232 4.00 -10.11 -36.05
CA TYR D 232 3.91 -11.56 -36.17
C TYR D 232 4.10 -12.22 -34.81
N ALA D 233 5.03 -11.72 -34.00
CA ALA D 233 5.25 -12.28 -32.65
C ALA D 233 4.01 -12.10 -31.79
N ILE D 234 3.32 -10.99 -31.96
CA ILE D 234 2.11 -10.73 -31.23
C ILE D 234 0.99 -11.68 -31.64
N LYS D 235 0.73 -11.76 -32.94
CA LYS D 235 -0.27 -12.71 -33.49
C LYS D 235 -0.01 -14.15 -33.02
N ARG D 236 1.25 -14.54 -33.06
CA ARG D 236 1.62 -15.94 -32.83
C ARG D 236 1.67 -16.26 -31.33
N SER D 237 2.12 -15.30 -30.54
CA SER D 237 1.94 -15.34 -29.11
C SER D 237 0.45 -15.54 -28.75
N CYS D 238 -0.40 -14.62 -29.20
CA CYS D 238 -1.84 -14.70 -28.97
C CYS D 238 -2.49 -15.96 -29.46
N GLU D 239 -2.01 -16.50 -30.59
CA GLU D 239 -2.57 -17.76 -31.08
C GLU D 239 -2.26 -18.85 -30.08
N ASN D 240 -1.02 -18.90 -29.65
CA ASN D 240 -0.64 -19.84 -28.62
C ASN D 240 -1.54 -19.74 -27.39
N LYS D 241 -1.64 -18.56 -26.81
CA LYS D 241 -2.30 -18.44 -25.53
C LYS D 241 -3.78 -18.70 -25.66
N ALA D 242 -4.41 -18.17 -26.72
CA ALA D 242 -5.84 -18.39 -26.94
C ALA D 242 -6.18 -19.88 -27.13
N GLU D 243 -5.28 -20.66 -27.69
CA GLU D 243 -5.53 -22.10 -27.81
C GLU D 243 -5.57 -22.73 -26.41
N VAL D 244 -4.51 -22.47 -25.66
CA VAL D 244 -4.35 -22.99 -24.30
C VAL D 244 -5.46 -22.54 -23.36
N VAL D 245 -5.82 -21.26 -23.42
CA VAL D 245 -6.89 -20.71 -22.56
C VAL D 245 -8.24 -21.32 -22.91
N SER D 246 -8.52 -21.48 -24.20
CA SER D 246 -9.72 -22.22 -24.65
C SER D 246 -9.81 -23.65 -24.12
N LEU D 247 -8.67 -24.34 -24.09
CA LEU D 247 -8.65 -25.71 -23.59
C LEU D 247 -8.78 -25.79 -22.06
N ASP D 248 -8.11 -24.87 -21.36
CA ASP D 248 -8.09 -24.87 -19.89
C ASP D 248 -8.21 -23.46 -19.27
N GLU D 249 -9.37 -22.84 -19.43
CA GLU D 249 -9.64 -21.51 -18.82
C GLU D 249 -9.17 -21.35 -17.36
N LYS D 250 -9.53 -22.27 -16.49
CA LYS D 250 -9.36 -22.05 -15.05
C LYS D 250 -8.26 -22.91 -14.44
N GLU D 251 -7.34 -23.31 -15.32
CA GLU D 251 -6.15 -24.05 -14.92
C GLU D 251 -6.37 -25.33 -14.12
N SER D 252 -7.16 -26.23 -14.68
CA SER D 252 -7.25 -27.61 -14.25
C SER D 252 -5.97 -28.37 -14.49
N GLY D 253 -5.34 -28.12 -15.63
CA GLY D 253 -4.06 -28.73 -15.93
C GLY D 253 -3.17 -27.93 -16.85
N LEU D 254 -3.61 -27.89 -18.09
CA LEU D 254 -2.83 -27.52 -19.25
C LEU D 254 -2.33 -26.08 -19.23
N ARG D 255 -3.14 -25.19 -18.70
CA ARG D 255 -2.81 -23.78 -18.67
C ARG D 255 -1.54 -23.51 -17.89
N ALA D 256 -1.29 -24.29 -16.85
CA ALA D 256 -0.09 -24.07 -16.06
C ALA D 256 1.19 -24.07 -16.91
N THR D 257 1.16 -24.73 -18.06
CA THR D 257 2.33 -24.77 -18.97
C THR D 257 2.81 -23.36 -19.32
N LEU D 258 1.91 -22.38 -19.27
CA LEU D 258 2.30 -21.00 -19.54
C LEU D 258 3.24 -20.40 -18.49
N ASN D 259 3.52 -21.11 -17.41
CA ASN D 259 4.29 -20.63 -16.25
C ASN D 259 5.77 -21.04 -16.22
N LEU D 260 6.30 -21.47 -17.37
CA LEU D 260 7.73 -21.77 -17.50
C LEU D 260 8.55 -20.57 -17.05
N GLY D 261 9.38 -20.75 -16.04
CA GLY D 261 10.15 -19.65 -15.45
C GLY D 261 9.43 -18.88 -14.35
N HIS D 262 8.10 -18.97 -14.29
CA HIS D 262 7.31 -18.11 -13.43
C HIS D 262 7.37 -18.48 -11.94
N THR D 263 7.50 -19.75 -11.61
CA THR D 263 7.76 -20.10 -10.23
C THR D 263 9.02 -19.37 -9.75
N PHE D 264 10.07 -19.42 -10.57
CA PHE D 264 11.35 -18.79 -10.24
C PHE D 264 11.26 -17.27 -10.37
N GLY D 265 10.60 -16.77 -11.42
CA GLY D 265 10.43 -15.35 -11.62
C GLY D 265 9.61 -14.66 -10.53
N HIS D 266 8.49 -15.27 -10.15
CA HIS D 266 7.65 -14.68 -9.08
C HIS D 266 8.39 -14.56 -7.80
N ALA D 267 9.20 -15.58 -7.52
CA ALA D 267 10.08 -15.61 -6.36
C ALA D 267 11.13 -14.49 -6.43
N ILE D 268 11.62 -14.21 -7.63
CA ILE D 268 12.54 -13.10 -7.81
C ILE D 268 11.80 -11.80 -7.54
N GLU D 269 10.62 -11.65 -8.14
CA GLU D 269 9.86 -10.43 -7.97
C GLU D 269 9.54 -10.12 -6.51
N THR D 270 8.96 -11.07 -5.78
CA THR D 270 8.62 -10.88 -4.37
C THR D 270 9.85 -10.83 -3.51
N GLY D 271 10.88 -11.54 -3.93
CA GLY D 271 12.05 -11.80 -3.12
C GLY D 271 12.97 -10.62 -3.10
N PHE D 272 13.10 -10.02 -4.27
CA PHE D 272 14.04 -8.93 -4.53
C PHE D 272 13.36 -7.56 -4.43
N GLY D 273 12.07 -7.52 -4.74
CA GLY D 273 11.22 -6.35 -4.50
C GLY D 273 10.34 -6.03 -5.68
N TYR D 274 9.03 -5.95 -5.44
CA TYR D 274 8.09 -5.64 -6.52
C TYR D 274 8.55 -4.40 -7.33
N GLY D 275 8.81 -4.59 -8.62
CA GLY D 275 9.20 -3.47 -9.51
C GLY D 275 10.69 -3.16 -9.62
N GLN D 276 11.51 -3.73 -8.76
CA GLN D 276 12.94 -3.57 -8.85
C GLN D 276 13.45 -4.07 -10.20
N TRP D 277 12.95 -5.24 -10.62
CA TRP D 277 13.11 -5.78 -11.98
C TRP D 277 11.78 -5.76 -12.71
N LEU D 278 11.82 -5.76 -14.03
CA LEU D 278 10.58 -5.86 -14.81
C LEU D 278 10.11 -7.31 -14.77
N HIS D 279 8.81 -7.52 -14.88
CA HIS D 279 8.27 -8.86 -14.82
C HIS D 279 8.95 -9.76 -15.88
N GLY D 280 9.04 -9.25 -17.11
CA GLY D 280 9.74 -9.93 -18.22
C GLY D 280 11.18 -10.31 -17.90
N GLU D 281 11.89 -9.43 -17.21
CA GLU D 281 13.24 -9.69 -16.72
C GLU D 281 13.28 -10.83 -15.72
N ALA D 282 12.38 -10.81 -14.73
CA ALA D 282 12.25 -11.93 -13.80
C ALA D 282 11.98 -13.27 -14.51
N VAL D 283 11.15 -13.26 -15.53
CA VAL D 283 10.79 -14.45 -16.24
C VAL D 283 12.01 -14.99 -17.03
N ALA D 284 12.79 -14.10 -17.64
CA ALA D 284 13.99 -14.46 -18.39
C ALA D 284 14.95 -15.28 -17.52
N ALA D 285 15.44 -14.70 -16.44
CA ALA D 285 16.18 -15.45 -15.42
C ALA D 285 15.44 -16.69 -14.88
N GLY D 286 14.13 -16.68 -14.79
CA GLY D 286 13.41 -17.86 -14.27
C GLY D 286 13.43 -19.06 -15.23
N MET D 287 13.20 -18.75 -16.48
CA MET D 287 13.26 -19.72 -17.54
C MET D 287 14.62 -20.39 -17.59
N VAL D 288 15.67 -19.59 -17.52
CA VAL D 288 17.03 -20.12 -17.45
C VAL D 288 17.19 -21.08 -16.28
N MET D 289 16.73 -20.66 -15.10
CA MET D 289 16.78 -21.55 -13.96
C MET D 289 16.04 -22.87 -14.25
N ALA D 290 14.88 -22.77 -14.88
CA ALA D 290 14.10 -23.95 -15.23
C ALA D 290 14.78 -24.81 -16.32
N VAL D 291 15.54 -24.16 -17.21
CA VAL D 291 16.28 -24.80 -18.27
C VAL D 291 17.40 -25.54 -17.59
N ASP D 292 18.16 -24.87 -16.73
CA ASP D 292 19.18 -25.51 -15.91
C ASP D 292 18.60 -26.74 -15.20
N MET D 293 17.56 -26.56 -14.40
CA MET D 293 16.96 -27.71 -13.68
C MET D 293 16.49 -28.82 -14.63
N SER D 294 15.85 -28.45 -15.75
CA SER D 294 15.42 -29.48 -16.73
C SER D 294 16.61 -30.33 -17.22
N TYR D 295 17.74 -29.67 -17.49
CA TYR D 295 18.97 -30.32 -17.94
C TYR D 295 19.54 -31.20 -16.86
N ARG D 296 19.66 -30.63 -15.65
CA ARG D 296 20.13 -31.36 -14.48
C ARG D 296 19.37 -32.64 -14.28
N LEU D 297 18.07 -32.65 -14.62
CA LEU D 297 17.27 -33.86 -14.49
C LEU D 297 17.56 -34.89 -15.59
N GLY D 298 18.35 -34.50 -16.60
CA GLY D 298 18.62 -35.34 -17.76
C GLY D 298 17.48 -35.33 -18.76
N TRP D 299 16.63 -34.32 -18.70
CA TRP D 299 15.37 -34.33 -19.42
C TRP D 299 15.50 -33.63 -20.74
N ILE D 300 16.50 -32.76 -20.84
CA ILE D 300 16.77 -32.08 -22.08
C ILE D 300 18.22 -32.11 -22.48
N ASP D 301 18.37 -31.98 -23.78
CA ASP D 301 19.61 -31.77 -24.49
C ASP D 301 20.38 -30.54 -24.01
N GLU D 302 21.68 -30.55 -24.21
CA GLU D 302 22.51 -29.36 -23.97
C GLU D 302 22.31 -28.25 -25.01
N SER D 303 21.86 -28.62 -26.21
CA SER D 303 21.59 -27.64 -27.28
C SER D 303 20.45 -26.68 -26.94
N ILE D 304 19.44 -27.17 -26.22
CA ILE D 304 18.33 -26.37 -25.68
C ILE D 304 18.82 -25.34 -24.65
N VAL D 305 19.63 -25.77 -23.66
CA VAL D 305 20.28 -24.83 -22.73
C VAL D 305 20.94 -23.67 -23.47
N ASN D 306 21.72 -23.98 -24.52
CA ASN D 306 22.45 -22.93 -25.24
C ASN D 306 21.58 -22.12 -26.16
N ARG D 307 20.55 -22.72 -26.75
CA ARG D 307 19.59 -21.96 -27.56
C ARG D 307 18.74 -21.06 -26.66
N ALA D 308 18.26 -21.58 -25.53
CA ALA D 308 17.55 -20.75 -24.55
C ALA D 308 18.43 -19.59 -24.08
N HIS D 309 19.66 -19.90 -23.70
CA HIS D 309 20.58 -18.86 -23.29
C HIS D 309 20.79 -17.80 -24.39
N ASN D 310 20.97 -18.23 -25.64
CA ASN D 310 21.38 -17.30 -26.72
C ASN D 310 20.26 -16.41 -27.23
N ILE D 311 19.07 -16.99 -27.33
CA ILE D 311 17.87 -16.21 -27.67
C ILE D 311 17.64 -15.08 -26.64
N LEU D 312 17.91 -15.32 -25.35
CA LEU D 312 17.67 -14.30 -24.30
C LEU D 312 18.78 -13.29 -24.27
N GLN D 313 19.98 -13.74 -24.55
CA GLN D 313 21.09 -12.81 -24.71
C GLN D 313 20.83 -11.92 -25.92
N GLN D 314 20.28 -12.46 -27.00
CA GLN D 314 20.02 -11.62 -28.18
C GLN D 314 18.98 -10.54 -27.80
N ALA D 315 18.15 -10.88 -26.83
CA ALA D 315 17.11 -10.00 -26.34
C ALA D 315 17.57 -9.08 -25.20
N LYS D 316 18.87 -9.07 -24.92
CA LYS D 316 19.46 -8.31 -23.81
C LYS D 316 18.72 -8.51 -22.49
N LEU D 317 18.34 -9.75 -22.20
CA LEU D 317 17.58 -10.08 -20.99
C LEU D 317 18.47 -10.82 -20.03
N PRO D 318 18.19 -10.69 -18.72
CA PRO D 318 19.03 -11.38 -17.75
C PRO D 318 18.89 -12.89 -17.82
N THR D 319 19.98 -13.55 -17.52
CA THR D 319 20.07 -14.99 -17.57
C THR D 319 20.51 -15.45 -16.20
N ALA D 320 20.50 -14.53 -15.25
CA ALA D 320 20.76 -14.87 -13.87
C ALA D 320 19.82 -14.02 -13.01
N PRO D 321 19.41 -14.53 -11.83
CA PRO D 321 18.63 -13.75 -10.86
C PRO D 321 19.43 -12.60 -10.29
N PRO D 322 18.80 -11.71 -9.52
CA PRO D 322 19.56 -10.65 -8.87
C PRO D 322 20.48 -11.24 -7.84
N GLU D 323 21.66 -10.66 -7.67
CA GLU D 323 22.75 -11.23 -6.85
C GLU D 323 22.45 -11.33 -5.35
N THR D 324 21.39 -10.67 -4.91
CA THR D 324 20.97 -10.66 -3.50
C THR D 324 19.96 -11.76 -3.18
N MET D 325 19.47 -12.46 -4.20
CA MET D 325 18.58 -13.58 -3.99
C MET D 325 19.33 -14.70 -3.26
N THR D 326 18.65 -15.36 -2.34
CA THR D 326 19.21 -16.49 -1.64
C THR D 326 18.38 -17.73 -1.92
N VAL D 327 18.90 -18.86 -1.50
CA VAL D 327 18.18 -20.10 -1.62
C VAL D 327 16.92 -20.08 -0.74
N GLU D 328 17.06 -19.71 0.52
CA GLU D 328 15.88 -19.62 1.40
C GLU D 328 14.77 -18.71 0.89
N MET D 329 15.13 -17.57 0.31
CA MET D 329 14.11 -16.65 -0.22
C MET D 329 13.41 -17.32 -1.40
N PHE D 330 14.19 -17.89 -2.32
CA PHE D 330 13.59 -18.67 -3.41
C PHE D 330 12.60 -19.69 -2.89
N LYS D 331 13.01 -20.49 -1.90
CA LYS D 331 12.18 -21.59 -1.39
C LYS D 331 10.94 -21.12 -0.63
N SER D 332 11.09 -20.05 0.15
CA SER D 332 10.00 -19.50 0.96
C SER D 332 8.93 -18.82 0.11
N VAL D 333 9.33 -18.29 -1.05
CA VAL D 333 8.37 -17.66 -1.95
C VAL D 333 7.75 -18.69 -2.92
N MET D 334 8.52 -19.63 -3.43
CA MET D 334 7.95 -20.74 -4.18
C MET D 334 6.88 -21.53 -3.38
N ALA D 335 7.04 -21.57 -2.07
CA ALA D 335 6.05 -22.20 -1.18
C ALA D 335 4.62 -21.65 -1.28
N VAL D 336 4.44 -20.43 -1.76
CA VAL D 336 3.11 -19.90 -1.98
C VAL D 336 2.76 -19.79 -3.46
N ASP D 337 3.59 -20.40 -4.33
CA ASP D 337 3.26 -20.49 -5.75
C ASP D 337 1.90 -21.17 -5.91
N LYS D 338 1.16 -20.79 -6.95
CA LYS D 338 -0.20 -21.31 -7.15
C LYS D 338 -0.26 -22.64 -7.87
N LYS D 339 0.88 -23.27 -8.12
CA LYS D 339 0.94 -24.64 -8.65
C LYS D 339 1.22 -25.65 -7.53
N VAL D 340 1.48 -25.15 -6.35
CA VAL D 340 1.40 -26.00 -5.17
C VAL D 340 -0.01 -26.57 -5.08
N ALA D 341 -0.09 -27.90 -4.96
CA ALA D 341 -1.35 -28.62 -4.76
C ALA D 341 -1.17 -29.61 -3.60
N ASP D 342 -1.93 -29.37 -2.54
CA ASP D 342 -1.87 -30.12 -1.29
C ASP D 342 -0.48 -30.18 -0.73
N GLY D 343 0.20 -29.03 -0.75
CA GLY D 343 1.62 -28.97 -0.38
C GLY D 343 2.64 -29.33 -1.45
N LEU D 344 2.27 -30.07 -2.49
CA LEU D 344 3.25 -30.54 -3.45
C LEU D 344 3.58 -29.44 -4.45
N LEU D 345 4.81 -28.98 -4.46
CA LEU D 345 5.22 -27.97 -5.44
C LEU D 345 5.40 -28.58 -6.82
N ARG D 346 4.51 -28.24 -7.73
CA ARG D 346 4.59 -28.66 -9.14
C ARG D 346 5.21 -27.55 -9.98
N LEU D 347 6.07 -27.94 -10.91
CA LEU D 347 6.87 -26.98 -11.67
C LEU D 347 6.63 -27.21 -13.14
N ILE D 348 6.94 -26.21 -13.94
CA ILE D 348 6.98 -26.40 -15.39
C ILE D 348 8.43 -26.63 -15.78
N LEU D 349 8.68 -27.78 -16.37
CA LEU D 349 10.04 -28.16 -16.76
C LEU D 349 10.06 -28.57 -18.22
N LEU D 350 11.23 -28.42 -18.84
CA LEU D 350 11.45 -28.88 -20.23
C LEU D 350 11.84 -30.37 -20.27
N LYS D 351 11.25 -31.10 -21.22
CA LYS D 351 11.45 -32.54 -21.35
C LYS D 351 11.37 -32.90 -22.83
N GLY D 352 12.35 -33.64 -23.33
CA GLY D 352 12.38 -34.00 -24.76
C GLY D 352 12.88 -32.88 -25.65
N PRO D 353 12.64 -32.99 -26.98
CA PRO D 353 13.06 -31.96 -27.96
C PRO D 353 12.50 -30.56 -27.71
N LEU D 354 13.10 -29.56 -28.36
CA LEU D 354 12.63 -28.19 -28.29
C LEU D 354 11.11 -28.15 -28.54
N GLY D 355 10.41 -27.41 -27.69
CA GLY D 355 8.98 -27.19 -27.88
C GLY D 355 8.13 -28.11 -27.05
N ASN D 356 8.72 -28.76 -26.07
CA ASN D 356 8.02 -29.71 -25.23
C ASN D 356 8.29 -29.36 -23.79
N CYS D 357 7.26 -29.39 -22.97
CA CYS D 357 7.38 -29.05 -21.56
C CYS D 357 6.40 -29.90 -20.83
N VAL D 358 6.60 -30.03 -19.52
CA VAL D 358 5.64 -30.72 -18.71
C VAL D 358 5.36 -29.91 -17.43
N PHE D 359 4.11 -29.98 -16.99
CA PHE D 359 3.62 -29.49 -15.70
C PHE D 359 3.61 -30.74 -14.82
N THR D 360 4.52 -30.80 -13.86
CA THR D 360 4.78 -32.05 -13.16
C THR D 360 5.19 -31.88 -11.69
N GLY D 361 4.78 -32.82 -10.87
CA GLY D 361 5.25 -32.93 -9.48
C GLY D 361 6.32 -34.00 -9.27
N ASP D 362 6.51 -34.81 -10.31
CA ASP D 362 7.50 -35.87 -10.32
C ASP D 362 8.83 -35.40 -10.92
N TYR D 363 9.63 -34.73 -10.10
CA TYR D 363 11.00 -34.41 -10.46
C TYR D 363 11.86 -34.73 -9.23
N ASP D 364 13.16 -34.84 -9.43
CA ASP D 364 14.10 -35.01 -8.35
C ASP D 364 14.29 -33.66 -7.65
N ARG D 365 13.88 -33.57 -6.38
CA ARG D 365 14.06 -32.36 -5.58
C ARG D 365 15.51 -31.97 -5.37
N LYS D 366 16.44 -32.93 -5.45
CA LYS D 366 17.87 -32.57 -5.48
C LYS D 366 18.24 -31.73 -6.70
N ALA D 367 17.56 -31.91 -7.81
CA ALA D 367 17.86 -31.11 -9.00
C ALA D 367 17.49 -29.63 -8.76
N LEU D 368 16.32 -29.42 -8.17
CA LEU D 368 15.87 -28.09 -7.73
C LEU D 368 16.86 -27.44 -6.78
N ASP D 369 17.29 -28.19 -5.76
CA ASP D 369 18.28 -27.69 -4.79
C ASP D 369 19.63 -27.34 -5.46
N GLU D 370 20.09 -28.20 -6.36
CA GLU D 370 21.32 -27.90 -7.10
C GLU D 370 21.13 -26.64 -7.92
N THR D 371 19.96 -26.52 -8.54
CA THR D 371 19.64 -25.34 -9.37
C THR D 371 19.68 -24.01 -8.58
N LEU D 372 19.05 -23.96 -7.40
CA LEU D 372 19.08 -22.74 -6.60
C LEU D 372 20.50 -22.35 -6.21
N HIS D 373 21.25 -23.30 -5.63
CA HIS D 373 22.66 -23.11 -5.25
C HIS D 373 23.58 -22.69 -6.39
N ALA D 374 23.36 -23.21 -7.58
CA ALA D 374 24.15 -22.79 -8.73
C ALA D 374 23.94 -21.31 -9.09
N PHE D 375 22.76 -20.75 -8.80
CA PHE D 375 22.47 -19.37 -9.19
C PHE D 375 22.55 -18.35 -8.07
N CYS D 376 22.42 -18.78 -6.81
CA CYS D 376 22.46 -17.90 -5.64
C CYS D 376 23.78 -17.93 -4.91
N LYS D 377 24.31 -16.75 -4.56
CA LYS D 377 25.58 -16.66 -3.84
C LYS D 377 25.52 -17.12 -2.35
N SER D 378 24.33 -17.26 -1.77
CA SER D 378 24.15 -17.73 -0.37
C SER D 378 22.78 -18.38 -0.13
P PO4 E . 23.11 17.27 -2.74
O1 PO4 E . 24.25 17.85 -3.56
O2 PO4 E . 23.65 16.20 -1.82
O3 PO4 E . 22.21 16.68 -3.77
O4 PO4 E . 22.35 18.25 -1.93
P PO4 F . 25.86 14.94 -4.38
O1 PO4 F . 27.37 14.90 -4.47
O2 PO4 F . 25.26 13.66 -4.88
O3 PO4 F . 25.31 16.05 -5.24
O4 PO4 F . 25.42 15.16 -2.94
P PO4 G . 26.87 24.39 -10.87
O1 PO4 G . 26.39 24.94 -12.19
O2 PO4 G . 26.80 22.88 -10.96
O3 PO4 G . 25.92 24.90 -9.79
O4 PO4 G . 28.32 24.83 -10.68
PA NAD H . 29.24 3.70 -5.15
O1A NAD H . 28.70 3.76 -3.76
O2A NAD H . 28.39 3.18 -6.23
O5B NAD H . 30.59 2.85 -5.17
C5B NAD H . 31.33 2.71 -6.37
C4B NAD H . 31.46 1.26 -6.82
O4B NAD H . 32.58 0.65 -6.20
C3B NAD H . 30.27 0.41 -6.44
O3B NAD H . 30.13 -0.58 -7.45
C2B NAD H . 30.71 -0.28 -5.17
O2B NAD H . 30.08 -1.53 -5.03
C1B NAD H . 32.17 -0.48 -5.43
N9A NAD H . 32.99 -0.40 -4.23
C8A NAD H . 32.79 0.40 -3.20
N7A NAD H . 33.77 0.23 -2.28
C5A NAD H . 34.62 -0.68 -2.76
C6A NAD H . 35.87 -1.32 -2.33
N6A NAD H . 36.44 -1.02 -1.15
N1A NAD H . 36.43 -2.22 -3.14
C2A NAD H . 35.89 -2.54 -4.33
N3A NAD H . 34.76 -2.01 -4.78
C4A NAD H . 34.09 -1.09 -4.06
O3 NAD H . 29.72 5.11 -5.70
PN NAD H . 30.33 6.38 -4.98
O1N NAD H . 31.47 6.84 -5.80
O2N NAD H . 30.51 6.25 -3.50
O5D NAD H . 29.07 7.31 -5.27
C5D NAD H . 28.81 8.50 -4.57
C4D NAD H . 27.35 8.52 -4.16
O4D NAD H . 27.28 9.28 -2.98
C3D NAD H . 26.48 9.21 -5.18
O3D NAD H . 25.21 8.58 -5.13
C2D NAD H . 26.38 10.63 -4.68
O2D NAD H . 25.15 11.24 -4.98
C1D NAD H . 26.58 10.49 -3.19
N1N NAD H . 27.33 11.56 -2.59
C2N NAD H . 26.85 12.04 -1.46
C3N NAD H . 27.47 13.07 -0.79
C7N NAD H . 26.84 13.54 0.47
O7N NAD H . 27.16 14.59 0.97
N7N NAD H . 25.93 12.75 1.01
C4N NAD H . 28.64 13.59 -1.31
C5N NAD H . 29.13 13.06 -2.49
C6N NAD H . 28.46 12.04 -3.11
C1 PEG I . 13.82 26.99 -12.59
O1 PEG I . 14.37 26.94 -13.93
C2 PEG I . 12.83 25.85 -12.33
O2 PEG I . 12.05 26.04 -11.14
C3 PEG I . 10.66 25.68 -11.25
C4 PEG I . 9.91 26.77 -12.00
O4 PEG I . 8.51 26.48 -12.20
C1 PEG J . 13.16 14.54 -16.72
O1 PEG J . 13.12 14.74 -18.15
C2 PEG J . 12.26 15.58 -16.05
O2 PEG J . 12.83 16.08 -14.81
C3 PEG J . 11.84 16.42 -13.83
C4 PEG J . 10.87 17.52 -14.24
O4 PEG J . 9.82 17.56 -13.26
N GLY K . 28.03 16.76 -1.53
CA GLY K . 27.17 17.95 -1.31
C GLY K . 27.16 18.46 0.13
O GLY K . 27.61 17.78 1.04
OXT GLY K . 26.71 19.58 0.43
P PO4 L . 4.72 7.63 18.97
O1 PO4 L . 4.65 6.49 18.01
O2 PO4 L . 3.74 7.37 20.10
O3 PO4 L . 4.29 8.87 18.23
O4 PO4 L . 6.13 7.76 19.48
P PO4 M . 0.79 8.21 18.76
O1 PO4 M . 0.24 7.52 17.55
O2 PO4 M . 1.52 7.24 19.63
O3 PO4 M . -0.32 8.86 19.54
O4 PO4 M . 1.80 9.26 18.31
P PO4 N . 1.71 1.99 28.30
O1 PO4 N . 0.94 2.10 27.00
O2 PO4 N . 0.81 2.34 29.45
O3 PO4 N . 2.93 2.86 28.33
O4 PO4 N . 2.22 0.58 28.39
P PO4 O . -6.00 12.07 -8.70
O1 PO4 O . -6.03 12.20 -10.20
O2 PO4 O . -5.62 10.67 -8.29
O3 PO4 O . -7.38 12.32 -8.15
O4 PO4 O . -4.99 13.03 -8.10
PA NAD P . -7.70 10.57 10.92
O1A NAD P . -6.56 11.47 10.65
O2A NAD P . -7.84 9.28 10.22
O5B NAD P . -9.02 11.35 10.58
C5B NAD P . -10.22 10.95 11.20
C4B NAD P . -11.34 10.71 10.20
O4B NAD P . -12.17 11.86 10.16
C3B NAD P . -10.87 10.53 8.78
O3B NAD P . -11.90 9.82 8.12
C2B NAD P . -10.81 11.94 8.26
O2B NAD P . -10.87 12.03 6.84
C1B NAD P . -12.07 12.49 8.88
N9A NAD P . -12.02 13.93 9.18
C8A NAD P . -10.97 14.63 9.57
N7A NAD P . -11.30 15.91 9.78
C5A NAD P . -12.61 16.03 9.54
C6A NAD P . -13.63 17.10 9.58
N6A NAD P . -13.31 18.35 9.92
N1A NAD P . -14.88 16.79 9.23
C2A NAD P . -15.23 15.54 8.87
N3A NAD P . -14.37 14.53 8.83
C4A NAD P . -13.07 14.70 9.14
O3 NAD P . -7.92 10.34 12.48
PN NAD P . -7.20 10.99 13.75
O1N NAD P . -7.15 12.47 13.68
O2N NAD P . -7.82 10.33 14.93
O5D NAD P . -5.73 10.43 13.57
C5D NAD P . -4.95 9.90 14.61
C4D NAD P . -3.58 9.68 14.01
O4D NAD P . -2.69 10.66 14.50
C3D NAD P . -3.02 8.34 14.39
O3D NAD P . -2.40 7.80 13.24
C2D NAD P . -2.03 8.68 15.49
O2D NAD P . -0.92 7.79 15.56
C1D NAD P . -1.56 10.07 15.11
N1N NAD P . -1.13 10.81 16.28
C2N NAD P . 0.02 11.45 16.18
C3N NAD P . 0.53 12.19 17.22
C7N NAD P . 1.84 12.89 17.02
O7N NAD P . 2.48 13.30 17.97
N7N NAD P . 2.28 13.02 15.79
C4N NAD P . -0.18 12.27 18.40
C5N NAD P . -1.39 11.60 18.49
C6N NAD P . -1.84 10.87 17.40
O1 2PE Q . -7.82 11.32 -5.78
C2 2PE Q . -7.83 10.07 -5.06
C3 2PE Q . -8.22 10.19 -3.59
O4 2PE Q . -9.11 9.12 -3.25
C5 2PE Q . -8.47 7.84 -3.26
C6 2PE Q . -9.43 6.71 -2.95
O7 2PE Q . -8.70 5.73 -2.19
C8 2PE Q . -7.87 4.84 -2.91
C9 2PE Q . -6.44 4.99 -2.44
O10 2PE Q . -5.59 4.07 -3.12
C11 2PE Q . -4.66 4.66 -4.03
C12 2PE Q . -3.34 4.92 -3.33
O13 2PE Q . -2.72 6.05 -3.93
C14 2PE Q . -1.42 6.31 -3.41
C15 2PE Q . -0.37 5.83 -4.43
O16 2PE Q . 0.75 6.73 -4.39
C17 2PE Q . 1.66 6.73 -5.50
C18 2PE Q . 1.70 8.06 -6.23
O19 2PE Q . 1.29 8.00 -7.60
C20 2PE Q . 1.32 9.28 -8.25
C21 2PE Q . 0.23 9.41 -9.30
O22 2PE Q . -1.06 9.08 -8.76
C23 2PE Q . -2.18 9.40 -9.61
C24 2PE Q . -2.62 10.80 -9.24
O25 2PE Q . -3.26 11.45 -10.32
C1 PGE R . 7.14 -8.12 24.83
O1 PGE R . 6.79 -8.39 26.21
C2 PGE R . 8.15 -6.98 24.76
O2 PGE R . 9.48 -7.45 25.01
C3 PGE R . 10.53 -6.57 24.56
C4 PGE R . 11.40 -7.32 23.53
O4 PGE R . 14.31 -8.75 21.56
C6 PGE R . 13.01 -8.28 21.16
C5 PGE R . 12.76 -6.80 21.56
O3 PGE R . 11.52 -6.59 22.29
N GLY S . 1.80 11.06 21.21
CA GLY S . 3.14 11.17 20.60
C GLY S . 3.99 12.23 21.26
O GLY S . 5.01 11.93 21.87
OXT GLY S . 3.71 13.43 21.18
P PO4 T . -28.78 -9.11 0.23
O1 PO4 T . -28.00 -10.21 -0.44
O2 PO4 T . -29.97 -9.76 0.92
O3 PO4 T . -29.21 -8.10 -0.82
O4 PO4 T . -28.01 -8.39 1.32
P PO4 U . -27.57 -8.30 -3.39
O1 PO4 U . -27.41 -8.50 -4.88
O2 PO4 U . -26.85 -9.43 -2.63
O3 PO4 U . -29.04 -8.30 -3.06
O4 PO4 U . -26.96 -7.02 -2.93
P PO4 V . -37.59 -3.07 -4.11
O1 PO4 V . -36.91 -3.33 -5.45
O2 PO4 V . -38.70 -4.10 -3.92
O3 PO4 V . -38.26 -1.71 -4.19
O4 PO4 V . -36.65 -3.04 -2.93
PA NAD W . -25.11 -12.14 11.01
O1A NAD W . -24.27 -12.91 10.07
O2A NAD W . -24.59 -10.88 11.57
O5B NAD W . -25.48 -13.03 12.28
C5B NAD W . -26.32 -12.48 13.31
C4B NAD W . -25.76 -12.61 14.73
O4B NAD W . -25.99 -13.92 15.22
C3B NAD W . -24.26 -12.40 14.88
O3B NAD W . -24.06 -11.81 16.15
C2B NAD W . -23.70 -13.80 14.89
O2B NAD W . -22.44 -13.89 15.54
C1B NAD W . -24.78 -14.52 15.66
N9A NAD W . -24.93 -15.94 15.36
C8A NAD W . -24.77 -16.53 14.18
N7A NAD W . -25.02 -17.84 14.29
C5A NAD W . -25.37 -18.09 15.55
C6A NAD W . -25.77 -19.28 16.33
N6A NAD W . -25.85 -20.48 15.76
N1A NAD W . -26.05 -19.11 17.63
C2A NAD W . -25.97 -17.91 18.22
N3A NAD W . -25.62 -16.80 17.56
C4A NAD W . -25.30 -16.84 16.25
O3 NAD W . -26.51 -11.78 10.38
PN NAD W . -27.34 -12.63 9.33
O1N NAD W . -28.75 -12.21 9.54
O2N NAD W . -27.00 -14.06 9.41
O5D NAD W . -26.86 -12.17 7.90
C5D NAD W . -26.84 -10.83 7.49
C4D NAD W . -25.96 -10.71 6.25
O4D NAD W . -26.28 -11.67 5.27
C3D NAD W . -26.14 -9.35 5.62
O3D NAD W . -24.84 -8.81 5.47
C2D NAD W . -26.81 -9.64 4.29
O2D NAD W . -26.47 -8.73 3.24
C1D NAD W . -26.32 -11.05 4.00
N1N NAD W . -27.19 -11.74 3.08
C2N NAD W . -26.62 -12.26 1.99
C3N NAD W . -27.34 -12.94 1.04
C7N NAD W . -26.63 -13.50 -0.16
O7N NAD W . -27.27 -13.90 -1.10
N7N NAD W . -25.31 -13.57 -0.15
C4N NAD W . -28.70 -13.10 1.24
C5N NAD W . -29.28 -12.57 2.37
C6N NAD W . -28.50 -11.89 3.29
O1 PG4 X . -32.84 7.14 -6.58
C1 PG4 X . -31.95 7.52 -7.66
C2 PG4 X . -32.26 6.80 -8.95
O2 PG4 X . -31.34 7.23 -9.97
C3 PG4 X . -30.31 6.29 -10.32
C4 PG4 X . -28.94 6.91 -10.04
O3 PG4 X . -28.08 6.78 -11.19
C5 PG4 X . -26.87 7.55 -11.07
C6 PG4 X . -26.78 8.57 -12.19
O4 PG4 X . -25.41 8.97 -12.35
C7 PG4 X . -24.99 10.11 -11.56
C8 PG4 X . -23.73 10.76 -12.18
O5 PG4 X . -22.74 11.10 -11.19
N GLY Y . -29.79 -12.10 -1.81
CA GLY Y . -30.28 -11.85 -3.20
C GLY Y . -29.95 -13.00 -4.10
O GLY Y . -29.95 -12.87 -5.33
OXT GLY Y . -29.64 -14.10 -3.62
P PO4 Z . 2.16 -13.93 -14.62
O1 PO4 Z . 3.07 -13.68 -15.83
O2 PO4 Z . 2.66 -15.12 -13.84
O3 PO4 Z . 0.77 -14.18 -15.10
O4 PO4 Z . 2.30 -12.77 -13.66
P PO4 AA . -0.12 -16.62 -12.56
O1 PO4 AA . 1.03 -17.16 -13.40
O2 PO4 AA . -1.02 -17.78 -12.24
O3 PO4 AA . -0.95 -15.60 -13.32
O4 PO4 AA . 0.45 -15.94 -11.35
P PO4 BA . 9.00 -22.86 -13.38
O1 PO4 BA . 9.76 -23.39 -14.59
O2 PO4 BA . 9.59 -23.38 -12.08
O3 PO4 BA . 7.57 -23.33 -13.37
O4 PO4 BA . 9.14 -21.35 -13.36
P PO4 CA . 0.33 -18.05 -38.01
O1 PO4 CA . 1.00 -18.36 -39.33
O2 PO4 CA . 1.13 -18.58 -36.85
O3 PO4 CA . -1.03 -18.69 -37.97
O4 PO4 CA . 0.26 -16.54 -37.84
PA NAD DA . 3.72 -2.47 -16.56
O1A NAD DA . 4.22 -1.94 -15.28
O2A NAD DA . 2.26 -2.66 -16.65
O5B NAD DA . 4.17 -1.46 -17.71
C5B NAD DA . 5.53 -1.22 -18.01
C4B NAD DA . 5.91 0.24 -17.85
O4B NAD DA . 5.78 0.92 -19.09
C3B NAD DA . 5.01 1.01 -16.90
O3B NAD DA . 5.78 2.03 -16.31
C2B NAD DA . 3.99 1.66 -17.80
O2B NAD DA . 3.46 2.83 -17.21
C1B NAD DA . 4.83 1.97 -19.02
N9A NAD DA . 4.10 1.94 -20.30
C8A NAD DA . 3.11 1.11 -20.60
N7A NAD DA . 2.69 1.31 -21.85
C5A NAD DA . 3.42 2.29 -22.37
C6A NAD DA . 3.50 2.98 -23.68
N6A NAD DA . 2.66 2.65 -24.67
N1A NAD DA . 4.42 3.95 -23.82
C2A NAD DA . 5.25 4.28 -22.83
N3A NAD DA . 5.24 3.69 -21.62
C4A NAD DA . 4.36 2.71 -21.34
O3 NAD DA . 4.48 -3.83 -16.91
PN NAD DA . 4.12 -4.96 -17.99
O1N NAD DA . 3.35 -4.41 -19.11
O2N NAD DA . 5.36 -5.71 -18.27
O5D NAD DA . 3.18 -5.94 -17.17
C5D NAD DA . 3.71 -6.86 -16.24
C4D NAD DA . 2.60 -7.26 -15.30
O4D NAD DA . 1.68 -8.06 -16.01
C3D NAD DA . 3.12 -8.09 -14.15
O3D NAD DA . 2.51 -7.59 -12.97
C2D NAD DA . 2.66 -9.49 -14.46
O2D NAD DA . 2.34 -10.23 -13.28
C1D NAD DA . 1.43 -9.26 -15.29
N1N NAD DA . 1.16 -10.33 -16.23
C2N NAD DA . -0.05 -10.85 -16.23
C3N NAD DA . -0.38 -11.85 -17.10
C7N NAD DA . -1.76 -12.43 -17.04
O7N NAD DA . -1.98 -13.49 -17.52
N7N NAD DA . -2.75 -11.75 -16.49
C4N NAD DA . 0.55 -12.31 -18.01
C5N NAD DA . 1.81 -11.73 -18.01
C6N NAD DA . 2.08 -10.72 -17.10
C1 PEG EA . 10.66 -10.36 1.70
O1 PEG EA . 9.22 -10.25 1.65
C2 PEG EA . 11.32 -9.65 0.52
O2 PEG EA . 11.56 -8.27 0.84
C3 PEG EA . 11.31 -7.35 -0.23
C4 PEG EA . 11.78 -5.96 0.15
O4 PEG EA . 11.01 -4.96 -0.53
C1 PEG FA . -24.85 7.04 -0.81
O1 PEG FA . -24.73 7.90 0.34
C2 PEG FA . -23.60 7.15 -1.69
O2 PEG FA . -23.79 7.80 -2.94
C3 PEG FA . -22.60 7.73 -3.77
C4 PEG FA . -22.49 8.90 -4.74
O4 PEG FA . -21.51 9.88 -4.36
C1 PEG GA . 8.29 -25.57 -0.32
O1 PEG GA . 9.31 -25.26 -1.27
C2 PEG GA . 7.14 -26.18 -1.11
O2 PEG GA . 5.98 -26.30 -0.29
C3 PEG GA . 4.80 -25.72 -0.84
C4 PEG GA . 3.78 -25.48 0.28
O4 PEG GA . 4.43 -25.25 1.53
N GLY HA . 13.22 4.47 -28.64
CA GLY HA . 11.75 4.59 -28.62
C GLY HA . 11.22 5.25 -27.36
O GLY HA . 10.02 5.25 -27.09
OXT GLY HA . 11.96 5.82 -26.58
N GLY IA . 9.05 -38.08 -14.32
CA GLY IA . 7.81 -37.40 -14.79
C GLY IA . 7.92 -36.99 -16.24
O GLY IA . 6.93 -36.71 -16.90
OXT GLY IA . 9.04 -36.95 -16.77
#